data_2D68
# 
_entry.id   2D68 
# 
_audit_conform.dict_name       mmcif_pdbx.dic 
_audit_conform.dict_version    5.388 
_audit_conform.dict_location   http://mmcif.pdb.org/dictionaries/ascii/mmcif_pdbx.dic 
# 
loop_
_database_2.database_id 
_database_2.database_code 
_database_2.pdbx_database_accession 
_database_2.pdbx_DOI 
PDB   2D68         pdb_00002d68 10.2210/pdb2d68/pdb 
RCSB  RCSB025037   ?            ?                   
WWPDB D_1000025037 ?            ?                   
# 
loop_
_pdbx_audit_revision_history.ordinal 
_pdbx_audit_revision_history.data_content_type 
_pdbx_audit_revision_history.major_revision 
_pdbx_audit_revision_history.minor_revision 
_pdbx_audit_revision_history.revision_date 
1 'Structure model' 1 0 2006-05-16 
2 'Structure model' 1 1 2008-04-30 
3 'Structure model' 1 2 2011-07-13 
4 'Structure model' 1 3 2024-03-13 
# 
_pdbx_audit_revision_details.ordinal             1 
_pdbx_audit_revision_details.revision_ordinal    1 
_pdbx_audit_revision_details.data_content_type   'Structure model' 
_pdbx_audit_revision_details.provider            repository 
_pdbx_audit_revision_details.type                'Initial release' 
_pdbx_audit_revision_details.description         ? 
_pdbx_audit_revision_details.details             ? 
# 
loop_
_pdbx_audit_revision_group.ordinal 
_pdbx_audit_revision_group.revision_ordinal 
_pdbx_audit_revision_group.data_content_type 
_pdbx_audit_revision_group.group 
1 2 'Structure model' 'Version format compliance' 
2 3 'Structure model' 'Version format compliance' 
3 4 'Structure model' 'Data collection'           
4 4 'Structure model' 'Database references'       
# 
loop_
_pdbx_audit_revision_category.ordinal 
_pdbx_audit_revision_category.revision_ordinal 
_pdbx_audit_revision_category.data_content_type 
_pdbx_audit_revision_category.category 
1 4 'Structure model' chem_comp_atom     
2 4 'Structure model' chem_comp_bond     
3 4 'Structure model' database_2         
4 4 'Structure model' struct_ref_seq_dif 
# 
loop_
_pdbx_audit_revision_item.ordinal 
_pdbx_audit_revision_item.revision_ordinal 
_pdbx_audit_revision_item.data_content_type 
_pdbx_audit_revision_item.item 
1 4 'Structure model' '_database_2.pdbx_DOI'                
2 4 'Structure model' '_database_2.pdbx_database_accession' 
3 4 'Structure model' '_struct_ref_seq_dif.details'         
# 
_pdbx_database_status.status_code                     REL 
_pdbx_database_status.entry_id                        2D68 
_pdbx_database_status.recvd_initial_deposition_date   2005-11-10 
_pdbx_database_status.deposit_site                    PDBJ 
_pdbx_database_status.process_site                    PDBJ 
_pdbx_database_status.status_code_sf                  REL 
_pdbx_database_status.status_code_mr                  ? 
_pdbx_database_status.SG_entry                        ? 
_pdbx_database_status.pdb_format_compatible           Y 
_pdbx_database_status.status_code_cs                  ? 
_pdbx_database_status.status_code_nmr_data            ? 
_pdbx_database_status.methods_development_category    ? 
# 
_audit_author.name           'Mikolajka, A.' 
_audit_author.pdbx_ordinal   1 
# 
_citation.id                        primary 
_citation.title                     
'Structure of the N-terminal Domain of the FOP (FGFR1OP) Protein and Implications for its Dimerization and Centrosomal Localization.' 
_citation.journal_abbrev            J.Mol.Biol. 
_citation.journal_volume            359 
_citation.page_first                863 
_citation.page_last                 875 
_citation.year                      2006 
_citation.journal_id_ASTM           JMOBAK 
_citation.country                   UK 
_citation.journal_id_ISSN           0022-2836 
_citation.journal_id_CSD            0070 
_citation.book_publisher            ? 
_citation.pdbx_database_id_PubMed   16690081 
_citation.pdbx_database_id_DOI      10.1016/j.jmb.2006.03.070 
# 
loop_
_citation_author.citation_id 
_citation_author.name 
_citation_author.ordinal 
_citation_author.identifier_ORCID 
primary 'Mikolajka, A.'  1 ? 
primary 'Yan, X.'        2 ? 
primary 'Popowicz, G.M.' 3 ? 
primary 'Smialowski, P.' 4 ? 
primary 'Nigg, E.A.'     5 ? 
primary 'Holak, T.A.'    6 ? 
# 
loop_
_entity.id 
_entity.type 
_entity.src_method 
_entity.pdbx_description 
_entity.formula_weight 
_entity.pdbx_number_of_molecules 
_entity.pdbx_ec 
_entity.pdbx_mutation 
_entity.pdbx_fragment 
_entity.details 
1 polymer man FOP   9154.504 2   ? ? 'residues 54-135' ? 
2 water   nat water 18.015   200 ? ? ?                 ? 
# 
_entity_name_com.entity_id   1 
_entity_name_com.name        FGFR1OP 
# 
_entity_poly.entity_id                      1 
_entity_poly.type                           'polypeptide(L)' 
_entity_poly.nstd_linkage                   no 
_entity_poly.nstd_monomer                   no 
_entity_poly.pdbx_seq_one_letter_code       
;KTPLVNESLKKFLNTKDGRLVASLVAEFLQFFNLDFTLAVFQPETSTLQGLEGRENLARDLGIIEAEGTVGGPLLLEVIR
RW
;
_entity_poly.pdbx_seq_one_letter_code_can   
;KTPLVNESLKKFLNTKDGRLVASLVAEFLQFFNLDFTLAVFQPETSTLQGLEGRENLARDLGIIEAEGTVGGPLLLEVIR
RW
;
_entity_poly.pdbx_strand_id                 A,B 
_entity_poly.pdbx_target_identifier         ? 
# 
_pdbx_entity_nonpoly.entity_id   2 
_pdbx_entity_nonpoly.name        water 
_pdbx_entity_nonpoly.comp_id     HOH 
# 
loop_
_entity_poly_seq.entity_id 
_entity_poly_seq.num 
_entity_poly_seq.mon_id 
_entity_poly_seq.hetero 
1 1  LYS n 
1 2  THR n 
1 3  PRO n 
1 4  LEU n 
1 5  VAL n 
1 6  ASN n 
1 7  GLU n 
1 8  SER n 
1 9  LEU n 
1 10 LYS n 
1 11 LYS n 
1 12 PHE n 
1 13 LEU n 
1 14 ASN n 
1 15 THR n 
1 16 LYS n 
1 17 ASP n 
1 18 GLY n 
1 19 ARG n 
1 20 LEU n 
1 21 VAL n 
1 22 ALA n 
1 23 SER n 
1 24 LEU n 
1 25 VAL n 
1 26 ALA n 
1 27 GLU n 
1 28 PHE n 
1 29 LEU n 
1 30 GLN n 
1 31 PHE n 
1 32 PHE n 
1 33 ASN n 
1 34 LEU n 
1 35 ASP n 
1 36 PHE n 
1 37 THR n 
1 38 LEU n 
1 39 ALA n 
1 40 VAL n 
1 41 PHE n 
1 42 GLN n 
1 43 PRO n 
1 44 GLU n 
1 45 THR n 
1 46 SER n 
1 47 THR n 
1 48 LEU n 
1 49 GLN n 
1 50 GLY n 
1 51 LEU n 
1 52 GLU n 
1 53 GLY n 
1 54 ARG n 
1 55 GLU n 
1 56 ASN n 
1 57 LEU n 
1 58 ALA n 
1 59 ARG n 
1 60 ASP n 
1 61 LEU n 
1 62 GLY n 
1 63 ILE n 
1 64 ILE n 
1 65 GLU n 
1 66 ALA n 
1 67 GLU n 
1 68 GLY n 
1 69 THR n 
1 70 VAL n 
1 71 GLY n 
1 72 GLY n 
1 73 PRO n 
1 74 LEU n 
1 75 LEU n 
1 76 LEU n 
1 77 GLU n 
1 78 VAL n 
1 79 ILE n 
1 80 ARG n 
1 81 ARG n 
1 82 TRP n 
# 
_entity_src_gen.entity_id                          1 
_entity_src_gen.pdbx_src_id                        1 
_entity_src_gen.pdbx_alt_source_flag               sample 
_entity_src_gen.pdbx_seq_type                      ? 
_entity_src_gen.pdbx_beg_seq_num                   ? 
_entity_src_gen.pdbx_end_seq_num                   ? 
_entity_src_gen.gene_src_common_name               human 
_entity_src_gen.gene_src_genus                     Homo 
_entity_src_gen.pdbx_gene_src_gene                 ? 
_entity_src_gen.gene_src_species                   ? 
_entity_src_gen.gene_src_strain                    ? 
_entity_src_gen.gene_src_tissue                    ? 
_entity_src_gen.gene_src_tissue_fraction           ? 
_entity_src_gen.gene_src_details                   ? 
_entity_src_gen.pdbx_gene_src_fragment             ? 
_entity_src_gen.pdbx_gene_src_scientific_name      'Homo sapiens' 
_entity_src_gen.pdbx_gene_src_ncbi_taxonomy_id     9606 
_entity_src_gen.pdbx_gene_src_variant              ? 
_entity_src_gen.pdbx_gene_src_cell_line            ? 
_entity_src_gen.pdbx_gene_src_atcc                 ? 
_entity_src_gen.pdbx_gene_src_organ                ? 
_entity_src_gen.pdbx_gene_src_organelle            ? 
_entity_src_gen.pdbx_gene_src_cell                 ? 
_entity_src_gen.pdbx_gene_src_cellular_location    ? 
_entity_src_gen.host_org_common_name               ? 
_entity_src_gen.pdbx_host_org_scientific_name      'Escherichia coli' 
_entity_src_gen.pdbx_host_org_ncbi_taxonomy_id     562 
_entity_src_gen.host_org_genus                     Escherichia 
_entity_src_gen.pdbx_host_org_gene                 ? 
_entity_src_gen.pdbx_host_org_organ                ? 
_entity_src_gen.host_org_species                   ? 
_entity_src_gen.pdbx_host_org_tissue               ? 
_entity_src_gen.pdbx_host_org_tissue_fraction      ? 
_entity_src_gen.pdbx_host_org_strain               'BL21 DE3, B834 DE3' 
_entity_src_gen.pdbx_host_org_variant              ? 
_entity_src_gen.pdbx_host_org_cell_line            ? 
_entity_src_gen.pdbx_host_org_atcc                 ? 
_entity_src_gen.pdbx_host_org_culture_collection   ? 
_entity_src_gen.pdbx_host_org_cell                 ? 
_entity_src_gen.pdbx_host_org_organelle            ? 
_entity_src_gen.pdbx_host_org_cellular_location    ? 
_entity_src_gen.pdbx_host_org_vector_type          plasmid 
_entity_src_gen.pdbx_host_org_vector               ? 
_entity_src_gen.host_org_details                   ? 
_entity_src_gen.expression_system_id               ? 
_entity_src_gen.plasmid_name                       'pET46 Ek\Lic' 
_entity_src_gen.plasmid_details                    ? 
_entity_src_gen.pdbx_description                   ? 
# 
loop_
_chem_comp.id 
_chem_comp.type 
_chem_comp.mon_nstd_flag 
_chem_comp.name 
_chem_comp.pdbx_synonyms 
_chem_comp.formula 
_chem_comp.formula_weight 
ALA 'L-peptide linking' y ALANINE         ? 'C3 H7 N O2'     89.093  
ARG 'L-peptide linking' y ARGININE        ? 'C6 H15 N4 O2 1' 175.209 
ASN 'L-peptide linking' y ASPARAGINE      ? 'C4 H8 N2 O3'    132.118 
ASP 'L-peptide linking' y 'ASPARTIC ACID' ? 'C4 H7 N O4'     133.103 
CYS 'L-peptide linking' y CYSTEINE        ? 'C3 H7 N O2 S'   121.158 
GLN 'L-peptide linking' y GLUTAMINE       ? 'C5 H10 N2 O3'   146.144 
GLU 'L-peptide linking' y 'GLUTAMIC ACID' ? 'C5 H9 N O4'     147.129 
GLY 'peptide linking'   y GLYCINE         ? 'C2 H5 N O2'     75.067  
HOH non-polymer         . WATER           ? 'H2 O'           18.015  
ILE 'L-peptide linking' y ISOLEUCINE      ? 'C6 H13 N O2'    131.173 
LEU 'L-peptide linking' y LEUCINE         ? 'C6 H13 N O2'    131.173 
LYS 'L-peptide linking' y LYSINE          ? 'C6 H15 N2 O2 1' 147.195 
PHE 'L-peptide linking' y PHENYLALANINE   ? 'C9 H11 N O2'    165.189 
PRO 'L-peptide linking' y PROLINE         ? 'C5 H9 N O2'     115.130 
SER 'L-peptide linking' y SERINE          ? 'C3 H7 N O3'     105.093 
THR 'L-peptide linking' y THREONINE       ? 'C4 H9 N O3'     119.119 
TRP 'L-peptide linking' y TRYPTOPHAN      ? 'C11 H12 N2 O2'  204.225 
VAL 'L-peptide linking' y VALINE          ? 'C5 H11 N O2'    117.146 
# 
loop_
_pdbx_poly_seq_scheme.asym_id 
_pdbx_poly_seq_scheme.entity_id 
_pdbx_poly_seq_scheme.seq_id 
_pdbx_poly_seq_scheme.mon_id 
_pdbx_poly_seq_scheme.ndb_seq_num 
_pdbx_poly_seq_scheme.pdb_seq_num 
_pdbx_poly_seq_scheme.auth_seq_num 
_pdbx_poly_seq_scheme.pdb_mon_id 
_pdbx_poly_seq_scheme.auth_mon_id 
_pdbx_poly_seq_scheme.pdb_strand_id 
_pdbx_poly_seq_scheme.pdb_ins_code 
_pdbx_poly_seq_scheme.hetero 
A 1 1  LYS 1  54  ?   ?   ?   A . n 
A 1 2  THR 2  55  ?   ?   ?   A . n 
A 1 3  PRO 3  56  ?   ?   ?   A . n 
A 1 4  LEU 4  57  ?   ?   ?   A . n 
A 1 5  VAL 5  58  58  VAL VAL A . n 
A 1 6  ASN 6  59  59  ASN ASN A . n 
A 1 7  GLU 7  60  60  GLU GLU A . n 
A 1 8  SER 8  61  61  SER SER A . n 
A 1 9  LEU 9  62  62  LEU LEU A . n 
A 1 10 LYS 10 63  63  LYS LYS A . n 
A 1 11 LYS 11 64  64  LYS LYS A . n 
A 1 12 PHE 12 65  65  PHE PHE A . n 
A 1 13 LEU 13 66  66  LEU LEU A . n 
A 1 14 ASN 14 67  67  ASN ASN A . n 
A 1 15 THR 15 68  68  THR THR A . n 
A 1 16 LYS 16 69  69  LYS LYS A . n 
A 1 17 ASP 17 70  70  ASP ASP A . n 
A 1 18 GLY 18 71  71  GLY GLY A . n 
A 1 19 ARG 19 72  72  ARG ARG A . n 
A 1 20 LEU 20 73  73  LEU LEU A . n 
A 1 21 VAL 21 74  74  VAL VAL A . n 
A 1 22 ALA 22 75  75  ALA ALA A . n 
A 1 23 SER 23 76  76  SER SER A . n 
A 1 24 LEU 24 77  77  LEU LEU A . n 
A 1 25 VAL 25 78  78  VAL VAL A . n 
A 1 26 ALA 26 79  79  ALA ALA A . n 
A 1 27 GLU 27 80  80  GLU GLU A . n 
A 1 28 PHE 28 81  81  PHE PHE A . n 
A 1 29 LEU 29 82  82  LEU LEU A . n 
A 1 30 GLN 30 83  83  GLN GLN A . n 
A 1 31 PHE 31 84  84  PHE PHE A . n 
A 1 32 PHE 32 85  85  PHE PHE A . n 
A 1 33 ASN 33 86  86  ASN ASN A . n 
A 1 34 LEU 34 87  87  LEU LEU A . n 
A 1 35 ASP 35 88  88  ASP ASP A . n 
A 1 36 PHE 36 89  89  PHE PHE A . n 
A 1 37 THR 37 90  90  THR THR A . n 
A 1 38 LEU 38 91  91  LEU LEU A . n 
A 1 39 ALA 39 92  92  ALA ALA A . n 
A 1 40 VAL 40 93  93  VAL VAL A . n 
A 1 41 PHE 41 94  94  PHE PHE A . n 
A 1 42 GLN 42 95  95  GLN GLN A . n 
A 1 43 PRO 43 96  96  PRO PRO A . n 
A 1 44 GLU 44 97  97  GLU GLU A . n 
A 1 45 THR 45 98  98  THR THR A . n 
A 1 46 SER 46 99  99  SER SER A . n 
A 1 47 THR 47 100 100 THR THR A . n 
A 1 48 LEU 48 101 ?   ?   ?   A . n 
A 1 49 GLN 49 102 ?   ?   ?   A . n 
A 1 50 GLY 50 103 ?   ?   ?   A . n 
A 1 51 LEU 51 104 104 LEU LEU A . n 
A 1 52 GLU 52 105 105 GLU GLU A . n 
A 1 53 GLY 53 106 106 GLY GLY A . n 
A 1 54 ARG 54 107 107 ARG ARG A . n 
A 1 55 GLU 55 108 108 GLU GLU A . n 
A 1 56 ASN 56 109 109 ASN ASN A . n 
A 1 57 LEU 57 110 110 LEU LEU A . n 
A 1 58 ALA 58 111 111 ALA ALA A . n 
A 1 59 ARG 59 112 112 ARG ARG A . n 
A 1 60 ASP 60 113 113 ASP ASP A . n 
A 1 61 LEU 61 114 114 LEU LEU A . n 
A 1 62 GLY 62 115 115 GLY GLY A . n 
A 1 63 ILE 63 116 116 ILE ILE A . n 
A 1 64 ILE 64 117 117 ILE ILE A . n 
A 1 65 GLU 65 118 118 GLU GLU A . n 
A 1 66 ALA 66 119 119 ALA ALA A . n 
A 1 67 GLU 67 120 120 GLU GLU A . n 
A 1 68 GLY 68 121 121 GLY GLY A . n 
A 1 69 THR 69 122 122 THR THR A . n 
A 1 70 VAL 70 123 123 VAL VAL A . n 
A 1 71 GLY 71 124 124 GLY GLY A . n 
A 1 72 GLY 72 125 125 GLY GLY A . n 
A 1 73 PRO 73 126 126 PRO PRO A . n 
A 1 74 LEU 74 127 127 LEU LEU A . n 
A 1 75 LEU 75 128 128 LEU LEU A . n 
A 1 76 LEU 76 129 129 LEU LEU A . n 
A 1 77 GLU 77 130 130 GLU GLU A . n 
A 1 78 VAL 78 131 131 VAL VAL A . n 
A 1 79 ILE 79 132 132 ILE ILE A . n 
A 1 80 ARG 80 133 133 ARG ARG A . n 
A 1 81 ARG 81 134 134 ARG ARG A . n 
A 1 82 TRP 82 135 135 TRP TRP A . n 
B 1 1  LYS 1  54  ?   ?   ?   B . n 
B 1 2  THR 2  55  ?   ?   ?   B . n 
B 1 3  PRO 3  56  ?   ?   ?   B . n 
B 1 4  LEU 4  57  ?   ?   ?   B . n 
B 1 5  VAL 5  58  ?   ?   ?   B . n 
B 1 6  ASN 6  59  59  ASN ASN B . n 
B 1 7  GLU 7  60  60  GLU GLU B . n 
B 1 8  SER 8  61  61  SER SER B . n 
B 1 9  LEU 9  62  62  LEU LEU B . n 
B 1 10 LYS 10 63  63  LYS LYS B . n 
B 1 11 LYS 11 64  64  LYS LYS B . n 
B 1 12 PHE 12 65  65  PHE PHE B . n 
B 1 13 LEU 13 66  66  LEU LEU B . n 
B 1 14 ASN 14 67  67  ASN ASN B . n 
B 1 15 THR 15 68  68  THR THR B . n 
B 1 16 LYS 16 69  69  LYS LYS B . n 
B 1 17 ASP 17 70  70  ASP ASP B . n 
B 1 18 GLY 18 71  71  GLY GLY B . n 
B 1 19 ARG 19 72  72  ARG ARG B . n 
B 1 20 LEU 20 73  73  LEU LEU B . n 
B 1 21 VAL 21 74  74  VAL VAL B . n 
B 1 22 ALA 22 75  75  ALA ALA B . n 
B 1 23 SER 23 76  76  SER SER B . n 
B 1 24 LEU 24 77  77  LEU LEU B . n 
B 1 25 VAL 25 78  78  VAL VAL B . n 
B 1 26 ALA 26 79  79  ALA ALA B . n 
B 1 27 GLU 27 80  80  GLU GLU B . n 
B 1 28 PHE 28 81  81  PHE PHE B . n 
B 1 29 LEU 29 82  82  LEU LEU B . n 
B 1 30 GLN 30 83  83  GLN GLN B . n 
B 1 31 PHE 31 84  84  PHE PHE B . n 
B 1 32 PHE 32 85  85  PHE PHE B . n 
B 1 33 ASN 33 86  86  ASN ASN B . n 
B 1 34 LEU 34 87  87  LEU LEU B . n 
B 1 35 ASP 35 88  88  ASP ASP B . n 
B 1 36 PHE 36 89  89  PHE PHE B . n 
B 1 37 THR 37 90  90  THR THR B . n 
B 1 38 LEU 38 91  91  LEU LEU B . n 
B 1 39 ALA 39 92  92  ALA ALA B . n 
B 1 40 VAL 40 93  93  VAL VAL B . n 
B 1 41 PHE 41 94  94  PHE PHE B . n 
B 1 42 GLN 42 95  95  GLN GLN B . n 
B 1 43 PRO 43 96  96  PRO PRO B . n 
B 1 44 GLU 44 97  97  GLU GLU B . n 
B 1 45 THR 45 98  98  THR THR B . n 
B 1 46 SER 46 99  99  SER SER B . n 
B 1 47 THR 47 100 100 THR THR B . n 
B 1 48 LEU 48 101 101 LEU LEU B . n 
B 1 49 GLN 49 102 102 GLN GLN B . n 
B 1 50 GLY 50 103 103 GLY GLY B . n 
B 1 51 LEU 51 104 104 LEU LEU B . n 
B 1 52 GLU 52 105 105 GLU GLU B . n 
B 1 53 GLY 53 106 106 GLY GLY B . n 
B 1 54 ARG 54 107 107 ARG ARG B . n 
B 1 55 GLU 55 108 108 GLU GLU B . n 
B 1 56 ASN 56 109 109 ASN ASN B . n 
B 1 57 LEU 57 110 110 LEU LEU B . n 
B 1 58 ALA 58 111 111 ALA ALA B . n 
B 1 59 ARG 59 112 112 ARG ARG B . n 
B 1 60 ASP 60 113 113 ASP ASP B . n 
B 1 61 LEU 61 114 114 LEU LEU B . n 
B 1 62 GLY 62 115 115 GLY GLY B . n 
B 1 63 ILE 63 116 116 ILE ILE B . n 
B 1 64 ILE 64 117 117 ILE ILE B . n 
B 1 65 GLU 65 118 118 GLU GLU B . n 
B 1 66 ALA 66 119 119 ALA ALA B . n 
B 1 67 GLU 67 120 120 GLU GLU B . n 
B 1 68 GLY 68 121 121 GLY GLY B . n 
B 1 69 THR 69 122 122 THR THR B . n 
B 1 70 VAL 70 123 123 VAL VAL B . n 
B 1 71 GLY 71 124 124 GLY GLY B . n 
B 1 72 GLY 72 125 125 GLY GLY B . n 
B 1 73 PRO 73 126 126 PRO PRO B . n 
B 1 74 LEU 74 127 127 LEU LEU B . n 
B 1 75 LEU 75 128 128 LEU LEU B . n 
B 1 76 LEU 76 129 129 LEU LEU B . n 
B 1 77 GLU 77 130 130 GLU GLU B . n 
B 1 78 VAL 78 131 131 VAL VAL B . n 
B 1 79 ILE 79 132 132 ILE ILE B . n 
B 1 80 ARG 80 133 133 ARG ARG B . n 
B 1 81 ARG 81 134 134 ARG ARG B . n 
B 1 82 TRP 82 135 135 TRP TRP B . n 
# 
loop_
_pdbx_nonpoly_scheme.asym_id 
_pdbx_nonpoly_scheme.entity_id 
_pdbx_nonpoly_scheme.mon_id 
_pdbx_nonpoly_scheme.ndb_seq_num 
_pdbx_nonpoly_scheme.pdb_seq_num 
_pdbx_nonpoly_scheme.auth_seq_num 
_pdbx_nonpoly_scheme.pdb_mon_id 
_pdbx_nonpoly_scheme.auth_mon_id 
_pdbx_nonpoly_scheme.pdb_strand_id 
_pdbx_nonpoly_scheme.pdb_ins_code 
C 2 HOH 1   136 1   HOH HOH A . 
C 2 HOH 2   137 4   HOH HOH A . 
C 2 HOH 3   138 5   HOH HOH A . 
C 2 HOH 4   139 10  HOH HOH A . 
C 2 HOH 5   140 12  HOH HOH A . 
C 2 HOH 6   141 17  HOH HOH A . 
C 2 HOH 7   142 18  HOH HOH A . 
C 2 HOH 8   143 20  HOH HOH A . 
C 2 HOH 9   144 24  HOH HOH A . 
C 2 HOH 10  145 25  HOH HOH A . 
C 2 HOH 11  146 34  HOH HOH A . 
C 2 HOH 12  147 38  HOH HOH A . 
C 2 HOH 13  148 39  HOH HOH A . 
C 2 HOH 14  149 40  HOH HOH A . 
C 2 HOH 15  150 41  HOH HOH A . 
C 2 HOH 16  151 42  HOH HOH A . 
C 2 HOH 17  152 43  HOH HOH A . 
C 2 HOH 18  153 45  HOH HOH A . 
C 2 HOH 19  154 46  HOH HOH A . 
C 2 HOH 20  155 48  HOH HOH A . 
C 2 HOH 21  156 49  HOH HOH A . 
C 2 HOH 22  157 50  HOH HOH A . 
C 2 HOH 23  158 51  HOH HOH A . 
C 2 HOH 24  159 55  HOH HOH A . 
C 2 HOH 25  160 57  HOH HOH A . 
C 2 HOH 26  161 60  HOH HOH A . 
C 2 HOH 27  162 63  HOH HOH A . 
C 2 HOH 28  163 64  HOH HOH A . 
C 2 HOH 29  164 65  HOH HOH A . 
C 2 HOH 30  165 66  HOH HOH A . 
C 2 HOH 31  166 67  HOH HOH A . 
C 2 HOH 32  167 69  HOH HOH A . 
C 2 HOH 33  168 71  HOH HOH A . 
C 2 HOH 34  169 73  HOH HOH A . 
C 2 HOH 35  170 75  HOH HOH A . 
C 2 HOH 36  171 81  HOH HOH A . 
C 2 HOH 37  172 83  HOH HOH A . 
C 2 HOH 38  173 86  HOH HOH A . 
C 2 HOH 39  174 87  HOH HOH A . 
C 2 HOH 40  175 89  HOH HOH A . 
C 2 HOH 41  176 90  HOH HOH A . 
C 2 HOH 42  177 91  HOH HOH A . 
C 2 HOH 43  178 94  HOH HOH A . 
C 2 HOH 44  179 97  HOH HOH A . 
C 2 HOH 45  180 100 HOH HOH A . 
C 2 HOH 46  181 101 HOH HOH A . 
C 2 HOH 47  182 105 HOH HOH A . 
C 2 HOH 48  183 106 HOH HOH A . 
C 2 HOH 49  184 110 HOH HOH A . 
C 2 HOH 50  185 111 HOH HOH A . 
C 2 HOH 51  186 113 HOH HOH A . 
C 2 HOH 52  187 114 HOH HOH A . 
C 2 HOH 53  188 115 HOH HOH A . 
C 2 HOH 54  189 116 HOH HOH A . 
C 2 HOH 55  190 119 HOH HOH A . 
C 2 HOH 56  191 121 HOH HOH A . 
C 2 HOH 57  192 127 HOH HOH A . 
C 2 HOH 58  193 131 HOH HOH A . 
C 2 HOH 59  194 133 HOH HOH A . 
C 2 HOH 60  195 134 HOH HOH A . 
C 2 HOH 61  196 135 HOH HOH A . 
C 2 HOH 62  197 136 HOH HOH A . 
C 2 HOH 63  198 139 HOH HOH A . 
C 2 HOH 64  199 141 HOH HOH A . 
C 2 HOH 65  200 142 HOH HOH A . 
C 2 HOH 66  201 143 HOH HOH A . 
C 2 HOH 67  202 144 HOH HOH A . 
C 2 HOH 68  203 145 HOH HOH A . 
C 2 HOH 69  204 146 HOH HOH A . 
C 2 HOH 70  205 148 HOH HOH A . 
C 2 HOH 71  206 151 HOH HOH A . 
C 2 HOH 72  207 154 HOH HOH A . 
C 2 HOH 73  208 155 HOH HOH A . 
C 2 HOH 74  209 156 HOH HOH A . 
C 2 HOH 75  210 157 HOH HOH A . 
C 2 HOH 76  211 158 HOH HOH A . 
C 2 HOH 77  212 162 HOH HOH A . 
C 2 HOH 78  213 163 HOH HOH A . 
C 2 HOH 79  214 165 HOH HOH A . 
C 2 HOH 80  215 167 HOH HOH A . 
C 2 HOH 81  216 168 HOH HOH A . 
C 2 HOH 82  217 170 HOH HOH A . 
C 2 HOH 83  218 175 HOH HOH A . 
C 2 HOH 84  219 177 HOH HOH A . 
C 2 HOH 85  220 178 HOH HOH A . 
C 2 HOH 86  221 179 HOH HOH A . 
C 2 HOH 87  222 180 HOH HOH A . 
C 2 HOH 88  223 181 HOH HOH A . 
C 2 HOH 89  224 182 HOH HOH A . 
C 2 HOH 90  225 185 HOH HOH A . 
C 2 HOH 91  226 186 HOH HOH A . 
C 2 HOH 92  227 187 HOH HOH A . 
C 2 HOH 93  228 189 HOH HOH A . 
C 2 HOH 94  229 190 HOH HOH A . 
C 2 HOH 95  230 191 HOH HOH A . 
C 2 HOH 96  231 192 HOH HOH A . 
C 2 HOH 97  232 193 HOH HOH A . 
C 2 HOH 98  233 196 HOH HOH A . 
C 2 HOH 99  234 198 HOH HOH A . 
C 2 HOH 100 235 199 HOH HOH A . 
D 2 HOH 1   136 2   HOH HOH B . 
D 2 HOH 2   137 3   HOH HOH B . 
D 2 HOH 3   138 6   HOH HOH B . 
D 2 HOH 4   139 7   HOH HOH B . 
D 2 HOH 5   140 8   HOH HOH B . 
D 2 HOH 6   141 9   HOH HOH B . 
D 2 HOH 7   142 11  HOH HOH B . 
D 2 HOH 8   143 13  HOH HOH B . 
D 2 HOH 9   144 14  HOH HOH B . 
D 2 HOH 10  145 15  HOH HOH B . 
D 2 HOH 11  146 16  HOH HOH B . 
D 2 HOH 12  147 19  HOH HOH B . 
D 2 HOH 13  148 21  HOH HOH B . 
D 2 HOH 14  149 22  HOH HOH B . 
D 2 HOH 15  150 23  HOH HOH B . 
D 2 HOH 16  151 26  HOH HOH B . 
D 2 HOH 17  152 27  HOH HOH B . 
D 2 HOH 18  153 28  HOH HOH B . 
D 2 HOH 19  154 29  HOH HOH B . 
D 2 HOH 20  155 30  HOH HOH B . 
D 2 HOH 21  156 31  HOH HOH B . 
D 2 HOH 22  157 32  HOH HOH B . 
D 2 HOH 23  158 33  HOH HOH B . 
D 2 HOH 24  159 35  HOH HOH B . 
D 2 HOH 25  160 36  HOH HOH B . 
D 2 HOH 26  161 37  HOH HOH B . 
D 2 HOH 27  162 44  HOH HOH B . 
D 2 HOH 28  163 47  HOH HOH B . 
D 2 HOH 29  164 52  HOH HOH B . 
D 2 HOH 30  165 53  HOH HOH B . 
D 2 HOH 31  166 54  HOH HOH B . 
D 2 HOH 32  167 56  HOH HOH B . 
D 2 HOH 33  168 58  HOH HOH B . 
D 2 HOH 34  169 59  HOH HOH B . 
D 2 HOH 35  170 61  HOH HOH B . 
D 2 HOH 36  171 62  HOH HOH B . 
D 2 HOH 37  172 68  HOH HOH B . 
D 2 HOH 38  173 70  HOH HOH B . 
D 2 HOH 39  174 72  HOH HOH B . 
D 2 HOH 40  175 74  HOH HOH B . 
D 2 HOH 41  176 76  HOH HOH B . 
D 2 HOH 42  177 77  HOH HOH B . 
D 2 HOH 43  178 78  HOH HOH B . 
D 2 HOH 44  179 79  HOH HOH B . 
D 2 HOH 45  180 80  HOH HOH B . 
D 2 HOH 46  181 82  HOH HOH B . 
D 2 HOH 47  182 84  HOH HOH B . 
D 2 HOH 48  183 85  HOH HOH B . 
D 2 HOH 49  184 88  HOH HOH B . 
D 2 HOH 50  185 92  HOH HOH B . 
D 2 HOH 51  186 93  HOH HOH B . 
D 2 HOH 52  187 95  HOH HOH B . 
D 2 HOH 53  188 96  HOH HOH B . 
D 2 HOH 54  189 98  HOH HOH B . 
D 2 HOH 55  190 99  HOH HOH B . 
D 2 HOH 56  191 102 HOH HOH B . 
D 2 HOH 57  192 103 HOH HOH B . 
D 2 HOH 58  193 104 HOH HOH B . 
D 2 HOH 59  194 107 HOH HOH B . 
D 2 HOH 60  195 108 HOH HOH B . 
D 2 HOH 61  196 109 HOH HOH B . 
D 2 HOH 62  197 112 HOH HOH B . 
D 2 HOH 63  198 117 HOH HOH B . 
D 2 HOH 64  199 118 HOH HOH B . 
D 2 HOH 65  200 120 HOH HOH B . 
D 2 HOH 66  201 122 HOH HOH B . 
D 2 HOH 67  202 123 HOH HOH B . 
D 2 HOH 68  203 124 HOH HOH B . 
D 2 HOH 69  204 125 HOH HOH B . 
D 2 HOH 70  205 126 HOH HOH B . 
D 2 HOH 71  206 128 HOH HOH B . 
D 2 HOH 72  207 129 HOH HOH B . 
D 2 HOH 73  208 130 HOH HOH B . 
D 2 HOH 74  209 132 HOH HOH B . 
D 2 HOH 75  210 137 HOH HOH B . 
D 2 HOH 76  211 138 HOH HOH B . 
D 2 HOH 77  212 140 HOH HOH B . 
D 2 HOH 78  213 147 HOH HOH B . 
D 2 HOH 79  214 149 HOH HOH B . 
D 2 HOH 80  215 150 HOH HOH B . 
D 2 HOH 81  216 152 HOH HOH B . 
D 2 HOH 82  217 153 HOH HOH B . 
D 2 HOH 83  218 159 HOH HOH B . 
D 2 HOH 84  219 160 HOH HOH B . 
D 2 HOH 85  220 161 HOH HOH B . 
D 2 HOH 86  221 164 HOH HOH B . 
D 2 HOH 87  222 166 HOH HOH B . 
D 2 HOH 88  223 169 HOH HOH B . 
D 2 HOH 89  224 171 HOH HOH B . 
D 2 HOH 90  225 172 HOH HOH B . 
D 2 HOH 91  226 173 HOH HOH B . 
D 2 HOH 92  227 174 HOH HOH B . 
D 2 HOH 93  228 176 HOH HOH B . 
D 2 HOH 94  229 183 HOH HOH B . 
D 2 HOH 95  230 184 HOH HOH B . 
D 2 HOH 96  231 188 HOH HOH B . 
D 2 HOH 97  232 194 HOH HOH B . 
D 2 HOH 98  233 195 HOH HOH B . 
D 2 HOH 99  234 197 HOH HOH B . 
D 2 HOH 100 235 200 HOH HOH B . 
# 
loop_
_pdbx_unobs_or_zero_occ_atoms.id 
_pdbx_unobs_or_zero_occ_atoms.PDB_model_num 
_pdbx_unobs_or_zero_occ_atoms.polymer_flag 
_pdbx_unobs_or_zero_occ_atoms.occupancy_flag 
_pdbx_unobs_or_zero_occ_atoms.auth_asym_id 
_pdbx_unobs_or_zero_occ_atoms.auth_comp_id 
_pdbx_unobs_or_zero_occ_atoms.auth_seq_id 
_pdbx_unobs_or_zero_occ_atoms.PDB_ins_code 
_pdbx_unobs_or_zero_occ_atoms.auth_atom_id 
_pdbx_unobs_or_zero_occ_atoms.label_alt_id 
_pdbx_unobs_or_zero_occ_atoms.label_asym_id 
_pdbx_unobs_or_zero_occ_atoms.label_comp_id 
_pdbx_unobs_or_zero_occ_atoms.label_seq_id 
_pdbx_unobs_or_zero_occ_atoms.label_atom_id 
1 1 Y 1 A LYS 69 ? CE ? A LYS 16 CE 
2 1 Y 1 A LYS 69 ? NZ ? A LYS 16 NZ 
3 1 Y 1 B LYS 69 ? CD ? B LYS 16 CD 
4 1 Y 1 B LYS 69 ? CE ? B LYS 16 CE 
5 1 Y 1 B LYS 69 ? NZ ? B LYS 16 NZ 
# 
loop_
_software.name 
_software.classification 
_software.version 
_software.citation_id 
_software.pdbx_ordinal 
REFMAC refinement       5.2.0005  ? 1 
MOSFLM 'data reduction' .         ? 2 
CCP4   'data scaling'   '(SCALA)' ? 3 
SHARP  phasing          .         ? 4 
# 
_cell.entry_id           2D68 
_cell.length_a           47.840 
_cell.length_b           92.180 
_cell.length_c           37.110 
_cell.angle_alpha        90.00 
_cell.angle_beta         90.00 
_cell.angle_gamma        90.00 
_cell.Z_PDB              8 
_cell.pdbx_unique_axis   ? 
_cell.length_a_esd       ? 
_cell.length_b_esd       ? 
_cell.length_c_esd       ? 
_cell.angle_alpha_esd    ? 
_cell.angle_beta_esd     ? 
_cell.angle_gamma_esd    ? 
# 
_symmetry.entry_id                         2D68 
_symmetry.space_group_name_H-M             'P 21 21 2' 
_symmetry.pdbx_full_space_group_name_H-M   ? 
_symmetry.cell_setting                     ? 
_symmetry.Int_Tables_number                18 
_symmetry.space_group_name_Hall            ? 
# 
_exptl.entry_id          2D68 
_exptl.method            'X-RAY DIFFRACTION' 
_exptl.crystals_number   2 
# 
loop_
_exptl_crystal.id 
_exptl_crystal.density_meas 
_exptl_crystal.density_Matthews 
_exptl_crystal.density_percent_sol 
_exptl_crystal.description 
_exptl_crystal.F_000 
_exptl_crystal.preparation 
1 ? 2.23 44.94 ? ? ? 
2 ? ?    ?     ? ? ? 
# 
loop_
_exptl_crystal_grow.crystal_id 
_exptl_crystal_grow.method 
_exptl_crystal_grow.temp 
_exptl_crystal_grow.temp_details 
_exptl_crystal_grow.pH 
_exptl_crystal_grow.pdbx_details 
_exptl_crystal_grow.pdbx_pH_range 
1 'VAPOR DIFFUSION, SITTING DROP' 293 ? 7.5 
'0,2M NaCl; 0,1M HEPES ph 7,5, 25% w/v PEG 3350, pH 7.5, VAPOR DIFFUSION, SITTING DROP, temperature 293K' . 
2 'VAPOR DIFFUSION, SITTING DROP' 277 ? 7.5 
'0,2 M NaCl, 0,1M HEPES, 25% w/v PEG 3350, pH 7.5, VAPOR DIFFUSION, SITTING DROP, temperature 277K'       . 
# 
loop_
_diffrn.id 
_diffrn.ambient_temp 
_diffrn.ambient_temp_details 
_diffrn.crystal_id 
1 100 ? 1 
2 100 ? 1 
# 
loop_
_diffrn_detector.diffrn_id 
_diffrn_detector.detector 
_diffrn_detector.type 
_diffrn_detector.pdbx_collection_date 
_diffrn_detector.details 
1 CCD MARRESEARCH 2005-03-16 ? 
2 CCD MARRESEARCH 2005-07-06 ? 
# 
loop_
_diffrn_radiation.diffrn_id 
_diffrn_radiation.wavelength_id 
_diffrn_radiation.pdbx_monochromatic_or_laue_m_l 
_diffrn_radiation.monochromator 
_diffrn_radiation.pdbx_diffrn_protocol 
_diffrn_radiation.pdbx_scattering_type 
1 1 M 'Si(111) double-crystal monochromator' 'SINGLE WAVELENGTH' x-ray 
2 1 M 'Si(111) double-crystal monochromator' MAD                 x-ray 
# 
loop_
_diffrn_radiation_wavelength.id 
_diffrn_radiation_wavelength.wavelength 
_diffrn_radiation_wavelength.wt 
1 1.05   1.0 
2 0.9793 1.0 
3 0.9796 1.0 
4 0.9500 1.0 
# 
loop_
_diffrn_source.diffrn_id 
_diffrn_source.source 
_diffrn_source.type 
_diffrn_source.pdbx_synchrotron_site 
_diffrn_source.pdbx_synchrotron_beamline 
_diffrn_source.pdbx_wavelength 
_diffrn_source.pdbx_wavelength_list 
1 SYNCHROTRON 'MPG/DESY, HAMBURG BEAMLINE BW6' 'MPG/DESY, HAMBURG' BW6 ? 1.05                     
2 SYNCHROTRON 'MPG/DESY, HAMBURG BEAMLINE BW6' 'MPG/DESY, HAMBURG' BW6 ? '0.9793  0.9796  0.9500' 
# 
_reflns.entry_id                     2D68 
_reflns.observed_criterion_sigma_I   ? 
_reflns.observed_criterion_sigma_F   2.0 
_reflns.d_resolution_low             46.08 
_reflns.d_resolution_high            1.6 
_reflns.number_obs                   21205 
_reflns.number_all                   ? 
_reflns.percent_possible_obs         94 
_reflns.pdbx_Rmerge_I_obs            ? 
_reflns.pdbx_Rsym_value              ? 
_reflns.pdbx_netI_over_sigmaI        ? 
_reflns.B_iso_Wilson_estimate        ? 
_reflns.pdbx_redundancy              ? 
_reflns.R_free_details               ? 
_reflns.limit_h_max                  ? 
_reflns.limit_h_min                  ? 
_reflns.limit_k_max                  ? 
_reflns.limit_k_min                  ? 
_reflns.limit_l_max                  ? 
_reflns.limit_l_min                  ? 
_reflns.observed_criterion_F_max     ? 
_reflns.observed_criterion_F_min     ? 
_reflns.pdbx_chi_squared             ? 
_reflns.pdbx_scaling_rejects         ? 
_reflns.pdbx_diffrn_id               1,2 
_reflns.pdbx_ordinal                 1 
# 
_reflns_shell.d_res_high             1.6 
_reflns_shell.d_res_low              1.7 
_reflns_shell.percent_possible_all   86.4 
_reflns_shell.Rmerge_I_obs           ? 
_reflns_shell.pdbx_Rsym_value        ? 
_reflns_shell.meanI_over_sigI_obs    ? 
_reflns_shell.pdbx_redundancy        ? 
_reflns_shell.percent_possible_obs   ? 
_reflns_shell.number_unique_all      ? 
_reflns_shell.number_measured_all    ? 
_reflns_shell.number_measured_obs    ? 
_reflns_shell.number_unique_obs      ? 
_reflns_shell.pdbx_chi_squared       ? 
_reflns_shell.pdbx_diffrn_id         ? 
_reflns_shell.pdbx_ordinal           1 
# 
_refine.entry_id                                 2D68 
_refine.ls_number_reflns_obs                     20919 
_refine.ls_number_reflns_all                     20919 
_refine.pdbx_ls_sigma_I                          ? 
_refine.pdbx_ls_sigma_F                          0 
_refine.pdbx_data_cutoff_high_absF               ? 
_refine.pdbx_data_cutoff_low_absF                ? 
_refine.pdbx_data_cutoff_high_rms_absF           ? 
_refine.ls_d_res_low                             20 
_refine.ls_d_res_high                            1.60 
_refine.ls_percent_reflns_obs                    99.95 
_refine.ls_R_factor_obs                          0.20745 
_refine.ls_R_factor_all                          0.20745 
_refine.ls_R_factor_R_work                       0.20535 
_refine.ls_R_factor_R_free                       0.24719 
_refine.ls_R_factor_R_free_error                 ? 
_refine.ls_R_factor_R_free_error_details         ? 
_refine.ls_percent_reflns_R_free                 5.1 
_refine.ls_number_reflns_R_free                  1142 
_refine.ls_number_parameters                     ? 
_refine.ls_number_restraints                     ? 
_refine.occupancy_min                            ? 
_refine.occupancy_max                            ? 
_refine.correlation_coeff_Fo_to_Fc               0.944 
_refine.correlation_coeff_Fo_to_Fc_free          0.923 
_refine.B_iso_mean                               16.128 
_refine.aniso_B[1][1]                            -0.31 
_refine.aniso_B[2][2]                            0.69 
_refine.aniso_B[3][3]                            -0.39 
_refine.aniso_B[1][2]                            0.00 
_refine.aniso_B[1][3]                            0.00 
_refine.aniso_B[2][3]                            0.00 
_refine.solvent_model_details                    MASK 
_refine.solvent_model_param_ksol                 ? 
_refine.solvent_model_param_bsol                 ? 
_refine.pdbx_solvent_vdw_probe_radii             1.20 
_refine.pdbx_solvent_ion_probe_radii             0.80 
_refine.pdbx_solvent_shrinkage_radii             0.80 
_refine.pdbx_ls_cross_valid_method               THROUGHOUT 
_refine.details                                  'HYDROGENS HAVE BEEN ADDED IN THE RIDING POSITIONS' 
_refine.pdbx_starting_model                      ? 
_refine.pdbx_method_to_determine_struct          MAD 
_refine.pdbx_isotropic_thermal_model             ? 
_refine.pdbx_stereochemistry_target_values       'MAXIMUM LIKELIHOOD' 
_refine.pdbx_stereochem_target_val_spec_case     ? 
_refine.pdbx_R_Free_selection_details            RANDOM 
_refine.pdbx_overall_ESU_R                       0.100 
_refine.pdbx_overall_ESU_R_Free                  0.103 
_refine.overall_SU_ML                            0.059 
_refine.overall_SU_B                             1.594 
_refine.ls_redundancy_reflns_obs                 ? 
_refine.B_iso_min                                ? 
_refine.B_iso_max                                ? 
_refine.overall_SU_R_Cruickshank_DPI             ? 
_refine.overall_SU_R_free                        ? 
_refine.ls_wR_factor_R_free                      ? 
_refine.ls_wR_factor_R_work                      ? 
_refine.overall_FOM_free_R_set                   ? 
_refine.overall_FOM_work_R_set                   ? 
_refine.pdbx_refine_id                           'X-RAY DIFFRACTION' 
_refine.pdbx_diffrn_id                           1 
_refine.pdbx_TLS_residual_ADP_flag               ? 
_refine.pdbx_overall_phase_error                 ? 
_refine.pdbx_overall_SU_R_free_Cruickshank_DPI   ? 
_refine.pdbx_overall_SU_R_Blow_DPI               ? 
_refine.pdbx_overall_SU_R_free_Blow_DPI          ? 
# 
_refine_hist.pdbx_refine_id                   'X-RAY DIFFRACTION' 
_refine_hist.cycle_id                         LAST 
_refine_hist.pdbx_number_atoms_protein        1199 
_refine_hist.pdbx_number_atoms_nucleic_acid   0 
_refine_hist.pdbx_number_atoms_ligand         0 
_refine_hist.number_atoms_solvent             200 
_refine_hist.number_atoms_total               1399 
_refine_hist.d_res_high                       1.60 
_refine_hist.d_res_low                        20 
# 
loop_
_refine_ls_restr.type 
_refine_ls_restr.dev_ideal 
_refine_ls_restr.dev_ideal_target 
_refine_ls_restr.weight 
_refine_ls_restr.number 
_refine_ls_restr.pdbx_refine_id 
_refine_ls_restr.pdbx_restraint_function 
r_bond_refined_d         0.010  0.022  ? 1216 'X-RAY DIFFRACTION' ? 
r_angle_refined_deg      1.229  1.983  ? 1644 'X-RAY DIFFRACTION' ? 
r_dihedral_angle_1_deg   3.990  5.000  ? 149  'X-RAY DIFFRACTION' ? 
r_dihedral_angle_2_deg   31.813 24.237 ? 59   'X-RAY DIFFRACTION' ? 
r_dihedral_angle_3_deg   12.807 15.000 ? 212  'X-RAY DIFFRACTION' ? 
r_dihedral_angle_4_deg   23.529 15.000 ? 10   'X-RAY DIFFRACTION' ? 
r_chiral_restr           0.078  0.200  ? 193  'X-RAY DIFFRACTION' ? 
r_gen_planes_refined     0.005  0.020  ? 914  'X-RAY DIFFRACTION' ? 
r_nbd_refined            0.211  0.200  ? 589  'X-RAY DIFFRACTION' ? 
r_nbtor_refined          0.307  0.200  ? 870  'X-RAY DIFFRACTION' ? 
r_xyhbond_nbd_refined    0.142  0.200  ? 143  'X-RAY DIFFRACTION' ? 
r_symmetry_vdw_refined   0.179  0.200  ? 28   'X-RAY DIFFRACTION' ? 
r_symmetry_hbond_refined 0.237  0.200  ? 16   'X-RAY DIFFRACTION' ? 
r_mcbond_it              0.811  1.500  ? 768  'X-RAY DIFFRACTION' ? 
r_mcangle_it             1.343  2.000  ? 1201 'X-RAY DIFFRACTION' ? 
r_scbond_it              2.200  3.000  ? 494  'X-RAY DIFFRACTION' ? 
r_scangle_it             3.421  4.500  ? 443  'X-RAY DIFFRACTION' ? 
# 
_refine_ls_shell.pdbx_total_number_of_bins_used   20 
_refine_ls_shell.d_res_high                       1.600 
_refine_ls_shell.d_res_low                        1.642 
_refine_ls_shell.number_reflns_R_work             1496 
_refine_ls_shell.R_factor_R_work                  0.219 
_refine_ls_shell.percent_reflns_obs               100.00 
_refine_ls_shell.R_factor_R_free                  0.305 
_refine_ls_shell.R_factor_R_free_error            ? 
_refine_ls_shell.percent_reflns_R_free            ? 
_refine_ls_shell.number_reflns_R_free             107 
_refine_ls_shell.number_reflns_all                ? 
_refine_ls_shell.R_factor_all                     ? 
_refine_ls_shell.number_reflns_obs                ? 
_refine_ls_shell.redundancy_reflns_obs            ? 
_refine_ls_shell.pdbx_refine_id                   'X-RAY DIFFRACTION' 
# 
_struct.entry_id                  2D68 
_struct.title                     'Structure of the N-terminal domain of FOP (FGFR1OP) protein' 
_struct.pdbx_model_details        ? 
_struct.pdbx_CASP_flag            ? 
_struct.pdbx_model_type_details   ? 
# 
_struct_keywords.entry_id        2D68 
_struct_keywords.pdbx_keywords   'CELL CYCLE' 
_struct_keywords.text            'alpha helical bundle, dimer, CELL CYCLE' 
# 
loop_
_struct_asym.id 
_struct_asym.pdbx_blank_PDB_chainid_flag 
_struct_asym.pdbx_modified 
_struct_asym.entity_id 
_struct_asym.details 
A N N 1 ? 
B N N 1 ? 
C N N 2 ? 
D N N 2 ? 
# 
_struct_ref.id                         1 
_struct_ref.db_name                    UNP 
_struct_ref.db_code                    FR1OP_HUMAN 
_struct_ref.pdbx_db_accession          O95684 
_struct_ref.entity_id                  1 
_struct_ref.pdbx_seq_one_letter_code   
;KTPLVNESLKKFLNTKDGRLVASLVAEFLQFFNLDFTLAVFQPETSTLQGLEGRENLARDLGIIEAEGTVGGPLLLEVIR
RC
;
_struct_ref.pdbx_align_begin           54 
_struct_ref.pdbx_db_isoform            ? 
# 
loop_
_struct_ref_seq.align_id 
_struct_ref_seq.ref_id 
_struct_ref_seq.pdbx_PDB_id_code 
_struct_ref_seq.pdbx_strand_id 
_struct_ref_seq.seq_align_beg 
_struct_ref_seq.pdbx_seq_align_beg_ins_code 
_struct_ref_seq.seq_align_end 
_struct_ref_seq.pdbx_seq_align_end_ins_code 
_struct_ref_seq.pdbx_db_accession 
_struct_ref_seq.db_align_beg 
_struct_ref_seq.pdbx_db_align_beg_ins_code 
_struct_ref_seq.db_align_end 
_struct_ref_seq.pdbx_db_align_end_ins_code 
_struct_ref_seq.pdbx_auth_seq_align_beg 
_struct_ref_seq.pdbx_auth_seq_align_end 
1 1 2D68 A 1 ? 82 ? O95684 54 ? 135 ? 54 135 
2 1 2D68 B 1 ? 82 ? O95684 54 ? 135 ? 54 135 
# 
loop_
_struct_ref_seq_dif.align_id 
_struct_ref_seq_dif.pdbx_pdb_id_code 
_struct_ref_seq_dif.mon_id 
_struct_ref_seq_dif.pdbx_pdb_strand_id 
_struct_ref_seq_dif.seq_num 
_struct_ref_seq_dif.pdbx_pdb_ins_code 
_struct_ref_seq_dif.pdbx_seq_db_name 
_struct_ref_seq_dif.pdbx_seq_db_accession_code 
_struct_ref_seq_dif.db_mon_id 
_struct_ref_seq_dif.pdbx_seq_db_seq_num 
_struct_ref_seq_dif.details 
_struct_ref_seq_dif.pdbx_auth_seq_num 
_struct_ref_seq_dif.pdbx_ordinal 
1 2D68 TRP A 82 ? UNP O95684 CYS 135 conflict 135 1 
2 2D68 TRP B 82 ? UNP O95684 CYS 135 conflict 135 2 
# 
loop_
_pdbx_struct_assembly.id 
_pdbx_struct_assembly.details 
_pdbx_struct_assembly.method_details 
_pdbx_struct_assembly.oligomeric_details 
_pdbx_struct_assembly.oligomeric_count 
1 author_and_software_defined_assembly PISA dimeric    2 
2 software_defined_assembly            PISA tetrameric 4 
# 
loop_
_pdbx_struct_assembly_prop.biol_id 
_pdbx_struct_assembly_prop.type 
_pdbx_struct_assembly_prop.value 
_pdbx_struct_assembly_prop.details 
1 'ABSA (A^2)' 2880  ? 
1 MORE         -31   ? 
1 'SSA (A^2)'  8160  ? 
2 'ABSA (A^2)' 6910  ? 
2 MORE         -79   ? 
2 'SSA (A^2)'  15160 ? 
# 
loop_
_pdbx_struct_assembly_gen.assembly_id 
_pdbx_struct_assembly_gen.oper_expression 
_pdbx_struct_assembly_gen.asym_id_list 
1 1   A,B,C,D 
2 1,2 A,B,C,D 
# 
loop_
_pdbx_struct_oper_list.id 
_pdbx_struct_oper_list.type 
_pdbx_struct_oper_list.name 
_pdbx_struct_oper_list.symmetry_operation 
_pdbx_struct_oper_list.matrix[1][1] 
_pdbx_struct_oper_list.matrix[1][2] 
_pdbx_struct_oper_list.matrix[1][3] 
_pdbx_struct_oper_list.vector[1] 
_pdbx_struct_oper_list.matrix[2][1] 
_pdbx_struct_oper_list.matrix[2][2] 
_pdbx_struct_oper_list.matrix[2][3] 
_pdbx_struct_oper_list.vector[2] 
_pdbx_struct_oper_list.matrix[3][1] 
_pdbx_struct_oper_list.matrix[3][2] 
_pdbx_struct_oper_list.matrix[3][3] 
_pdbx_struct_oper_list.vector[3] 
1 'identity operation'         1_555 x,y,z   1.0000000000  0.0000000000 0.0000000000  0.0000000000 0.0000000000 1.0000000000 0.0000000000  0.0000000000  0.0000000000  0.0000000000  1.0000000000  0.0000000000  
2 'crystal symmetry operation' 2_555 -x,-y,z -0.8164556816 0.4595181402 -0.3496329487 3.8763011125 0.4595181402 0.1504410653 -0.8753345445 20.3231954829 -0.3496329487 -0.8753345445 -0.3339853836 28.7454316731 
# 
_struct_biol.id                    1 
_struct_biol.details               'The biological assembly is a dimer.' 
_struct_biol.pdbx_parent_biol_id   ? 
# 
loop_
_struct_conf.conf_type_id 
_struct_conf.id 
_struct_conf.pdbx_PDB_helix_id 
_struct_conf.beg_label_comp_id 
_struct_conf.beg_label_asym_id 
_struct_conf.beg_label_seq_id 
_struct_conf.pdbx_beg_PDB_ins_code 
_struct_conf.end_label_comp_id 
_struct_conf.end_label_asym_id 
_struct_conf.end_label_seq_id 
_struct_conf.pdbx_end_PDB_ins_code 
_struct_conf.beg_auth_comp_id 
_struct_conf.beg_auth_asym_id 
_struct_conf.beg_auth_seq_id 
_struct_conf.end_auth_comp_id 
_struct_conf.end_auth_asym_id 
_struct_conf.end_auth_seq_id 
_struct_conf.pdbx_PDB_helix_class 
_struct_conf.details 
_struct_conf.pdbx_PDB_helix_length 
HELX_P HELX_P1  1  ASN A 6  ? ASN A 14 ? ASN A 59  ASN A 67  1 ? 9  
HELX_P HELX_P2  2  THR A 15 ? PHE A 32 ? THR A 68  PHE A 85  1 ? 18 
HELX_P HELX_P3  3  LEU A 34 ? SER A 46 ? LEU A 87  SER A 99  1 ? 13 
HELX_P HELX_P4  4  GLY A 53 ? LEU A 61 ? GLY A 106 LEU A 114 1 ? 9  
HELX_P HELX_P5  5  PRO A 73 ? TRP A 82 ? PRO A 126 TRP A 135 1 ? 10 
HELX_P HELX_P6  6  ASN B 6  ? ASN B 14 ? ASN B 59  ASN B 67  1 ? 9  
HELX_P HELX_P7  7  THR B 15 ? PHE B 32 ? THR B 68  PHE B 85  1 ? 18 
HELX_P HELX_P8  8  LEU B 34 ? SER B 46 ? LEU B 87  SER B 99  1 ? 13 
HELX_P HELX_P9  9  GLY B 53 ? GLY B 62 ? GLY B 106 GLY B 115 1 ? 10 
HELX_P HELX_P10 10 ALA B 66 ? GLY B 71 ? ALA B 119 GLY B 124 1 ? 6  
HELX_P HELX_P11 11 PRO B 73 ? ARG B 81 ? PRO B 126 ARG B 134 1 ? 9  
# 
_struct_conf_type.id          HELX_P 
_struct_conf_type.criteria    ? 
_struct_conf_type.reference   ? 
# 
_pdbx_validate_close_contact.id               1 
_pdbx_validate_close_contact.PDB_model_num    1 
_pdbx_validate_close_contact.auth_atom_id_1   O 
_pdbx_validate_close_contact.auth_asym_id_1   B 
_pdbx_validate_close_contact.auth_comp_id_1   HOH 
_pdbx_validate_close_contact.auth_seq_id_1    137 
_pdbx_validate_close_contact.PDB_ins_code_1   ? 
_pdbx_validate_close_contact.label_alt_id_1   ? 
_pdbx_validate_close_contact.auth_atom_id_2   O 
_pdbx_validate_close_contact.auth_asym_id_2   B 
_pdbx_validate_close_contact.auth_comp_id_2   HOH 
_pdbx_validate_close_contact.auth_seq_id_2    172 
_pdbx_validate_close_contact.PDB_ins_code_2   ? 
_pdbx_validate_close_contact.label_alt_id_2   ? 
_pdbx_validate_close_contact.dist             1.90 
# 
_pdbx_validate_symm_contact.id                1 
_pdbx_validate_symm_contact.PDB_model_num     1 
_pdbx_validate_symm_contact.auth_atom_id_1    O 
_pdbx_validate_symm_contact.auth_asym_id_1    B 
_pdbx_validate_symm_contact.auth_comp_id_1    TRP 
_pdbx_validate_symm_contact.auth_seq_id_1     135 
_pdbx_validate_symm_contact.PDB_ins_code_1    ? 
_pdbx_validate_symm_contact.label_alt_id_1    ? 
_pdbx_validate_symm_contact.site_symmetry_1   1_555 
_pdbx_validate_symm_contact.auth_atom_id_2    O 
_pdbx_validate_symm_contact.auth_asym_id_2    B 
_pdbx_validate_symm_contact.auth_comp_id_2    HOH 
_pdbx_validate_symm_contact.auth_seq_id_2     137 
_pdbx_validate_symm_contact.PDB_ins_code_2    ? 
_pdbx_validate_symm_contact.label_alt_id_2    ? 
_pdbx_validate_symm_contact.site_symmetry_2   4_556 
_pdbx_validate_symm_contact.dist              1.83 
# 
loop_
_pdbx_unobs_or_zero_occ_residues.id 
_pdbx_unobs_or_zero_occ_residues.PDB_model_num 
_pdbx_unobs_or_zero_occ_residues.polymer_flag 
_pdbx_unobs_or_zero_occ_residues.occupancy_flag 
_pdbx_unobs_or_zero_occ_residues.auth_asym_id 
_pdbx_unobs_or_zero_occ_residues.auth_comp_id 
_pdbx_unobs_or_zero_occ_residues.auth_seq_id 
_pdbx_unobs_or_zero_occ_residues.PDB_ins_code 
_pdbx_unobs_or_zero_occ_residues.label_asym_id 
_pdbx_unobs_or_zero_occ_residues.label_comp_id 
_pdbx_unobs_or_zero_occ_residues.label_seq_id 
1  1 Y 1 A LYS 54  ? A LYS 1  
2  1 Y 1 A THR 55  ? A THR 2  
3  1 Y 1 A PRO 56  ? A PRO 3  
4  1 Y 1 A LEU 57  ? A LEU 4  
5  1 Y 1 A LEU 101 ? A LEU 48 
6  1 Y 1 A GLN 102 ? A GLN 49 
7  1 Y 1 A GLY 103 ? A GLY 50 
8  1 Y 1 B LYS 54  ? B LYS 1  
9  1 Y 1 B THR 55  ? B THR 2  
10 1 Y 1 B PRO 56  ? B PRO 3  
11 1 Y 1 B LEU 57  ? B LEU 4  
12 1 Y 1 B VAL 58  ? B VAL 5  
# 
loop_
_chem_comp_atom.comp_id 
_chem_comp_atom.atom_id 
_chem_comp_atom.type_symbol 
_chem_comp_atom.pdbx_aromatic_flag 
_chem_comp_atom.pdbx_stereo_config 
_chem_comp_atom.pdbx_ordinal 
ALA N    N N N 1   
ALA CA   C N S 2   
ALA C    C N N 3   
ALA O    O N N 4   
ALA CB   C N N 5   
ALA OXT  O N N 6   
ALA H    H N N 7   
ALA H2   H N N 8   
ALA HA   H N N 9   
ALA HB1  H N N 10  
ALA HB2  H N N 11  
ALA HB3  H N N 12  
ALA HXT  H N N 13  
ARG N    N N N 14  
ARG CA   C N S 15  
ARG C    C N N 16  
ARG O    O N N 17  
ARG CB   C N N 18  
ARG CG   C N N 19  
ARG CD   C N N 20  
ARG NE   N N N 21  
ARG CZ   C N N 22  
ARG NH1  N N N 23  
ARG NH2  N N N 24  
ARG OXT  O N N 25  
ARG H    H N N 26  
ARG H2   H N N 27  
ARG HA   H N N 28  
ARG HB2  H N N 29  
ARG HB3  H N N 30  
ARG HG2  H N N 31  
ARG HG3  H N N 32  
ARG HD2  H N N 33  
ARG HD3  H N N 34  
ARG HE   H N N 35  
ARG HH11 H N N 36  
ARG HH12 H N N 37  
ARG HH21 H N N 38  
ARG HH22 H N N 39  
ARG HXT  H N N 40  
ASN N    N N N 41  
ASN CA   C N S 42  
ASN C    C N N 43  
ASN O    O N N 44  
ASN CB   C N N 45  
ASN CG   C N N 46  
ASN OD1  O N N 47  
ASN ND2  N N N 48  
ASN OXT  O N N 49  
ASN H    H N N 50  
ASN H2   H N N 51  
ASN HA   H N N 52  
ASN HB2  H N N 53  
ASN HB3  H N N 54  
ASN HD21 H N N 55  
ASN HD22 H N N 56  
ASN HXT  H N N 57  
ASP N    N N N 58  
ASP CA   C N S 59  
ASP C    C N N 60  
ASP O    O N N 61  
ASP CB   C N N 62  
ASP CG   C N N 63  
ASP OD1  O N N 64  
ASP OD2  O N N 65  
ASP OXT  O N N 66  
ASP H    H N N 67  
ASP H2   H N N 68  
ASP HA   H N N 69  
ASP HB2  H N N 70  
ASP HB3  H N N 71  
ASP HD2  H N N 72  
ASP HXT  H N N 73  
CYS N    N N N 74  
CYS CA   C N R 75  
CYS C    C N N 76  
CYS O    O N N 77  
CYS CB   C N N 78  
CYS SG   S N N 79  
CYS OXT  O N N 80  
CYS H    H N N 81  
CYS H2   H N N 82  
CYS HA   H N N 83  
CYS HB2  H N N 84  
CYS HB3  H N N 85  
CYS HG   H N N 86  
CYS HXT  H N N 87  
GLN N    N N N 88  
GLN CA   C N S 89  
GLN C    C N N 90  
GLN O    O N N 91  
GLN CB   C N N 92  
GLN CG   C N N 93  
GLN CD   C N N 94  
GLN OE1  O N N 95  
GLN NE2  N N N 96  
GLN OXT  O N N 97  
GLN H    H N N 98  
GLN H2   H N N 99  
GLN HA   H N N 100 
GLN HB2  H N N 101 
GLN HB3  H N N 102 
GLN HG2  H N N 103 
GLN HG3  H N N 104 
GLN HE21 H N N 105 
GLN HE22 H N N 106 
GLN HXT  H N N 107 
GLU N    N N N 108 
GLU CA   C N S 109 
GLU C    C N N 110 
GLU O    O N N 111 
GLU CB   C N N 112 
GLU CG   C N N 113 
GLU CD   C N N 114 
GLU OE1  O N N 115 
GLU OE2  O N N 116 
GLU OXT  O N N 117 
GLU H    H N N 118 
GLU H2   H N N 119 
GLU HA   H N N 120 
GLU HB2  H N N 121 
GLU HB3  H N N 122 
GLU HG2  H N N 123 
GLU HG3  H N N 124 
GLU HE2  H N N 125 
GLU HXT  H N N 126 
GLY N    N N N 127 
GLY CA   C N N 128 
GLY C    C N N 129 
GLY O    O N N 130 
GLY OXT  O N N 131 
GLY H    H N N 132 
GLY H2   H N N 133 
GLY HA2  H N N 134 
GLY HA3  H N N 135 
GLY HXT  H N N 136 
HOH O    O N N 137 
HOH H1   H N N 138 
HOH H2   H N N 139 
ILE N    N N N 140 
ILE CA   C N S 141 
ILE C    C N N 142 
ILE O    O N N 143 
ILE CB   C N S 144 
ILE CG1  C N N 145 
ILE CG2  C N N 146 
ILE CD1  C N N 147 
ILE OXT  O N N 148 
ILE H    H N N 149 
ILE H2   H N N 150 
ILE HA   H N N 151 
ILE HB   H N N 152 
ILE HG12 H N N 153 
ILE HG13 H N N 154 
ILE HG21 H N N 155 
ILE HG22 H N N 156 
ILE HG23 H N N 157 
ILE HD11 H N N 158 
ILE HD12 H N N 159 
ILE HD13 H N N 160 
ILE HXT  H N N 161 
LEU N    N N N 162 
LEU CA   C N S 163 
LEU C    C N N 164 
LEU O    O N N 165 
LEU CB   C N N 166 
LEU CG   C N N 167 
LEU CD1  C N N 168 
LEU CD2  C N N 169 
LEU OXT  O N N 170 
LEU H    H N N 171 
LEU H2   H N N 172 
LEU HA   H N N 173 
LEU HB2  H N N 174 
LEU HB3  H N N 175 
LEU HG   H N N 176 
LEU HD11 H N N 177 
LEU HD12 H N N 178 
LEU HD13 H N N 179 
LEU HD21 H N N 180 
LEU HD22 H N N 181 
LEU HD23 H N N 182 
LEU HXT  H N N 183 
LYS N    N N N 184 
LYS CA   C N S 185 
LYS C    C N N 186 
LYS O    O N N 187 
LYS CB   C N N 188 
LYS CG   C N N 189 
LYS CD   C N N 190 
LYS CE   C N N 191 
LYS NZ   N N N 192 
LYS OXT  O N N 193 
LYS H    H N N 194 
LYS H2   H N N 195 
LYS HA   H N N 196 
LYS HB2  H N N 197 
LYS HB3  H N N 198 
LYS HG2  H N N 199 
LYS HG3  H N N 200 
LYS HD2  H N N 201 
LYS HD3  H N N 202 
LYS HE2  H N N 203 
LYS HE3  H N N 204 
LYS HZ1  H N N 205 
LYS HZ2  H N N 206 
LYS HZ3  H N N 207 
LYS HXT  H N N 208 
PHE N    N N N 209 
PHE CA   C N S 210 
PHE C    C N N 211 
PHE O    O N N 212 
PHE CB   C N N 213 
PHE CG   C Y N 214 
PHE CD1  C Y N 215 
PHE CD2  C Y N 216 
PHE CE1  C Y N 217 
PHE CE2  C Y N 218 
PHE CZ   C Y N 219 
PHE OXT  O N N 220 
PHE H    H N N 221 
PHE H2   H N N 222 
PHE HA   H N N 223 
PHE HB2  H N N 224 
PHE HB3  H N N 225 
PHE HD1  H N N 226 
PHE HD2  H N N 227 
PHE HE1  H N N 228 
PHE HE2  H N N 229 
PHE HZ   H N N 230 
PHE HXT  H N N 231 
PRO N    N N N 232 
PRO CA   C N S 233 
PRO C    C N N 234 
PRO O    O N N 235 
PRO CB   C N N 236 
PRO CG   C N N 237 
PRO CD   C N N 238 
PRO OXT  O N N 239 
PRO H    H N N 240 
PRO HA   H N N 241 
PRO HB2  H N N 242 
PRO HB3  H N N 243 
PRO HG2  H N N 244 
PRO HG3  H N N 245 
PRO HD2  H N N 246 
PRO HD3  H N N 247 
PRO HXT  H N N 248 
SER N    N N N 249 
SER CA   C N S 250 
SER C    C N N 251 
SER O    O N N 252 
SER CB   C N N 253 
SER OG   O N N 254 
SER OXT  O N N 255 
SER H    H N N 256 
SER H2   H N N 257 
SER HA   H N N 258 
SER HB2  H N N 259 
SER HB3  H N N 260 
SER HG   H N N 261 
SER HXT  H N N 262 
THR N    N N N 263 
THR CA   C N S 264 
THR C    C N N 265 
THR O    O N N 266 
THR CB   C N R 267 
THR OG1  O N N 268 
THR CG2  C N N 269 
THR OXT  O N N 270 
THR H    H N N 271 
THR H2   H N N 272 
THR HA   H N N 273 
THR HB   H N N 274 
THR HG1  H N N 275 
THR HG21 H N N 276 
THR HG22 H N N 277 
THR HG23 H N N 278 
THR HXT  H N N 279 
TRP N    N N N 280 
TRP CA   C N S 281 
TRP C    C N N 282 
TRP O    O N N 283 
TRP CB   C N N 284 
TRP CG   C Y N 285 
TRP CD1  C Y N 286 
TRP CD2  C Y N 287 
TRP NE1  N Y N 288 
TRP CE2  C Y N 289 
TRP CE3  C Y N 290 
TRP CZ2  C Y N 291 
TRP CZ3  C Y N 292 
TRP CH2  C Y N 293 
TRP OXT  O N N 294 
TRP H    H N N 295 
TRP H2   H N N 296 
TRP HA   H N N 297 
TRP HB2  H N N 298 
TRP HB3  H N N 299 
TRP HD1  H N N 300 
TRP HE1  H N N 301 
TRP HE3  H N N 302 
TRP HZ2  H N N 303 
TRP HZ3  H N N 304 
TRP HH2  H N N 305 
TRP HXT  H N N 306 
VAL N    N N N 307 
VAL CA   C N S 308 
VAL C    C N N 309 
VAL O    O N N 310 
VAL CB   C N N 311 
VAL CG1  C N N 312 
VAL CG2  C N N 313 
VAL OXT  O N N 314 
VAL H    H N N 315 
VAL H2   H N N 316 
VAL HA   H N N 317 
VAL HB   H N N 318 
VAL HG11 H N N 319 
VAL HG12 H N N 320 
VAL HG13 H N N 321 
VAL HG21 H N N 322 
VAL HG22 H N N 323 
VAL HG23 H N N 324 
VAL HXT  H N N 325 
# 
loop_
_chem_comp_bond.comp_id 
_chem_comp_bond.atom_id_1 
_chem_comp_bond.atom_id_2 
_chem_comp_bond.value_order 
_chem_comp_bond.pdbx_aromatic_flag 
_chem_comp_bond.pdbx_stereo_config 
_chem_comp_bond.pdbx_ordinal 
ALA N   CA   sing N N 1   
ALA N   H    sing N N 2   
ALA N   H2   sing N N 3   
ALA CA  C    sing N N 4   
ALA CA  CB   sing N N 5   
ALA CA  HA   sing N N 6   
ALA C   O    doub N N 7   
ALA C   OXT  sing N N 8   
ALA CB  HB1  sing N N 9   
ALA CB  HB2  sing N N 10  
ALA CB  HB3  sing N N 11  
ALA OXT HXT  sing N N 12  
ARG N   CA   sing N N 13  
ARG N   H    sing N N 14  
ARG N   H2   sing N N 15  
ARG CA  C    sing N N 16  
ARG CA  CB   sing N N 17  
ARG CA  HA   sing N N 18  
ARG C   O    doub N N 19  
ARG C   OXT  sing N N 20  
ARG CB  CG   sing N N 21  
ARG CB  HB2  sing N N 22  
ARG CB  HB3  sing N N 23  
ARG CG  CD   sing N N 24  
ARG CG  HG2  sing N N 25  
ARG CG  HG3  sing N N 26  
ARG CD  NE   sing N N 27  
ARG CD  HD2  sing N N 28  
ARG CD  HD3  sing N N 29  
ARG NE  CZ   sing N N 30  
ARG NE  HE   sing N N 31  
ARG CZ  NH1  sing N N 32  
ARG CZ  NH2  doub N N 33  
ARG NH1 HH11 sing N N 34  
ARG NH1 HH12 sing N N 35  
ARG NH2 HH21 sing N N 36  
ARG NH2 HH22 sing N N 37  
ARG OXT HXT  sing N N 38  
ASN N   CA   sing N N 39  
ASN N   H    sing N N 40  
ASN N   H2   sing N N 41  
ASN CA  C    sing N N 42  
ASN CA  CB   sing N N 43  
ASN CA  HA   sing N N 44  
ASN C   O    doub N N 45  
ASN C   OXT  sing N N 46  
ASN CB  CG   sing N N 47  
ASN CB  HB2  sing N N 48  
ASN CB  HB3  sing N N 49  
ASN CG  OD1  doub N N 50  
ASN CG  ND2  sing N N 51  
ASN ND2 HD21 sing N N 52  
ASN ND2 HD22 sing N N 53  
ASN OXT HXT  sing N N 54  
ASP N   CA   sing N N 55  
ASP N   H    sing N N 56  
ASP N   H2   sing N N 57  
ASP CA  C    sing N N 58  
ASP CA  CB   sing N N 59  
ASP CA  HA   sing N N 60  
ASP C   O    doub N N 61  
ASP C   OXT  sing N N 62  
ASP CB  CG   sing N N 63  
ASP CB  HB2  sing N N 64  
ASP CB  HB3  sing N N 65  
ASP CG  OD1  doub N N 66  
ASP CG  OD2  sing N N 67  
ASP OD2 HD2  sing N N 68  
ASP OXT HXT  sing N N 69  
CYS N   CA   sing N N 70  
CYS N   H    sing N N 71  
CYS N   H2   sing N N 72  
CYS CA  C    sing N N 73  
CYS CA  CB   sing N N 74  
CYS CA  HA   sing N N 75  
CYS C   O    doub N N 76  
CYS C   OXT  sing N N 77  
CYS CB  SG   sing N N 78  
CYS CB  HB2  sing N N 79  
CYS CB  HB3  sing N N 80  
CYS SG  HG   sing N N 81  
CYS OXT HXT  sing N N 82  
GLN N   CA   sing N N 83  
GLN N   H    sing N N 84  
GLN N   H2   sing N N 85  
GLN CA  C    sing N N 86  
GLN CA  CB   sing N N 87  
GLN CA  HA   sing N N 88  
GLN C   O    doub N N 89  
GLN C   OXT  sing N N 90  
GLN CB  CG   sing N N 91  
GLN CB  HB2  sing N N 92  
GLN CB  HB3  sing N N 93  
GLN CG  CD   sing N N 94  
GLN CG  HG2  sing N N 95  
GLN CG  HG3  sing N N 96  
GLN CD  OE1  doub N N 97  
GLN CD  NE2  sing N N 98  
GLN NE2 HE21 sing N N 99  
GLN NE2 HE22 sing N N 100 
GLN OXT HXT  sing N N 101 
GLU N   CA   sing N N 102 
GLU N   H    sing N N 103 
GLU N   H2   sing N N 104 
GLU CA  C    sing N N 105 
GLU CA  CB   sing N N 106 
GLU CA  HA   sing N N 107 
GLU C   O    doub N N 108 
GLU C   OXT  sing N N 109 
GLU CB  CG   sing N N 110 
GLU CB  HB2  sing N N 111 
GLU CB  HB3  sing N N 112 
GLU CG  CD   sing N N 113 
GLU CG  HG2  sing N N 114 
GLU CG  HG3  sing N N 115 
GLU CD  OE1  doub N N 116 
GLU CD  OE2  sing N N 117 
GLU OE2 HE2  sing N N 118 
GLU OXT HXT  sing N N 119 
GLY N   CA   sing N N 120 
GLY N   H    sing N N 121 
GLY N   H2   sing N N 122 
GLY CA  C    sing N N 123 
GLY CA  HA2  sing N N 124 
GLY CA  HA3  sing N N 125 
GLY C   O    doub N N 126 
GLY C   OXT  sing N N 127 
GLY OXT HXT  sing N N 128 
HOH O   H1   sing N N 129 
HOH O   H2   sing N N 130 
ILE N   CA   sing N N 131 
ILE N   H    sing N N 132 
ILE N   H2   sing N N 133 
ILE CA  C    sing N N 134 
ILE CA  CB   sing N N 135 
ILE CA  HA   sing N N 136 
ILE C   O    doub N N 137 
ILE C   OXT  sing N N 138 
ILE CB  CG1  sing N N 139 
ILE CB  CG2  sing N N 140 
ILE CB  HB   sing N N 141 
ILE CG1 CD1  sing N N 142 
ILE CG1 HG12 sing N N 143 
ILE CG1 HG13 sing N N 144 
ILE CG2 HG21 sing N N 145 
ILE CG2 HG22 sing N N 146 
ILE CG2 HG23 sing N N 147 
ILE CD1 HD11 sing N N 148 
ILE CD1 HD12 sing N N 149 
ILE CD1 HD13 sing N N 150 
ILE OXT HXT  sing N N 151 
LEU N   CA   sing N N 152 
LEU N   H    sing N N 153 
LEU N   H2   sing N N 154 
LEU CA  C    sing N N 155 
LEU CA  CB   sing N N 156 
LEU CA  HA   sing N N 157 
LEU C   O    doub N N 158 
LEU C   OXT  sing N N 159 
LEU CB  CG   sing N N 160 
LEU CB  HB2  sing N N 161 
LEU CB  HB3  sing N N 162 
LEU CG  CD1  sing N N 163 
LEU CG  CD2  sing N N 164 
LEU CG  HG   sing N N 165 
LEU CD1 HD11 sing N N 166 
LEU CD1 HD12 sing N N 167 
LEU CD1 HD13 sing N N 168 
LEU CD2 HD21 sing N N 169 
LEU CD2 HD22 sing N N 170 
LEU CD2 HD23 sing N N 171 
LEU OXT HXT  sing N N 172 
LYS N   CA   sing N N 173 
LYS N   H    sing N N 174 
LYS N   H2   sing N N 175 
LYS CA  C    sing N N 176 
LYS CA  CB   sing N N 177 
LYS CA  HA   sing N N 178 
LYS C   O    doub N N 179 
LYS C   OXT  sing N N 180 
LYS CB  CG   sing N N 181 
LYS CB  HB2  sing N N 182 
LYS CB  HB3  sing N N 183 
LYS CG  CD   sing N N 184 
LYS CG  HG2  sing N N 185 
LYS CG  HG3  sing N N 186 
LYS CD  CE   sing N N 187 
LYS CD  HD2  sing N N 188 
LYS CD  HD3  sing N N 189 
LYS CE  NZ   sing N N 190 
LYS CE  HE2  sing N N 191 
LYS CE  HE3  sing N N 192 
LYS NZ  HZ1  sing N N 193 
LYS NZ  HZ2  sing N N 194 
LYS NZ  HZ3  sing N N 195 
LYS OXT HXT  sing N N 196 
PHE N   CA   sing N N 197 
PHE N   H    sing N N 198 
PHE N   H2   sing N N 199 
PHE CA  C    sing N N 200 
PHE CA  CB   sing N N 201 
PHE CA  HA   sing N N 202 
PHE C   O    doub N N 203 
PHE C   OXT  sing N N 204 
PHE CB  CG   sing N N 205 
PHE CB  HB2  sing N N 206 
PHE CB  HB3  sing N N 207 
PHE CG  CD1  doub Y N 208 
PHE CG  CD2  sing Y N 209 
PHE CD1 CE1  sing Y N 210 
PHE CD1 HD1  sing N N 211 
PHE CD2 CE2  doub Y N 212 
PHE CD2 HD2  sing N N 213 
PHE CE1 CZ   doub Y N 214 
PHE CE1 HE1  sing N N 215 
PHE CE2 CZ   sing Y N 216 
PHE CE2 HE2  sing N N 217 
PHE CZ  HZ   sing N N 218 
PHE OXT HXT  sing N N 219 
PRO N   CA   sing N N 220 
PRO N   CD   sing N N 221 
PRO N   H    sing N N 222 
PRO CA  C    sing N N 223 
PRO CA  CB   sing N N 224 
PRO CA  HA   sing N N 225 
PRO C   O    doub N N 226 
PRO C   OXT  sing N N 227 
PRO CB  CG   sing N N 228 
PRO CB  HB2  sing N N 229 
PRO CB  HB3  sing N N 230 
PRO CG  CD   sing N N 231 
PRO CG  HG2  sing N N 232 
PRO CG  HG3  sing N N 233 
PRO CD  HD2  sing N N 234 
PRO CD  HD3  sing N N 235 
PRO OXT HXT  sing N N 236 
SER N   CA   sing N N 237 
SER N   H    sing N N 238 
SER N   H2   sing N N 239 
SER CA  C    sing N N 240 
SER CA  CB   sing N N 241 
SER CA  HA   sing N N 242 
SER C   O    doub N N 243 
SER C   OXT  sing N N 244 
SER CB  OG   sing N N 245 
SER CB  HB2  sing N N 246 
SER CB  HB3  sing N N 247 
SER OG  HG   sing N N 248 
SER OXT HXT  sing N N 249 
THR N   CA   sing N N 250 
THR N   H    sing N N 251 
THR N   H2   sing N N 252 
THR CA  C    sing N N 253 
THR CA  CB   sing N N 254 
THR CA  HA   sing N N 255 
THR C   O    doub N N 256 
THR C   OXT  sing N N 257 
THR CB  OG1  sing N N 258 
THR CB  CG2  sing N N 259 
THR CB  HB   sing N N 260 
THR OG1 HG1  sing N N 261 
THR CG2 HG21 sing N N 262 
THR CG2 HG22 sing N N 263 
THR CG2 HG23 sing N N 264 
THR OXT HXT  sing N N 265 
TRP N   CA   sing N N 266 
TRP N   H    sing N N 267 
TRP N   H2   sing N N 268 
TRP CA  C    sing N N 269 
TRP CA  CB   sing N N 270 
TRP CA  HA   sing N N 271 
TRP C   O    doub N N 272 
TRP C   OXT  sing N N 273 
TRP CB  CG   sing N N 274 
TRP CB  HB2  sing N N 275 
TRP CB  HB3  sing N N 276 
TRP CG  CD1  doub Y N 277 
TRP CG  CD2  sing Y N 278 
TRP CD1 NE1  sing Y N 279 
TRP CD1 HD1  sing N N 280 
TRP CD2 CE2  doub Y N 281 
TRP CD2 CE3  sing Y N 282 
TRP NE1 CE2  sing Y N 283 
TRP NE1 HE1  sing N N 284 
TRP CE2 CZ2  sing Y N 285 
TRP CE3 CZ3  doub Y N 286 
TRP CE3 HE3  sing N N 287 
TRP CZ2 CH2  doub Y N 288 
TRP CZ2 HZ2  sing N N 289 
TRP CZ3 CH2  sing Y N 290 
TRP CZ3 HZ3  sing N N 291 
TRP CH2 HH2  sing N N 292 
TRP OXT HXT  sing N N 293 
VAL N   CA   sing N N 294 
VAL N   H    sing N N 295 
VAL N   H2   sing N N 296 
VAL CA  C    sing N N 297 
VAL CA  CB   sing N N 298 
VAL CA  HA   sing N N 299 
VAL C   O    doub N N 300 
VAL C   OXT  sing N N 301 
VAL CB  CG1  sing N N 302 
VAL CB  CG2  sing N N 303 
VAL CB  HB   sing N N 304 
VAL CG1 HG11 sing N N 305 
VAL CG1 HG12 sing N N 306 
VAL CG1 HG13 sing N N 307 
VAL CG2 HG21 sing N N 308 
VAL CG2 HG22 sing N N 309 
VAL CG2 HG23 sing N N 310 
VAL OXT HXT  sing N N 311 
# 
_atom_sites.entry_id                    2D68 
_atom_sites.fract_transf_matrix[1][1]   0.01356324 
_atom_sites.fract_transf_matrix[1][2]   -0.01270148 
_atom_sites.fract_transf_matrix[1][3]   -0.00957320 
_atom_sites.fract_transf_matrix[2][1]   -0.00757188 
_atom_sites.fract_transf_matrix[2][2]   -0.00255686 
_atom_sites.fract_transf_matrix[2][3]   -0.00733541 
_atom_sites.fract_transf_matrix[3][1]   0.00816330 
_atom_sites.fract_transf_matrix[3][2]   0.02043749 
_atom_sites.fract_transf_matrix[3][3]   -0.01555025 
_atom_sites.fract_transf_vector[1]      0.240373 
_atom_sites.fract_transf_vector[2]      0.146087 
_atom_sites.fract_transf_vector[3]      0.599963 
# 
loop_
_atom_type.symbol 
C 
N 
O 
# 
loop_
_atom_site.group_PDB 
_atom_site.id 
_atom_site.type_symbol 
_atom_site.label_atom_id 
_atom_site.label_alt_id 
_atom_site.label_comp_id 
_atom_site.label_asym_id 
_atom_site.label_entity_id 
_atom_site.label_seq_id 
_atom_site.pdbx_PDB_ins_code 
_atom_site.Cartn_x 
_atom_site.Cartn_y 
_atom_site.Cartn_z 
_atom_site.occupancy 
_atom_site.B_iso_or_equiv 
_atom_site.pdbx_formal_charge 
_atom_site.auth_seq_id 
_atom_site.auth_comp_id 
_atom_site.auth_asym_id 
_atom_site.auth_atom_id 
_atom_site.pdbx_PDB_model_num 
ATOM   1    N N   . VAL A 1 5  ? 2.531   -5.387  20.385  1.00 30.08 ? 58  VAL A N   1 
ATOM   2    C CA  . VAL A 1 5  ? 2.648   -6.111  19.083  1.00 30.24 ? 58  VAL A CA  1 
ATOM   3    C C   . VAL A 1 5  ? 1.301   -6.634  18.557  1.00 29.84 ? 58  VAL A C   1 
ATOM   4    O O   . VAL A 1 5  ? 0.470   -7.169  19.310  1.00 30.30 ? 58  VAL A O   1 
ATOM   5    C CB  . VAL A 1 5  ? 3.694   -7.263  19.137  1.00 30.42 ? 58  VAL A CB  1 
ATOM   6    C CG1 . VAL A 1 5  ? 5.119   -6.704  19.285  1.00 30.65 ? 58  VAL A CG1 1 
ATOM   7    C CG2 . VAL A 1 5  ? 3.372   -8.262  20.259  1.00 31.27 ? 58  VAL A CG2 1 
ATOM   8    N N   . ASN A 1 6  ? 1.114   -6.470  17.249  1.00 28.84 ? 59  ASN A N   1 
ATOM   9    C CA  . ASN A 1 6  ? -0.097  -6.874  16.539  1.00 27.76 ? 59  ASN A CA  1 
ATOM   10   C C   . ASN A 1 6  ? 0.015   -8.316  16.005  1.00 27.73 ? 59  ASN A C   1 
ATOM   11   O O   . ASN A 1 6  ? 0.773   -8.570  15.074  1.00 27.53 ? 59  ASN A O   1 
ATOM   12   C CB  . ASN A 1 6  ? -0.308  -5.889  15.385  1.00 27.58 ? 59  ASN A CB  1 
ATOM   13   C CG  . ASN A 1 6  ? -1.675  -6.000  14.740  1.00 25.29 ? 59  ASN A CG  1 
ATOM   14   O OD1 . ASN A 1 6  ? -2.237  -7.096  14.575  1.00 22.19 ? 59  ASN A OD1 1 
ATOM   15   N ND2 . ASN A 1 6  ? -2.210  -4.852  14.342  1.00 22.68 ? 59  ASN A ND2 1 
ATOM   16   N N   . GLU A 1 7  ? -0.741  -9.248  16.589  1.00 27.30 ? 60  GLU A N   1 
ATOM   17   C CA  . GLU A 1 7  ? -0.626  -10.686 16.259  1.00 26.80 ? 60  GLU A CA  1 
ATOM   18   C C   . GLU A 1 7  ? -1.098  -11.083 14.848  1.00 25.65 ? 60  GLU A C   1 
ATOM   19   O O   . GLU A 1 7  ? -0.452  -11.905 14.172  1.00 25.78 ? 60  GLU A O   1 
ATOM   20   C CB  . GLU A 1 7  ? -1.301  -11.553 17.336  1.00 27.89 ? 60  GLU A CB  1 
ATOM   21   C CG  . GLU A 1 7  ? -0.928  -13.046 17.296  1.00 29.63 ? 60  GLU A CG  1 
ATOM   22   C CD  . GLU A 1 7  ? 0.582   -13.293 17.271  1.00 32.29 ? 60  GLU A CD  1 
ATOM   23   O OE1 . GLU A 1 7  ? 1.282   -12.894 18.230  1.00 34.52 ? 60  GLU A OE1 1 
ATOM   24   O OE2 . GLU A 1 7  ? 1.072   -13.892 16.289  1.00 31.55 ? 60  GLU A OE2 1 
ATOM   25   N N   . SER A 1 8  ? -2.216  -10.505 14.408  1.00 23.62 ? 61  SER A N   1 
ATOM   26   C CA  . SER A 1 8  ? -2.703  -10.689 13.045  1.00 21.50 ? 61  SER A CA  1 
ATOM   27   C C   . SER A 1 8  ? -1.641  -10.175 12.080  1.00 19.67 ? 61  SER A C   1 
ATOM   28   O O   . SER A 1 8  ? -1.308  -10.850 11.100  1.00 19.25 ? 61  SER A O   1 
ATOM   29   C CB  . SER A 1 8  ? -4.031  -9.951  12.836  1.00 21.97 ? 61  SER A CB  1 
ATOM   30   O OG  . SER A 1 8  ? -4.512  -10.081 11.498  1.00 23.23 ? 61  SER A OG  1 
ATOM   31   N N   . LEU A 1 9  ? -1.091  -8.998  12.374  1.00 16.90 ? 62  LEU A N   1 
ATOM   32   C CA  . LEU A 1 9  ? -0.020  -8.426  11.547  1.00 15.76 ? 62  LEU A CA  1 
ATOM   33   C C   . LEU A 1 9  ? 1.301   -9.202  11.612  1.00 15.60 ? 62  LEU A C   1 
ATOM   34   O O   . LEU A 1 9  ? 1.992   -9.365  10.591  1.00 14.93 ? 62  LEU A O   1 
ATOM   35   C CB  . LEU A 1 9  ? 0.210   -6.955  11.910  1.00 15.09 ? 62  LEU A CB  1 
ATOM   36   C CG  . LEU A 1 9  ? 1.238   -6.210  11.068  1.00 14.74 ? 62  LEU A CG  1 
ATOM   37   C CD1 . LEU A 1 9  ? 0.836   -6.107  9.599   1.00 13.12 ? 62  LEU A CD1 1 
ATOM   38   C CD2 . LEU A 1 9  ? 1.423   -4.837  11.663  1.00 15.63 ? 62  LEU A CD2 1 
ATOM   39   N N   . LYS A 1 10 ? 1.669   -9.658  12.811  1.00 15.07 ? 63  LYS A N   1 
ATOM   40   C CA  . LYS A 1 10 ? 2.869   -10.479 12.974  1.00 15.43 ? 63  LYS A CA  1 
ATOM   41   C C   . LYS A 1 10 ? 2.816   -11.724 12.087  1.00 14.86 ? 63  LYS A C   1 
ATOM   42   O O   . LYS A 1 10 ? 3.782   -12.026 11.379  1.00 15.33 ? 63  LYS A O   1 
ATOM   43   C CB  . LYS A 1 10 ? 3.035   -10.890 14.444  1.00 15.22 ? 63  LYS A CB  1 
ATOM   44   C CG  . LYS A 1 10 ? 4.222   -11.782 14.705  1.00 17.78 ? 63  LYS A CG  1 
ATOM   45   C CD  . LYS A 1 10 ? 4.308   -12.118 16.178  1.00 21.92 ? 63  LYS A CD  1 
ATOM   46   C CE  . LYS A 1 10 ? 5.422   -13.105 16.435  1.00 24.51 ? 63  LYS A CE  1 
ATOM   47   N NZ  . LYS A 1 10 ? 5.834   -13.064 17.859  1.00 27.09 ? 63  LYS A NZ  1 
ATOM   48   N N   . LYS A 1 11 ? 1.689   -12.438 12.123  1.00 15.08 ? 64  LYS A N   1 
ATOM   49   C CA  . LYS A 1 11 ? 1.529   -13.648 11.315  1.00 15.29 ? 64  LYS A CA  1 
ATOM   50   C C   . LYS A 1 11 ? 1.629   -13.281 9.829   1.00 14.87 ? 64  LYS A C   1 
ATOM   51   O O   . LYS A 1 11 ? 2.311   -13.955 9.056   1.00 14.53 ? 64  LYS A O   1 
ATOM   52   C CB  . LYS A 1 11 ? 0.211   -14.358 11.634  1.00 15.97 ? 64  LYS A CB  1 
ATOM   53   C CG  . LYS A 1 11 ? 0.203   -15.006 13.015  1.00 16.62 ? 64  LYS A CG  1 
ATOM   54   C CD  . LYS A 1 11 ? -1.083  -15.815 13.261  1.00 17.03 ? 64  LYS A CD  1 
ATOM   55   C CE  . LYS A 1 11 ? -1.100  -16.468 14.656  1.00 18.79 ? 64  LYS A CE  1 
ATOM   56   N NZ  . LYS A 1 11 ? 0.095   -17.319 14.889  1.00 21.88 ? 64  LYS A NZ  1 
ATOM   57   N N   . PHE A 1 12 ? 0.967   -12.185 9.460   1.00 13.99 ? 65  PHE A N   1 
ATOM   58   C CA  . PHE A 1 12 ? 0.966   -11.684 8.085   1.00 12.55 ? 65  PHE A CA  1 
ATOM   59   C C   . PHE A 1 12 ? 2.371   -11.382 7.583   1.00 12.48 ? 65  PHE A C   1 
ATOM   60   O O   . PHE A 1 12 ? 2.741   -11.747 6.458   1.00 11.86 ? 65  PHE A O   1 
ATOM   61   C CB  . PHE A 1 12 ? 0.100   -10.425 8.018   1.00 12.36 ? 65  PHE A CB  1 
ATOM   62   C CG  . PHE A 1 12 ? 0.009   -9.791  6.652   1.00 10.30 ? 65  PHE A CG  1 
ATOM   63   C CD1 . PHE A 1 12 ? -0.886  -10.274 5.702   1.00 11.32 ? 65  PHE A CD1 1 
ATOM   64   C CD2 . PHE A 1 12 ? 0.775   -8.671  6.341   1.00 11.00 ? 65  PHE A CD2 1 
ATOM   65   C CE1 . PHE A 1 12 ? -1.006  -9.672  4.452   1.00 10.94 ? 65  PHE A CE1 1 
ATOM   66   C CE2 . PHE A 1 12 ? 0.653   -8.061  5.092   1.00 10.18 ? 65  PHE A CE2 1 
ATOM   67   C CZ  . PHE A 1 12 ? -0.233  -8.570  4.147   1.00 11.63 ? 65  PHE A CZ  1 
ATOM   68   N N   . LEU A 1 13 ? 3.137   -10.674 8.405   1.00 12.77 ? 66  LEU A N   1 
ATOM   69   C CA  . LEU A 1 13 ? 4.508   -10.321 8.068   1.00 13.50 ? 66  LEU A CA  1 
ATOM   70   C C   . LEU A 1 13 ? 5.427   -11.530 7.941   1.00 13.93 ? 66  LEU A C   1 
ATOM   71   O O   . LEU A 1 13 ? 6.490   -11.428 7.316   1.00 14.98 ? 66  LEU A O   1 
ATOM   72   C CB  . LEU A 1 13 ? 5.071   -9.360  9.119   1.00 13.70 ? 66  LEU A CB  1 
ATOM   73   C CG  . LEU A 1 13 ? 4.458   -7.960  9.082   1.00 14.28 ? 66  LEU A CG  1 
ATOM   74   C CD1 . LEU A 1 13 ? 4.946   -7.172  10.282  1.00 15.35 ? 66  LEU A CD1 1 
ATOM   75   C CD2 . LEU A 1 13 ? 4.777   -7.237  7.777   1.00 15.65 ? 66  LEU A CD2 1 
ATOM   76   N N   . ASN A 1 14 ? 5.023   -12.655 8.543   1.00 13.87 ? 67  ASN A N   1 
ATOM   77   C CA  . ASN A 1 14 ? 5.791   -13.900 8.463   1.00 14.45 ? 67  ASN A CA  1 
ATOM   78   C C   . ASN A 1 14 ? 5.383   -14.789 7.270   1.00 14.14 ? 67  ASN A C   1 
ATOM   79   O O   . ASN A 1 14 ? 5.768   -15.964 7.195   1.00 15.04 ? 67  ASN A O   1 
ATOM   80   C CB  . ASN A 1 14 ? 5.675   -14.668 9.791   1.00 15.53 ? 67  ASN A CB  1 
ATOM   81   C CG  . ASN A 1 14 ? 6.762   -15.725 9.957   1.00 18.86 ? 67  ASN A CG  1 
ATOM   82   O OD1 . ASN A 1 14 ? 7.920   -15.514 9.571   1.00 22.59 ? 67  ASN A OD1 1 
ATOM   83   N ND2 . ASN A 1 14 ? 6.393   -16.868 10.545  1.00 22.54 ? 67  ASN A ND2 1 
ATOM   84   N N   . THR A 1 15 ? 4.595   -14.228 6.353   1.00 12.87 ? 68  THR A N   1 
ATOM   85   C CA  . THR A 1 15 ? 4.249   -14.889 5.091   1.00 12.36 ? 68  THR A CA  1 
ATOM   86   C C   . THR A 1 15 ? 5.026   -14.215 3.957   1.00 12.28 ? 68  THR A C   1 
ATOM   87   O O   . THR A 1 15 ? 5.406   -13.026 4.056   1.00 11.89 ? 68  THR A O   1 
ATOM   88   C CB  . THR A 1 15 ? 2.730   -14.844 4.792   1.00 12.57 ? 68  THR A CB  1 
ATOM   89   O OG1 . THR A 1 15 ? 2.325   -13.489 4.561   1.00 13.16 ? 68  THR A OG1 1 
ATOM   90   C CG2 . THR A 1 15 ? 1.903   -15.405 5.953   1.00 12.24 ? 68  THR A CG2 1 
ATOM   91   N N   . LYS A 1 16 ? 5.269   -14.968 2.885   1.00 12.00 ? 69  LYS A N   1 
ATOM   92   C CA  . LYS A 1 16 ? 5.973   -14.419 1.717   1.00 12.57 ? 69  LYS A CA  1 
ATOM   93   C C   . LYS A 1 16 ? 5.228   -13.215 1.136   1.00 12.20 ? 69  LYS A C   1 
ATOM   94   O O   . LYS A 1 16 ? 5.793   -12.117 0.973   1.00 13.10 ? 69  LYS A O   1 
ATOM   95   C CB  . LYS A 1 16 ? 6.087   -15.485 0.633   1.00 99.99 ? 69  LYS A CB  1 
ATOM   96   C CG  . LYS A 1 16 ? 7.062   -15.017 -0.441  1.00 99.99 ? 69  LYS A CG  1 
ATOM   97   C CD  . LYS A 1 16 ? 7.082   -16.025 -1.585  1.00 99.99 ? 69  LYS A CD  1 
ATOM   98   N N   . ASP A 1 17 ? 3.951   -13.411 0.841   1.00 11.68 ? 70  ASP A N   1 
ATOM   99   C CA  . ASP A 1 17 ? 3.171   -12.333 0.218   1.00 11.18 ? 70  ASP A CA  1 
ATOM   100  C C   . ASP A 1 17 ? 2.980   -11.173 1.192   1.00 10.74 ? 70  ASP A C   1 
ATOM   101  O O   . ASP A 1 17 ? 3.007   -10.005 0.790   1.00 9.83  ? 70  ASP A O   1 
ATOM   102  C CB  . ASP A 1 17 ? 1.829   -12.851 -0.291  1.00 11.95 ? 70  ASP A CB  1 
ATOM   103  C CG  . ASP A 1 17 ? 1.945   -13.627 -1.577  1.00 14.39 ? 70  ASP A CG  1 
ATOM   104  O OD1 . ASP A 1 17 ? 3.029   -13.645 -2.191  1.00 17.95 ? 70  ASP A OD1 1 
ATOM   105  O OD2 . ASP A 1 17 ? 0.924   -14.210 -1.982  1.00 15.26 ? 70  ASP A OD2 1 
ATOM   106  N N   . GLY A 1 18 ? 2.839   -11.488 2.478   1.00 10.50 ? 71  GLY A N   1 
ATOM   107  C CA  . GLY A 1 18 ? 2.660   -10.446 3.500   1.00 10.06 ? 71  GLY A CA  1 
ATOM   108  C C   . GLY A 1 18 ? 3.839   -9.492  3.600   1.00 10.22 ? 71  GLY A C   1 
ATOM   109  O O   . GLY A 1 18 ? 3.666   -8.258  3.665   1.00 10.00 ? 71  GLY A O   1 
ATOM   110  N N   . ARG A 1 19 ? 5.041   -10.057 3.590   1.00 9.69  ? 72  ARG A N   1 
ATOM   111  C CA  . ARG A 1 19 ? 6.241   -9.236  3.625   1.00 10.66 ? 72  ARG A CA  1 
ATOM   112  C C   . ARG A 1 19 ? 6.316   -8.348  2.387   1.00 10.31 ? 72  ARG A C   1 
ATOM   113  O O   . ARG A 1 19 ? 6.673   -7.171  2.494   1.00 10.31 ? 72  ARG A O   1 
ATOM   114  C CB  . ARG A 1 19 ? 7.499   -10.093 3.726   1.00 12.00 ? 72  ARG A CB  1 
ATOM   115  C CG  . ARG A 1 19 ? 8.744   -9.243  3.798   1.00 13.53 ? 72  ARG A CG  1 
ATOM   116  C CD  . ARG A 1 19 ? 9.972   -10.056 4.163   1.00 19.23 ? 72  ARG A CD  1 
ATOM   117  N NE  . ARG A 1 19 ? 11.204  -9.263  4.066   1.00 21.42 ? 72  ARG A NE  1 
ATOM   118  C CZ  . ARG A 1 19 ? 11.626  -8.410  5.000   1.00 24.20 ? 72  ARG A CZ  1 
ATOM   119  N NH1 . ARG A 1 19 ? 10.915  -8.207  6.107   1.00 24.43 ? 72  ARG A NH1 1 
ATOM   120  N NH2 . ARG A 1 19 ? 12.758  -7.742  4.820   1.00 24.51 ? 72  ARG A NH2 1 
ATOM   121  N N   . LEU A 1 20 ? 5.965   -8.901  1.225   1.00 10.19 ? 73  LEU A N   1 
ATOM   122  C CA  . LEU A 1 20 ? 5.969   -8.096  -0.009  1.00 9.93  ? 73  LEU A CA  1 
ATOM   123  C C   . LEU A 1 20 ? 4.970   -6.932  0.097   1.00 9.87  ? 73  LEU A C   1 
ATOM   124  O O   . LEU A 1 20 ? 5.296   -5.774  -0.257  1.00 10.15 ? 73  LEU A O   1 
ATOM   125  C CB  . LEU A 1 20 ? 5.638   -8.956  -1.228  1.00 10.51 ? 73  LEU A CB  1 
ATOM   126  C CG  . LEU A 1 20 ? 6.727   -9.937  -1.625  1.00 12.07 ? 73  LEU A CG  1 
ATOM   127  C CD1 . LEU A 1 20 ? 6.130   -10.835 -2.678  1.00 13.41 ? 73  LEU A CD1 1 
ATOM   128  C CD2 . LEU A 1 20 ? 7.963   -9.233  -2.167  1.00 15.32 ? 73  LEU A CD2 1 
ATOM   129  N N   . VAL A 1 21 ? 3.769   -7.231  0.594   1.00 8.75  ? 74  VAL A N   1 
ATOM   130  C CA  . VAL A 1 21 ? 2.738   -6.187  0.746   1.00 9.15  ? 74  VAL A CA  1 
ATOM   131  C C   . VAL A 1 21 ? 3.234   -5.076  1.673   1.00 9.09  ? 74  VAL A C   1 
ATOM   132  O O   . VAL A 1 21 ? 3.169   -3.888  1.330   1.00 8.90  ? 74  VAL A O   1 
ATOM   133  C CB  . VAL A 1 21 ? 1.404   -6.762  1.264   1.00 9.06  ? 74  VAL A CB  1 
ATOM   134  C CG1 . VAL A 1 21 ? 0.462   -5.643  1.663   1.00 9.01  ? 74  VAL A CG1 1 
ATOM   135  C CG2 . VAL A 1 21 ? 0.769   -7.689  0.183   1.00 9.45  ? 74  VAL A CG2 1 
ATOM   136  N N   . ALA A 1 22 ? 3.748   -5.446  2.846   1.00 9.29  ? 75  ALA A N   1 
ATOM   137  C CA  . ALA A 1 22 ? 4.206   -4.433  3.803   1.00 9.65  ? 75  ALA A CA  1 
ATOM   138  C C   . ALA A 1 22 ? 5.364   -3.614  3.223   1.00 9.84  ? 75  ALA A C   1 
ATOM   139  O O   . ALA A 1 22 ? 5.416   -2.385  3.413   1.00 9.19  ? 75  ALA A O   1 
ATOM   140  C CB  . ALA A 1 22 ? 4.611   -5.075  5.130   1.00 10.76 ? 75  ALA A CB  1 
ATOM   141  N N   . SER A 1 23 ? 6.252   -4.285  2.486   1.00 9.35  ? 76  SER A N   1 
ATOM   142  C CA  . SER A 1 23 ? 7.399   -3.591  1.863   1.00 9.96  ? 76  SER A CA  1 
ATOM   143  C C   . SER A 1 23 ? 6.919   -2.592  0.806   1.00 8.71  ? 76  SER A C   1 
ATOM   144  O O   . SER A 1 23 ? 7.465   -1.484  0.694   1.00 10.08 ? 76  SER A O   1 
ATOM   145  C CB  . SER A 1 23 ? 8.356   -4.609  1.270   1.00 10.67 ? 76  SER A CB  1 
ATOM   146  O OG  . SER A 1 23 ? 8.923   -5.385  2.329   1.00 12.45 ? 76  SER A OG  1 
ATOM   147  N N   . LEU A 1 24 ? 5.878   -2.963  0.064   1.00 8.36  ? 77  LEU A N   1 
ATOM   148  C CA  . LEU A 1 24 ? 5.263   -2.050  -0.909  1.00 8.39  ? 77  LEU A CA  1 
ATOM   149  C C   . LEU A 1 24 ? 4.613   -0.830  -0.254  1.00 7.50  ? 77  LEU A C   1 
ATOM   150  O O   . LEU A 1 24 ? 4.728   0.274   -0.763  1.00 7.71  ? 77  LEU A O   1 
ATOM   151  C CB  . LEU A 1 24 ? 4.247   -2.791  -1.769  1.00 8.36  ? 77  LEU A CB  1 
ATOM   152  C CG  . LEU A 1 24 ? 4.901   -3.588  -2.892  1.00 10.31 ? 77  LEU A CG  1 
ATOM   153  C CD1 . LEU A 1 24 ? 3.968   -4.645  -3.397  1.00 11.21 ? 77  LEU A CD1 1 
ATOM   154  C CD2 . LEU A 1 24 ? 5.314   -2.643  -4.022  1.00 10.97 ? 77  LEU A CD2 1 
ATOM   155  N N   . VAL A 1 25 ? 3.939   -1.034  0.878   1.00 7.95  ? 78  VAL A N   1 
ATOM   156  C CA  . VAL A 1 25 ? 3.339   0.082   1.626   1.00 7.14  ? 78  VAL A CA  1 
ATOM   157  C C   . VAL A 1 25 ? 4.439   1.031   2.116   1.00 7.78  ? 78  VAL A C   1 
ATOM   158  O O   . VAL A 1 25 ? 4.364   2.244   1.890   1.00 8.00  ? 78  VAL A O   1 
ATOM   159  C CB  . VAL A 1 25 ? 2.462   -0.456  2.779   1.00 7.51  ? 78  VAL A CB  1 
ATOM   160  C CG1 . VAL A 1 25 ? 2.071   0.663   3.735   1.00 8.22  ? 78  VAL A CG1 1 
ATOM   161  C CG2 . VAL A 1 25 ? 1.210   -1.112  2.190   1.00 7.77  ? 78  VAL A CG2 1 
ATOM   162  N N   . ALA A 1 26 ? 5.476   0.483   2.762   1.00 7.90  ? 79  ALA A N   1 
ATOM   163  C CA  . ALA A 1 26 ? 6.587   1.310   3.222   1.00 8.79  ? 79  ALA A CA  1 
ATOM   164  C C   . ALA A 1 26 ? 7.270   2.056   2.069   1.00 8.33  ? 79  ALA A C   1 
ATOM   165  O O   . ALA A 1 26 ? 7.598   3.241   2.200   1.00 9.27  ? 79  ALA A O   1 
ATOM   166  C CB  . ALA A 1 26 ? 7.578   0.465   3.993   1.00 9.00  ? 79  ALA A CB  1 
ATOM   167  N N   . GLU A 1 27 ? 7.451   1.383   0.928   1.00 8.82  ? 80  GLU A N   1 
ATOM   168  C CA  . GLU A 1 27 ? 8.091   2.048   -0.224  1.00 9.36  ? 80  GLU A CA  1 
ATOM   169  C C   . GLU A 1 27 ? 7.210   3.195   -0.739  1.00 9.16  ? 80  GLU A C   1 
ATOM   170  O O   . GLU A 1 27 ? 7.722   4.224   -1.174  1.00 9.10  ? 80  GLU A O   1 
ATOM   171  C CB  . GLU A 1 27 ? 8.424   1.058   -1.342  1.00 10.32 ? 80  GLU A CB  1 
ATOM   172  C CG  . GLU A 1 27 ? 9.384   1.592   -2.413  1.00 11.18 ? 80  GLU A CG  1 
ATOM   173  C CD  . GLU A 1 27 ? 8.700   2.362   -3.543  1.00 13.46 ? 80  GLU A CD  1 
ATOM   174  O OE1 . GLU A 1 27 ? 7.581   1.989   -3.927  1.00 12.82 ? 80  GLU A OE1 1 
ATOM   175  O OE2 . GLU A 1 27 ? 9.309   3.330   -4.053  1.00 13.93 ? 80  GLU A OE2 1 
ATOM   176  N N   . PHE A 1 28 ? 5.890   3.016   -0.696  1.00 8.15  ? 81  PHE A N   1 
ATOM   177  C CA  . PHE A 1 28 ? 4.976   4.090   -1.100  1.00 7.55  ? 81  PHE A CA  1 
ATOM   178  C C   . PHE A 1 28 ? 5.166   5.310   -0.193  1.00 7.65  ? 81  PHE A C   1 
ATOM   179  O O   . PHE A 1 28 ? 5.264   6.440   -0.669  1.00 9.29  ? 81  PHE A O   1 
ATOM   180  C CB  . PHE A 1 28 ? 3.521   3.585   -1.058  1.00 8.36  ? 81  PHE A CB  1 
ATOM   181  C CG  . PHE A 1 28 ? 2.500   4.667   -1.245  1.00 8.41  ? 81  PHE A CG  1 
ATOM   182  C CD1 . PHE A 1 28 ? 2.010   4.972   -2.514  1.00 10.26 ? 81  PHE A CD1 1 
ATOM   183  C CD2 . PHE A 1 28 ? 2.017   5.388   -0.150  1.00 8.87  ? 81  PHE A CD2 1 
ATOM   184  C CE1 . PHE A 1 28 ? 1.058   5.998   -2.683  1.00 11.74 ? 81  PHE A CE1 1 
ATOM   185  C CE2 . PHE A 1 28 ? 1.075   6.405   -0.312  1.00 8.89  ? 81  PHE A CE2 1 
ATOM   186  C CZ  . PHE A 1 28 ? 0.583   6.703   -1.562  1.00 10.27 ? 81  PHE A CZ  1 
ATOM   187  N N   . LEU A 1 29 ? 5.232   5.064   1.114   1.00 7.72  ? 82  LEU A N   1 
ATOM   188  C CA  . LEU A 1 29 ? 5.383   6.151   2.080   1.00 8.50  ? 82  LEU A CA  1 
ATOM   189  C C   . LEU A 1 29 ? 6.692   6.882   1.849   1.00 9.53  ? 82  LEU A C   1 
ATOM   190  O O   . LEU A 1 29 ? 6.742   8.113   1.869   1.00 10.18 ? 82  LEU A O   1 
ATOM   191  C CB  . LEU A 1 29 ? 5.306   5.596   3.504   1.00 8.82  ? 82  LEU A CB  1 
ATOM   192  C CG  . LEU A 1 29 ? 3.977   4.939   3.902   1.00 8.23  ? 82  LEU A CG  1 
ATOM   193  C CD1 . LEU A 1 29 ? 4.136   4.340   5.315   1.00 11.13 ? 82  LEU A CD1 1 
ATOM   194  C CD2 . LEU A 1 29 ? 2.821   5.936   3.840   1.00 10.33 ? 82  LEU A CD2 1 
ATOM   195  N N   . GLN A 1 30 ? 7.749   6.115   1.592   1.00 9.37  ? 83  GLN A N   1 
ATOM   196  C CA  . GLN A 1 30 ? 9.065   6.696   1.338   1.00 11.44 ? 83  GLN A CA  1 
ATOM   197  C C   . GLN A 1 30 ? 9.046   7.521   0.071   1.00 10.69 ? 83  GLN A C   1 
ATOM   198  O O   . GLN A 1 30 ? 9.630   8.609   0.026   1.00 11.08 ? 83  GLN A O   1 
ATOM   199  C CB  . GLN A 1 30 ? 10.103  5.582   1.198   1.00 11.99 ? 83  GLN A CB  1 
ATOM   200  C CG  . GLN A 1 30 ? 10.407  4.893   2.506   1.00 16.05 ? 83  GLN A CG  1 
ATOM   201  C CD  . GLN A 1 30 ? 11.615  3.971   2.470   1.00 17.35 ? 83  GLN A CD  1 
ATOM   202  O OE1 . GLN A 1 30 ? 12.555  4.156   1.683   1.00 27.67 ? 83  GLN A OE1 1 
ATOM   203  N NE2 . GLN A 1 30 ? 11.626  2.997   3.376   1.00 24.18 ? 83  GLN A NE2 1 
ATOM   204  N N   . PHE A 1 31 ? 8.372   7.016   -0.960  1.00 10.06 ? 84  PHE A N   1 
ATOM   205  C CA  . PHE A 1 31 ? 8.392   7.665   -2.260  1.00 10.34 ? 84  PHE A CA  1 
ATOM   206  C C   . PHE A 1 31 ? 7.810   9.074   -2.204  1.00 10.71 ? 84  PHE A C   1 
ATOM   207  O O   . PHE A 1 31 ? 8.296   9.985   -2.886  1.00 11.39 ? 84  PHE A O   1 
ATOM   208  C CB  . PHE A 1 31 ? 7.646   6.837   -3.303  1.00 10.60 ? 84  PHE A CB  1 
ATOM   209  C CG  . PHE A 1 31 ? 7.825   7.352   -4.689  1.00 10.66 ? 84  PHE A CG  1 
ATOM   210  C CD1 . PHE A 1 31 ? 8.911   6.933   -5.462  1.00 11.92 ? 84  PHE A CD1 1 
ATOM   211  C CD2 . PHE A 1 31 ? 6.942   8.295   -5.215  1.00 10.57 ? 84  PHE A CD2 1 
ATOM   212  C CE1 . PHE A 1 31 ? 9.091   7.421   -6.740  1.00 12.21 ? 84  PHE A CE1 1 
ATOM   213  C CE2 . PHE A 1 31 ? 7.129   8.815   -6.487  1.00 12.75 ? 84  PHE A CE2 1 
ATOM   214  C CZ  . PHE A 1 31 ? 8.204   8.377   -7.259  1.00 12.59 ? 84  PHE A CZ  1 
ATOM   215  N N   . PHE A 1 32 ? 6.781   9.250   -1.385  1.00 10.50 ? 85  PHE A N   1 
ATOM   216  C CA  . PHE A 1 32 ? 6.131   10.563  -1.265  1.00 10.92 ? 85  PHE A CA  1 
ATOM   217  C C   . PHE A 1 32 ? 6.584   11.333  -0.025  1.00 11.16 ? 85  PHE A C   1 
ATOM   218  O O   . PHE A 1 32 ? 5.932   12.302  0.379   1.00 11.34 ? 85  PHE A O   1 
ATOM   219  C CB  . PHE A 1 32 ? 4.605   10.421  -1.355  1.00 11.56 ? 85  PHE A CB  1 
ATOM   220  C CG  . PHE A 1 32 ? 4.116   10.060  -2.731  1.00 12.27 ? 85  PHE A CG  1 
ATOM   221  C CD1 . PHE A 1 32 ? 4.198   10.987  -3.775  1.00 11.24 ? 85  PHE A CD1 1 
ATOM   222  C CD2 . PHE A 1 32 ? 3.630   8.782   -3.003  1.00 11.53 ? 85  PHE A CD2 1 
ATOM   223  C CE1 . PHE A 1 32 ? 3.772   10.661  -5.053  1.00 13.51 ? 85  PHE A CE1 1 
ATOM   224  C CE2 . PHE A 1 32 ? 3.194   8.445   -4.294  1.00 12.17 ? 85  PHE A CE2 1 
ATOM   225  C CZ  . PHE A 1 32 ? 3.276   9.389   -5.317  1.00 13.29 ? 85  PHE A CZ  1 
ATOM   226  N N   . ASN A 1 33 ? 7.718   10.912  0.545   1.00 11.23 ? 86  ASN A N   1 
ATOM   227  C CA  . ASN A 1 33 ? 8.302   11.587  1.716   1.00 12.14 ? 86  ASN A CA  1 
ATOM   228  C C   . ASN A 1 33 ? 7.275   11.792  2.822   1.00 12.16 ? 86  ASN A C   1 
ATOM   229  O O   . ASN A 1 33 ? 7.179   12.877  3.435   1.00 12.40 ? 86  ASN A O   1 
ATOM   230  C CB  . ASN A 1 33 ? 8.916   12.931  1.318   1.00 12.51 ? 86  ASN A CB  1 
ATOM   231  C CG  . ASN A 1 33 ? 9.971   12.781  0.255   1.00 15.49 ? 86  ASN A CG  1 
ATOM   232  O OD1 . ASN A 1 33 ? 9.863   13.355  -0.830  1.00 21.48 ? 86  ASN A OD1 1 
ATOM   233  N ND2 . ASN A 1 33 ? 10.984  11.987  0.546   1.00 16.40 ? 86  ASN A ND2 1 
ATOM   234  N N   . LEU A 1 34 ? 6.522   10.729  3.092   1.00 11.49 ? 87  LEU A N   1 
ATOM   235  C CA  . LEU A 1 34 ? 5.501   10.774  4.130   1.00 10.39 ? 87  LEU A CA  1 
ATOM   236  C C   . LEU A 1 34 ? 6.183   10.382  5.439   1.00 11.14 ? 87  LEU A C   1 
ATOM   237  O O   . LEU A 1 34 ? 5.958   9.311   6.010   1.00 11.00 ? 87  LEU A O   1 
ATOM   238  C CB  . LEU A 1 34 ? 4.293   9.903   3.762   1.00 10.48 ? 87  LEU A CB  1 
ATOM   239  C CG  . LEU A 1 34 ? 3.607   10.349  2.465   1.00 10.16 ? 87  LEU A CG  1 
ATOM   240  C CD1 . LEU A 1 34 ? 2.576   9.333   1.964   1.00 10.89 ? 87  LEU A CD1 1 
ATOM   241  C CD2 . LEU A 1 34 ? 2.930   11.691  2.637   1.00 11.61 ? 87  LEU A CD2 1 
ATOM   242  N N   . ASP A 1 35 ? 7.053   11.282  5.886   1.00 11.63 ? 88  ASP A N   1 
ATOM   243  C CA  . ASP A 1 35 ? 8.000   10.954  6.933   1.00 12.57 ? 88  ASP A CA  1 
ATOM   244  C C   . ASP A 1 35 ? 7.378   10.882  8.313   1.00 12.00 ? 88  ASP A C   1 
ATOM   245  O O   . ASP A 1 35 ? 7.811   10.076  9.138   1.00 12.23 ? 88  ASP A O   1 
ATOM   246  C CB  . ASP A 1 35 ? 9.196   11.898  6.879   1.00 14.01 ? 88  ASP A CB  1 
ATOM   247  C CG  . ASP A 1 35 ? 9.937   11.793  5.554   1.00 18.27 ? 88  ASP A CG  1 
ATOM   248  O OD1 . ASP A 1 35 ? 10.316  10.664  5.180   1.00 21.04 ? 88  ASP A OD1 1 
ATOM   249  O OD2 . ASP A 1 35 ? 10.107  12.833  4.883   1.00 24.26 ? 88  ASP A OD2 1 
ATOM   250  N N   . PHE A 1 36 ? 6.363   11.703  8.559   1.00 11.77 ? 89  PHE A N   1 
ATOM   251  C CA  . PHE A 1 36 ? 5.662   11.602  9.840   1.00 11.94 ? 89  PHE A CA  1 
ATOM   252  C C   . PHE A 1 36 ? 4.874   10.301  9.910   1.00 11.26 ? 89  PHE A C   1 
ATOM   253  O O   . PHE A 1 36 ? 4.839   9.642   10.955  1.00 11.58 ? 89  PHE A O   1 
ATOM   254  C CB  . PHE A 1 36 ? 4.790   12.836  10.094  1.00 12.22 ? 89  PHE A CB  1 
ATOM   255  C CG  . PHE A 1 36 ? 5.594   14.079  10.350  1.00 12.94 ? 89  PHE A CG  1 
ATOM   256  C CD1 . PHE A 1 36 ? 6.391   14.182  11.497  1.00 14.74 ? 89  PHE A CD1 1 
ATOM   257  C CD2 . PHE A 1 36 ? 5.585   15.123  9.446   1.00 15.95 ? 89  PHE A CD2 1 
ATOM   258  C CE1 . PHE A 1 36 ? 7.162   15.325  11.727  1.00 14.77 ? 89  PHE A CE1 1 
ATOM   259  C CE2 . PHE A 1 36 ? 6.344   16.281  9.673   1.00 16.05 ? 89  PHE A CE2 1 
ATOM   260  C CZ  . PHE A 1 36 ? 7.140   16.378  10.808  1.00 15.00 ? 89  PHE A CZ  1 
ATOM   261  N N   . THR A 1 37 ? 4.275   9.909   8.780   1.00 11.10 ? 90  THR A N   1 
ATOM   262  C CA  . THR A 1 37 ? 3.571   8.634   8.715   1.00 10.55 ? 90  THR A CA  1 
ATOM   263  C C   . THR A 1 37 ? 4.531   7.481   8.972   1.00 10.30 ? 90  THR A C   1 
ATOM   264  O O   . THR A 1 37 ? 4.205   6.562   9.740   1.00 10.84 ? 90  THR A O   1 
ATOM   265  C CB  . THR A 1 37 ? 2.843   8.463   7.364   1.00 9.83  ? 90  THR A CB  1 
ATOM   266  O OG1 . THR A 1 37 ? 1.925   9.543   7.212   1.00 9.77  ? 90  THR A OG1 1 
ATOM   267  C CG2 . THR A 1 37 ? 2.073   7.142   7.332   1.00 11.08 ? 90  THR A CG2 1 
ATOM   268  N N   . LEU A 1 38 ? 5.715   7.542   8.362   1.00 10.49 ? 91  LEU A N   1 
ATOM   269  C CA  . LEU A 1 38 ? 6.721   6.513   8.585   1.00 11.19 ? 91  LEU A CA  1 
ATOM   270  C C   . LEU A 1 38 ? 7.143   6.432   10.046  1.00 10.60 ? 91  LEU A C   1 
ATOM   271  O O   . LEU A 1 38 ? 7.397   5.329   10.548  1.00 12.22 ? 91  LEU A O   1 
ATOM   272  C CB  . LEU A 1 38 ? 7.933   6.738   7.673   1.00 11.87 ? 91  LEU A CB  1 
ATOM   273  C CG  . LEU A 1 38 ? 7.732   6.269   6.226   1.00 13.33 ? 91  LEU A CG  1 
ATOM   274  C CD1 . LEU A 1 38 ? 8.773   6.917   5.332   1.00 15.23 ? 91  LEU A CD1 1 
ATOM   275  C CD2 . LEU A 1 38 ? 7.803   4.742   6.113   1.00 14.17 ? 91  LEU A CD2 1 
ATOM   276  N N   . ALA A 1 39 ? 7.209   7.585   10.720  1.00 11.29 ? 92  ALA A N   1 
ATOM   277  C CA  . ALA A 1 39 ? 7.639   7.636   12.121  1.00 11.95 ? 92  ALA A CA  1 
ATOM   278  C C   . ALA A 1 39 ? 6.704   6.858   13.047  1.00 12.27 ? 92  ALA A C   1 
ATOM   279  O O   . ALA A 1 39 ? 7.135   6.334   14.085  1.00 12.86 ? 92  ALA A O   1 
ATOM   280  C CB  . ALA A 1 39 ? 7.772   9.082   12.581  1.00 11.26 ? 92  ALA A CB  1 
ATOM   281  N N   . VAL A 1 40 ? 5.423   6.799   12.674  1.00 11.81 ? 93  VAL A N   1 
ATOM   282  C CA  . VAL A 1 40 ? 4.434   6.019   13.412  1.00 11.60 ? 93  VAL A CA  1 
ATOM   283  C C   . VAL A 1 40 ? 4.292   4.588   12.870  1.00 11.70 ? 93  VAL A C   1 
ATOM   284  O O   . VAL A 1 40 ? 4.113   3.645   13.641  1.00 12.07 ? 93  VAL A O   1 
ATOM   285  C CB  . VAL A 1 40 ? 3.074   6.731   13.445  1.00 12.34 ? 93  VAL A CB  1 
ATOM   286  C CG1 . VAL A 1 40 ? 2.054   5.898   14.174  1.00 13.54 ? 93  VAL A CG1 1 
ATOM   287  C CG2 . VAL A 1 40 ? 3.206   8.104   14.133  1.00 13.07 ? 93  VAL A CG2 1 
ATOM   288  N N   . PHE A 1 41 ? 4.395   4.441   11.553  1.00 10.97 ? 94  PHE A N   1 
ATOM   289  C CA  . PHE A 1 41 ? 4.281   3.139   10.898  1.00 12.28 ? 94  PHE A CA  1 
ATOM   290  C C   . PHE A 1 41 ? 5.298   2.139   11.440  1.00 12.61 ? 94  PHE A C   1 
ATOM   291  O O   . PHE A 1 41 ? 4.944   1.004   11.755  1.00 12.69 ? 94  PHE A O   1 
ATOM   292  C CB  . PHE A 1 41 ? 4.458   3.322   9.387   1.00 11.77 ? 94  PHE A CB  1 
ATOM   293  C CG  . PHE A 1 41 ? 4.400   2.048   8.589   1.00 12.66 ? 94  PHE A CG  1 
ATOM   294  C CD1 . PHE A 1 41 ? 3.182   1.504   8.190   1.00 13.82 ? 94  PHE A CD1 1 
ATOM   295  C CD2 . PHE A 1 41 ? 5.584   1.429   8.186   1.00 13.65 ? 94  PHE A CD2 1 
ATOM   296  C CE1 . PHE A 1 41 ? 3.148   0.319   7.417   1.00 15.57 ? 94  PHE A CE1 1 
ATOM   297  C CE2 . PHE A 1 41 ? 5.558   0.253   7.435   1.00 13.82 ? 94  PHE A CE2 1 
ATOM   298  C CZ  . PHE A 1 41 ? 4.343   -0.290  7.046   1.00 13.55 ? 94  PHE A CZ  1 
ATOM   299  N N   . GLN A 1 42 ? 6.550   2.577   11.561  1.00 13.30 ? 95  GLN A N   1 
ATOM   300  C CA  . GLN A 1 42 ? 7.628   1.721   12.016  1.00 15.33 ? 95  GLN A CA  1 
ATOM   301  C C   . GLN A 1 42 ? 7.328   1.091   13.407  1.00 14.69 ? 95  GLN A C   1 
ATOM   302  O O   . GLN A 1 42 ? 7.245   -0.139  13.523  1.00 16.26 ? 95  GLN A O   1 
ATOM   303  C CB  . GLN A 1 42 ? 8.978   2.453   11.890  1.00 14.77 ? 95  GLN A CB  1 
ATOM   304  C CG  . GLN A 1 42 ? 9.383   2.609   10.397  1.00 17.19 ? 95  GLN A CG  1 
ATOM   305  C CD  . GLN A 1 42 ? 10.309  3.785   10.050  1.00 17.89 ? 95  GLN A CD  1 
ATOM   306  O OE1 . GLN A 1 42 ? 10.624  3.991   8.871   1.00 23.40 ? 95  GLN A OE1 1 
ATOM   307  N NE2 . GLN A 1 42 ? 10.721  4.563   11.042  1.00 19.83 ? 95  GLN A NE2 1 
ATOM   308  N N   . PRO A 1 43 ? 7.097   1.910   14.448  1.00 14.46 ? 96  PRO A N   1 
ATOM   309  C CA  . PRO A 1 43 ? 6.729   1.268   15.715  1.00 13.99 ? 96  PRO A CA  1 
ATOM   310  C C   . PRO A 1 43 ? 5.368   0.568   15.759  1.00 13.92 ? 96  PRO A C   1 
ATOM   311  O O   . PRO A 1 43 ? 5.230   -0.428  16.481  1.00 15.17 ? 96  PRO A O   1 
ATOM   312  C CB  . PRO A 1 43 ? 6.778   2.419   16.731  1.00 14.00 ? 96  PRO A CB  1 
ATOM   313  C CG  . PRO A 1 43 ? 6.596   3.666   15.914  1.00 13.84 ? 96  PRO A CG  1 
ATOM   314  C CD  . PRO A 1 43 ? 7.212   3.373   14.580  1.00 14.30 ? 96  PRO A CD  1 
ATOM   315  N N   . GLU A 1 44 ? 4.371   1.055   15.017  1.00 13.33 ? 97  GLU A N   1 
ATOM   316  C CA  . GLU A 1 44 ? 3.038   0.473   15.138  1.00 13.22 ? 97  GLU A CA  1 
ATOM   317  C C   . GLU A 1 44 ? 3.026   -0.920  14.512  1.00 13.29 ? 97  GLU A C   1 
ATOM   318  O O   . GLU A 1 44 ? 2.243   -1.790  14.932  1.00 13.98 ? 97  GLU A O   1 
ATOM   319  C CB  . GLU A 1 44 ? 1.941   1.378   14.546  1.00 13.06 ? 97  GLU A CB  1 
ATOM   320  C CG  . GLU A 1 44 ? 0.529   1.064   15.082  1.00 12.84 ? 97  GLU A CG  1 
ATOM   321  C CD  . GLU A 1 44 ? -0.527  2.064   14.672  1.00 13.04 ? 97  GLU A CD  1 
ATOM   322  O OE1 . GLU A 1 44 ? -0.422  2.643   13.567  1.00 13.08 ? 97  GLU A OE1 1 
ATOM   323  O OE2 . GLU A 1 44 ? -1.481  2.267   15.451  1.00 15.67 ? 97  GLU A OE2 1 
ATOM   324  N N   . THR A 1 45 ? 3.895   -1.132  13.522  1.00 13.35 ? 98  THR A N   1 
ATOM   325  C CA  . THR A 1 45 ? 3.981   -2.431  12.826  1.00 14.44 ? 98  THR A CA  1 
ATOM   326  C C   . THR A 1 45 ? 5.106   -3.344  13.323  1.00 16.13 ? 98  THR A C   1 
ATOM   327  O O   . THR A 1 45 ? 5.233   -4.491  12.869  1.00 16.74 ? 98  THR A O   1 
ATOM   328  C CB  . THR A 1 45 ? 4.204   -2.246  11.315  1.00 13.81 ? 98  THR A CB  1 
ATOM   329  O OG1 . THR A 1 45 ? 5.461   -1.584  11.108  1.00 12.20 ? 98  THR A OG1 1 
ATOM   330  C CG2 . THR A 1 45 ? 3.080   -1.422  10.679  1.00 14.22 ? 98  THR A CG2 1 
ATOM   331  N N   . SER A 1 46 ? 5.927   -2.829  14.237  1.00 17.73 ? 99  SER A N   1 
ATOM   332  C CA  . SER A 1 46 ? 7.124   -3.533  14.712  1.00 19.74 ? 99  SER A CA  1 
ATOM   333  C C   . SER A 1 46 ? 8.087   -3.896  13.571  1.00 21.14 ? 99  SER A C   1 
ATOM   334  O O   . SER A 1 46 ? 8.768   -4.925  13.628  1.00 22.15 ? 99  SER A O   1 
ATOM   335  C CB  . SER A 1 46 ? 6.732   -4.777  15.532  1.00 20.10 ? 99  SER A CB  1 
ATOM   336  O OG  . SER A 1 46 ? 5.762   -4.438  16.510  1.00 20.59 ? 99  SER A OG  1 
ATOM   337  N N   . THR A 1 47 ? 8.139   -3.054  12.538  1.00 22.10 ? 100 THR A N   1 
ATOM   338  C CA  . THR A 1 47 ? 9.055   -3.266  11.407  1.00 23.29 ? 100 THR A CA  1 
ATOM   339  C C   . THR A 1 47 ? 10.257  -2.317  11.478  1.00 24.76 ? 100 THR A C   1 
ATOM   340  O O   . THR A 1 47 ? 10.143  -1.108  11.212  1.00 27.13 ? 100 THR A O   1 
ATOM   341  C CB  . THR A 1 47 ? 8.340   -3.156  10.026  1.00 23.07 ? 100 THR A CB  1 
ATOM   342  O OG1 . THR A 1 47 ? 7.806   -1.835  9.842   1.00 22.60 ? 100 THR A OG1 1 
ATOM   343  C CG2 . THR A 1 47 ? 7.214   -4.188  9.894   1.00 22.34 ? 100 THR A CG2 1 
ATOM   344  N N   . LEU A 1 51 ? 12.061  -3.778  6.437   1.00 24.24 ? 104 LEU A N   1 
ATOM   345  C CA  . LEU A 1 51 ? 11.386  -4.256  5.235   1.00 24.20 ? 104 LEU A CA  1 
ATOM   346  C C   . LEU A 1 51 ? 12.272  -4.133  3.991   1.00 24.82 ? 104 LEU A C   1 
ATOM   347  O O   . LEU A 1 51 ? 13.333  -3.502  4.028   1.00 25.05 ? 104 LEU A O   1 
ATOM   348  C CB  . LEU A 1 51 ? 10.051  -3.516  5.037   1.00 23.79 ? 104 LEU A CB  1 
ATOM   349  C CG  . LEU A 1 51 ? 8.973   -3.699  6.117   1.00 22.47 ? 104 LEU A CG  1 
ATOM   350  C CD1 . LEU A 1 51 ? 7.814   -2.689  5.936   1.00 19.11 ? 104 LEU A CD1 1 
ATOM   351  C CD2 . LEU A 1 51 ? 8.448   -5.135  6.093   1.00 21.53 ? 104 LEU A CD2 1 
ATOM   352  N N   . GLU A 1 52 ? 11.838  -4.744  2.891   1.00 25.45 ? 105 GLU A N   1 
ATOM   353  C CA  . GLU A 1 52 ? 12.653  -4.799  1.677   1.00 25.72 ? 105 GLU A CA  1 
ATOM   354  C C   . GLU A 1 52 ? 12.691  -3.456  0.958   1.00 25.04 ? 105 GLU A C   1 
ATOM   355  O O   . GLU A 1 52 ? 11.641  -2.882  0.669   1.00 25.25 ? 105 GLU A O   1 
ATOM   356  C CB  . GLU A 1 52 ? 12.129  -5.882  0.740   1.00 26.78 ? 105 GLU A CB  1 
ATOM   357  C CG  . GLU A 1 52 ? 12.193  -7.288  1.327   1.00 29.15 ? 105 GLU A CG  1 
ATOM   358  C CD  . GLU A 1 52 ? 13.600  -7.853  1.365   1.00 32.62 ? 105 GLU A CD  1 
ATOM   359  O OE1 . GLU A 1 52 ? 14.437  -7.440  0.530   1.00 35.02 ? 105 GLU A OE1 1 
ATOM   360  O OE2 . GLU A 1 52 ? 13.861  -8.718  2.233   1.00 34.77 ? 105 GLU A OE2 1 
ATOM   361  N N   . GLY A 1 53 ? 13.901  -2.970  0.673   1.00 24.11 ? 106 GLY A N   1 
ATOM   362  C CA  . GLY A 1 53 ? 14.107  -1.693  -0.024  1.00 22.69 ? 106 GLY A CA  1 
ATOM   363  C C   . GLY A 1 53 ? 13.728  -1.796  -1.491  1.00 21.19 ? 106 GLY A C   1 
ATOM   364  O O   . GLY A 1 53 ? 13.504  -2.899  -1.991  1.00 20.52 ? 106 GLY A O   1 
ATOM   365  N N   . ARG A 1 54 ? 13.677  -0.652  -2.184  1.00 20.73 ? 107 ARG A N   1 
ATOM   366  C CA  . ARG A 1 54 ? 13.147  -0.600  -3.560  1.00 18.71 ? 107 ARG A CA  1 
ATOM   367  C C   . ARG A 1 54 ? 13.820  -1.498  -4.614  1.00 18.86 ? 107 ARG A C   1 
ATOM   368  O O   . ARG A 1 54 ? 13.114  -2.157  -5.359  1.00 17.01 ? 107 ARG A O   1 
ATOM   369  C CB  . ARG A 1 54 ? 12.999  0.840   -4.081  1.00 19.02 ? 107 ARG A CB  1 
ATOM   370  C CG  . ARG A 1 54 ? 12.363  0.920   -5.475  1.00 17.40 ? 107 ARG A CG  1 
ATOM   371  C CD  . ARG A 1 54 ? 12.027  2.343   -5.876  1.00 16.79 ? 107 ARG A CD  1 
ATOM   372  N NE  . ARG A 1 54 ? 11.588  2.445   -7.272  1.00 11.94 ? 107 ARG A NE  1 
ATOM   373  C CZ  . ARG A 1 54 ? 10.503  3.110   -7.671  1.00 12.98 ? 107 ARG A CZ  1 
ATOM   374  N NH1 . ARG A 1 54 ? 9.736   3.739   -6.782  1.00 10.41 ? 107 ARG A NH1 1 
ATOM   375  N NH2 . ARG A 1 54 ? 10.201  3.167   -8.959  1.00 13.16 ? 107 ARG A NH2 1 
ATOM   376  N N   . GLU A 1 55 ? 15.154  -1.507  -4.694  1.00 18.82 ? 108 GLU A N   1 
ATOM   377  C CA  . GLU A 1 55 ? 15.867  -2.369  -5.655  1.00 19.83 ? 108 GLU A CA  1 
ATOM   378  C C   . GLU A 1 55 ? 15.508  -3.852  -5.492  1.00 18.79 ? 108 GLU A C   1 
ATOM   379  O O   . GLU A 1 55 ? 15.165  -4.523  -6.474  1.00 18.76 ? 108 GLU A O   1 
ATOM   380  C CB  . GLU A 1 55 ? 17.392  -2.194  -5.538  1.00 20.34 ? 108 GLU A CB  1 
ATOM   381  C CG  . GLU A 1 55 ? 18.184  -2.897  -6.627  1.00 22.53 ? 108 GLU A CG  1 
ATOM   382  C CD  . GLU A 1 55 ? 19.691  -2.739  -6.457  1.00 23.23 ? 108 GLU A CD  1 
ATOM   383  O OE1 . GLU A 1 55 ? 20.238  -3.144  -5.398  1.00 28.93 ? 108 GLU A OE1 1 
ATOM   384  O OE2 . GLU A 1 55 ? 20.327  -2.221  -7.393  1.00 28.81 ? 108 GLU A OE2 1 
ATOM   385  N N   . ASN A 1 56 ? 15.601  -4.359  -4.261  1.00 18.38 ? 109 ASN A N   1 
ATOM   386  C CA  . ASN A 1 56 ? 15.272  -5.757  -3.968  1.00 17.74 ? 109 ASN A CA  1 
ATOM   387  C C   . ASN A 1 56 ? 13.789  -6.049  -4.196  1.00 16.06 ? 109 ASN A C   1 
ATOM   388  O O   . ASN A 1 56 ? 13.419  -7.116  -4.696  1.00 15.43 ? 109 ASN A O   1 
ATOM   389  C CB  . ASN A 1 56 ? 15.684  -6.138  -2.536  1.00 18.99 ? 109 ASN A CB  1 
ATOM   390  C CG  . ASN A 1 56 ? 17.206  -6.105  -2.324  1.00 21.20 ? 109 ASN A CG  1 
ATOM   391  O OD1 . ASN A 1 56 ? 17.685  -5.755  -1.242  1.00 27.21 ? 109 ASN A OD1 1 
ATOM   392  N ND2 . ASN A 1 56 ? 17.964  -6.472  -3.349  1.00 21.60 ? 109 ASN A ND2 1 
ATOM   393  N N   . LEU A 1 57 ? 12.947  -5.080  -3.850  1.00 14.51 ? 110 LEU A N   1 
ATOM   394  C CA  . LEU A 1 57 ? 11.524  -5.213  -4.015  1.00 13.74 ? 110 LEU A CA  1 
ATOM   395  C C   . LEU A 1 57 ? 11.125  -5.271  -5.487  1.00 13.13 ? 110 LEU A C   1 
ATOM   396  O O   . LEU A 1 57 ? 10.283  -6.088  -5.858  1.00 13.13 ? 110 LEU A O   1 
ATOM   397  C CB  . LEU A 1 57 ? 10.791  -4.073  -3.294  1.00 13.76 ? 110 LEU A CB  1 
ATOM   398  C CG  . LEU A 1 57 ? 9.259   -4.132  -3.214  1.00 14.54 ? 110 LEU A CG  1 
ATOM   399  C CD1 . LEU A 1 57 ? 8.756   -5.427  -2.552  1.00 14.58 ? 110 LEU A CD1 1 
ATOM   400  C CD2 . LEU A 1 57 ? 8.780   -2.892  -2.463  1.00 15.17 ? 110 LEU A CD2 1 
ATOM   401  N N   . ALA A 1 58 ? 11.711  -4.404  -6.321  1.00 12.41 ? 111 ALA A N   1 
ATOM   402  C CA  . ALA A 1 58 ? 11.408  -4.441  -7.753  1.00 12.88 ? 111 ALA A CA  1 
ATOM   403  C C   . ALA A 1 58 ? 11.810  -5.798  -8.330  1.00 13.39 ? 111 ALA A C   1 
ATOM   404  O O   . ALA A 1 58 ? 11.051  -6.400  -9.075  1.00 13.43 ? 111 ALA A O   1 
ATOM   405  C CB  . ALA A 1 58 ? 12.112  -3.316  -8.492  1.00 12.90 ? 111 ALA A CB  1 
ATOM   406  N N   . ARG A 1 59 ? 12.983  -6.290  -7.945  1.00 15.03 ? 112 ARG A N   1 
ATOM   407  C CA  . ARG A 1 59 ? 13.421  -7.616  -8.394  1.00 16.42 ? 112 ARG A CA  1 
ATOM   408  C C   . ARG A 1 59 ? 12.414  -8.703  -7.972  1.00 16.00 ? 112 ARG A C   1 
ATOM   409  O O   . ARG A 1 59 ? 12.019  -9.560  -8.781  1.00 16.59 ? 112 ARG A O   1 
ATOM   410  C CB  . ARG A 1 59 ? 14.828  -7.933  -7.883  1.00 16.63 ? 112 ARG A CB  1 
ATOM   411  C CG  . ARG A 1 59 ? 15.375  -9.295  -8.360  1.00 18.91 ? 112 ARG A CG  1 
ATOM   412  C CD  . ARG A 1 59 ? 16.659  -9.677  -7.640  1.00 19.74 ? 112 ARG A CD  1 
ATOM   413  N NE  . ARG A 1 59 ? 16.445  -9.905  -6.209  1.00 26.50 ? 112 ARG A NE  1 
ATOM   414  C CZ  . ARG A 1 59 ? 16.920  -9.128  -5.238  1.00 27.56 ? 112 ARG A CZ  1 
ATOM   415  N NH1 . ARG A 1 59 ? 17.670  -8.071  -5.528  1.00 29.24 ? 112 ARG A NH1 1 
ATOM   416  N NH2 . ARG A 1 59 ? 16.656  -9.419  -3.967  1.00 30.95 ? 112 ARG A NH2 1 
ATOM   417  N N   . ASP A 1 60 ? 11.969  -8.648  -6.719  1.00 16.08 ? 113 ASP A N   1 
ATOM   418  C CA  . ASP A 1 60 ? 11.047  -9.663  -6.201  1.00 16.81 ? 113 ASP A CA  1 
ATOM   419  C C   . ASP A 1 60 ? 9.723   -9.649  -6.968  1.00 16.38 ? 113 ASP A C   1 
ATOM   420  O O   . ASP A 1 60 ? 9.071   -10.686 -7.145  1.00 16.47 ? 113 ASP A O   1 
ATOM   421  C CB  . ASP A 1 60 ? 10.826  -9.454  -4.699  1.00 17.68 ? 113 ASP A CB  1 
ATOM   422  C CG  . ASP A 1 60 ? 12.053  -9.840  -3.863  1.00 21.28 ? 113 ASP A CG  1 
ATOM   423  O OD1 . ASP A 1 60 ? 12.954  -10.543 -4.375  1.00 22.93 ? 113 ASP A OD1 1 
ATOM   424  O OD2 . ASP A 1 60 ? 12.117  -9.429  -2.686  1.00 26.10 ? 113 ASP A OD2 1 
ATOM   425  N N   . LEU A 1 61 ? 9.357   -8.474  -7.468  1.00 14.62 ? 114 LEU A N   1 
ATOM   426  C CA  . LEU A 1 61 ? 8.070   -8.268  -8.118  1.00 14.18 ? 114 LEU A CA  1 
ATOM   427  C C   . LEU A 1 61 ? 8.159   -8.358  -9.629  1.00 13.77 ? 114 LEU A C   1 
ATOM   428  O O   . LEU A 1 61 ? 7.172   -8.125  -10.325 1.00 13.44 ? 114 LEU A O   1 
ATOM   429  C CB  . LEU A 1 61 ? 7.513   -6.903  -7.741  1.00 14.32 ? 114 LEU A CB  1 
ATOM   430  C CG  . LEU A 1 61 ? 7.150   -6.766  -6.259  1.00 14.41 ? 114 LEU A CG  1 
ATOM   431  C CD1 . LEU A 1 61 ? 6.878   -5.329  -5.940  1.00 15.46 ? 114 LEU A CD1 1 
ATOM   432  C CD2 . LEU A 1 61 ? 5.941   -7.641  -5.923  1.00 14.69 ? 114 LEU A CD2 1 
ATOM   433  N N   . GLY A 1 62 ? 9.355   -8.669  -10.129 1.00 13.83 ? 115 GLY A N   1 
ATOM   434  C CA  . GLY A 1 62 ? 9.560   -8.828  -11.567 1.00 14.56 ? 115 GLY A CA  1 
ATOM   435  C C   . GLY A 1 62 ? 9.377   -7.525  -12.320 1.00 15.30 ? 115 GLY A C   1 
ATOM   436  O O   . GLY A 1 62 ? 8.928   -7.521  -13.470 1.00 15.59 ? 115 GLY A O   1 
ATOM   437  N N   . ILE A 1 63 ? 9.706   -6.419  -11.651 1.00 14.40 ? 116 ILE A N   1 
ATOM   438  C CA  . ILE A 1 63 ? 9.593   -5.088  -12.238 1.00 15.55 ? 116 ILE A CA  1 
ATOM   439  C C   . ILE A 1 63 ? 10.991  -4.628  -12.648 1.00 15.43 ? 116 ILE A C   1 
ATOM   440  O O   . ILE A 1 63 ? 11.910  -4.535  -11.820 1.00 15.44 ? 116 ILE A O   1 
ATOM   441  C CB  . ILE A 1 63 ? 8.932   -4.078  -11.240 1.00 14.85 ? 116 ILE A CB  1 
ATOM   442  C CG1 . ILE A 1 63 ? 7.477   -4.461  -10.973 1.00 14.80 ? 116 ILE A CG1 1 
ATOM   443  C CG2 . ILE A 1 63 ? 8.993   -2.631  -11.768 1.00 15.79 ? 116 ILE A CG2 1 
ATOM   444  C CD1 . ILE A 1 63 ? 6.842   -3.728  -9.803  1.00 16.23 ? 116 ILE A CD1 1 
ATOM   445  N N   . ILE A 1 64 ? 11.154  -4.359  -13.943 1.00 16.91 ? 117 ILE A N   1 
ATOM   446  C CA  . ILE A 1 64 ? 12.424  -3.868  -14.459 1.00 17.79 ? 117 ILE A CA  1 
ATOM   447  C C   . ILE A 1 64 ? 12.361  -2.346  -14.428 1.00 18.00 ? 117 ILE A C   1 
ATOM   448  O O   . ILE A 1 64 ? 11.523  -1.741  -15.092 1.00 18.04 ? 117 ILE A O   1 
ATOM   449  C CB  . ILE A 1 64 ? 12.693  -4.383  -15.888 1.00 18.21 ? 117 ILE A CB  1 
ATOM   450  C CG1 . ILE A 1 64 ? 12.593  -5.912  -15.919 1.00 18.75 ? 117 ILE A CG1 1 
ATOM   451  C CG2 . ILE A 1 64 ? 14.079  -3.926  -16.363 1.00 18.33 ? 117 ILE A CG2 1 
ATOM   452  C CD1 . ILE A 1 64 ? 12.217  -6.501  -17.278 1.00 21.65 ? 117 ILE A CD1 1 
ATOM   453  N N   . GLU A 1 65 ? 13.233  -1.745  -13.625 1.00 18.20 ? 118 GLU A N   1 
ATOM   454  C CA  . GLU A 1 65 ? 13.246  -0.294  -13.454 1.00 18.71 ? 118 GLU A CA  1 
ATOM   455  C C   . GLU A 1 65 ? 13.738  0.414   -14.703 1.00 18.94 ? 118 GLU A C   1 
ATOM   456  O O   . GLU A 1 65 ? 14.790  0.066   -15.262 1.00 19.51 ? 118 GLU A O   1 
ATOM   457  C CB  . GLU A 1 65 ? 14.079  0.091   -12.243 1.00 19.64 ? 118 GLU A CB  1 
ATOM   458  C CG  . GLU A 1 65 ? 13.333  -0.157  -10.952 1.00 21.63 ? 118 GLU A CG  1 
ATOM   459  C CD  . GLU A 1 65 ? 12.794  1.110   -10.314 1.00 24.47 ? 118 GLU A CD  1 
ATOM   460  O OE1 . GLU A 1 65 ? 11.973  1.834   -10.927 1.00 24.02 ? 118 GLU A OE1 1 
ATOM   461  O OE2 . GLU A 1 65 ? 13.194  1.365   -9.170  1.00 25.64 ? 118 GLU A OE2 1 
ATOM   462  N N   . ALA A 1 66 ? 12.948  1.392   -15.142 1.00 18.05 ? 119 ALA A N   1 
ATOM   463  C CA  . ALA A 1 66 ? 13.237  2.155   -16.357 1.00 17.62 ? 119 ALA A CA  1 
ATOM   464  C C   . ALA A 1 66 ? 12.619  3.549   -16.276 1.00 17.56 ? 119 ALA A C   1 
ATOM   465  O O   . ALA A 1 66 ? 12.012  3.915   -15.268 1.00 16.72 ? 119 ALA A O   1 
ATOM   466  C CB  . ALA A 1 66 ? 12.710  1.422   -17.566 1.00 18.09 ? 119 ALA A CB  1 
ATOM   467  N N   . GLU A 1 67 ? 12.755  4.315   -17.353 1.00 17.41 ? 120 GLU A N   1 
ATOM   468  C CA  . GLU A 1 67 ? 12.206  5.670   -17.406 1.00 17.73 ? 120 GLU A CA  1 
ATOM   469  C C   . GLU A 1 67 ? 10.734  5.732   -16.999 1.00 16.76 ? 120 GLU A C   1 
ATOM   470  O O   . GLU A 1 67 ? 10.316  6.674   -16.324 1.00 16.15 ? 120 GLU A O   1 
ATOM   471  C CB  . GLU A 1 67 ? 12.396  6.283   -18.807 1.00 19.01 ? 120 GLU A CB  1 
ATOM   472  C CG  . GLU A 1 67 ? 13.830  6.680   -19.132 1.00 22.82 ? 120 GLU A CG  1 
ATOM   473  C CD  . GLU A 1 67 ? 14.688  5.525   -19.643 1.00 28.70 ? 120 GLU A CD  1 
ATOM   474  O OE1 . GLU A 1 67 ? 14.273  4.336   -19.555 1.00 29.99 ? 120 GLU A OE1 1 
ATOM   475  O OE2 . GLU A 1 67 ? 15.800  5.824   -20.134 1.00 31.39 ? 120 GLU A OE2 1 
ATOM   476  N N   . GLY A 1 68 ? 9.963   4.715   -17.385 1.00 16.20 ? 121 GLY A N   1 
ATOM   477  C CA  . GLY A 1 68 ? 8.533   4.701   -17.146 1.00 16.12 ? 121 GLY A CA  1 
ATOM   478  C C   . GLY A 1 68 ? 8.117   4.293   -15.749 1.00 16.11 ? 121 GLY A C   1 
ATOM   479  O O   . GLY A 1 68 ? 6.936   4.407   -15.415 1.00 16.81 ? 121 GLY A O   1 
ATOM   480  N N   . THR A 1 69 ? 9.065   3.815   -14.942 1.00 15.59 ? 122 THR A N   1 
ATOM   481  C CA  . THR A 1 69 ? 8.733   3.346   -13.579 1.00 14.93 ? 122 THR A CA  1 
ATOM   482  C C   . THR A 1 69 ? 9.331   4.221   -12.471 1.00 14.96 ? 122 THR A C   1 
ATOM   483  O O   . THR A 1 69 ? 8.779   4.297   -11.357 1.00 14.49 ? 122 THR A O   1 
ATOM   484  C CB  . THR A 1 69 ? 9.181   1.863   -13.330 1.00 14.90 ? 122 THR A CB  1 
ATOM   485  O OG1 . THR A 1 69 ? 10.613  1.778   -13.336 1.00 15.57 ? 122 THR A OG1 1 
ATOM   486  C CG2 . THR A 1 69 ? 8.604   0.915   -14.368 1.00 15.16 ? 122 THR A CG2 1 
ATOM   487  N N   . VAL A 1 70 ? 10.458  4.868   -12.762 1.00 14.52 ? 123 VAL A N   1 
ATOM   488  C CA  . VAL A 1 70 ? 11.221  5.583   -11.728 1.00 14.97 ? 123 VAL A CA  1 
ATOM   489  C C   . VAL A 1 70 ? 10.458  6.766   -11.104 1.00 14.51 ? 123 VAL A C   1 
ATOM   490  O O   . VAL A 1 70 ? 10.754  7.195   -9.960  1.00 14.92 ? 123 VAL A O   1 
ATOM   491  C CB  . VAL A 1 70 ? 12.600  6.058   -12.253 1.00 14.63 ? 123 VAL A CB  1 
ATOM   492  C CG1 . VAL A 1 70 ? 13.463  4.881   -12.633 1.00 17.28 ? 123 VAL A CG1 1 
ATOM   493  C CG2 . VAL A 1 70 ? 12.439  7.043   -13.415 1.00 16.27 ? 123 VAL A CG2 1 
ATOM   494  N N   . GLY A 1 71 ? 9.471   7.268   -11.840 1.00 13.64 ? 124 GLY A N   1 
ATOM   495  C CA  . GLY A 1 71 ? 8.738   8.460   -11.422 1.00 13.41 ? 124 GLY A CA  1 
ATOM   496  C C   . GLY A 1 71 ? 7.535   8.199   -10.551 1.00 13.09 ? 124 GLY A C   1 
ATOM   497  O O   . GLY A 1 71 ? 6.802   9.138   -10.213 1.00 13.93 ? 124 GLY A O   1 
ATOM   498  N N   . GLY A 1 72 ? 7.321   6.929   -10.198 1.00 11.53 ? 125 GLY A N   1 
ATOM   499  C CA  . GLY A 1 72 ? 6.220   6.561   -9.312  1.00 10.20 ? 125 GLY A CA  1 
ATOM   500  C C   . GLY A 1 72 ? 6.631   5.501   -8.299  1.00 9.27  ? 125 GLY A C   1 
ATOM   501  O O   . GLY A 1 72 ? 7.685   4.880   -8.441  1.00 9.31  ? 125 GLY A O   1 
ATOM   502  N N   . PRO A 1 73 ? 5.782   5.280   -7.284  1.00 8.95  ? 126 PRO A N   1 
ATOM   503  C CA  . PRO A 1 73 ? 6.051   4.202   -6.329  1.00 8.99  ? 126 PRO A CA  1 
ATOM   504  C C   . PRO A 1 73 ? 5.885   2.862   -7.040  1.00 9.42  ? 126 PRO A C   1 
ATOM   505  O O   . PRO A 1 73 ? 5.176   2.793   -8.050  1.00 9.40  ? 126 PRO A O   1 
ATOM   506  C CB  . PRO A 1 73 ? 4.950   4.389   -5.273  1.00 8.62  ? 126 PRO A CB  1 
ATOM   507  C CG  . PRO A 1 73 ? 3.808   4.979   -6.060  1.00 8.45  ? 126 PRO A CG  1 
ATOM   508  C CD  . PRO A 1 73 ? 4.496   5.957   -7.012  1.00 9.24  ? 126 PRO A CD  1 
ATOM   509  N N   . LEU A 1 74 ? 6.521   1.805   -6.536  1.00 9.75  ? 127 LEU A N   1 
ATOM   510  C CA  . LEU A 1 74 ? 6.419   0.504   -7.205  1.00 9.86  ? 127 LEU A CA  1 
ATOM   511  C C   . LEU A 1 74 ? 4.967   0.007   -7.286  1.00 9.56  ? 127 LEU A C   1 
ATOM   512  O O   . LEU A 1 74 ? 4.578   -0.627  -8.268  1.00 9.22  ? 127 LEU A O   1 
ATOM   513  C CB  . LEU A 1 74 ? 7.325   -0.530  -6.528  1.00 10.49 ? 127 LEU A CB  1 
ATOM   514  C CG  . LEU A 1 74 ? 8.828   -0.350  -6.684  1.00 11.70 ? 127 LEU A CG  1 
ATOM   515  C CD1 . LEU A 1 74 ? 9.492   -1.474  -5.924  1.00 12.55 ? 127 LEU A CD1 1 
ATOM   516  C CD2 . LEU A 1 74 ? 9.276   -0.336  -8.150  1.00 11.60 ? 127 LEU A CD2 1 
ATOM   517  N N   . LEU A 1 75 ? 4.146   0.314   -6.272  1.00 9.40  ? 128 LEU A N   1 
ATOM   518  C CA  . LEU A 1 75 ? 2.745   -0.083  -6.311  1.00 10.65 ? 128 LEU A CA  1 
ATOM   519  C C   . LEU A 1 75 ? 2.029   0.465   -7.539  1.00 10.10 ? 128 LEU A C   1 
ATOM   520  O O   . LEU A 1 75 ? 1.063   -0.131  -8.009  1.00 10.12 ? 128 LEU A O   1 
ATOM   521  C CB  . LEU A 1 75 ? 2.038   0.347   -5.022  1.00 11.90 ? 128 LEU A CB  1 
ATOM   522  C CG  . LEU A 1 75 ? 0.908   -0.488  -4.430  1.00 17.19 ? 128 LEU A CG  1 
ATOM   523  C CD1 . LEU A 1 75 ? 1.224   -1.983  -4.369  1.00 15.52 ? 128 LEU A CD1 1 
ATOM   524  C CD2 . LEU A 1 75 ? 0.677   0.025   -3.023  1.00 18.28 ? 128 LEU A CD2 1 
ATOM   525  N N   . LEU A 1 76 ? 2.493   1.608   -8.055  1.00 9.13  ? 129 LEU A N   1 
ATOM   526  C CA  . LEU A 1 76 ? 1.875   2.167   -9.260  1.00 10.02 ? 129 LEU A CA  1 
ATOM   527  C C   . LEU A 1 76 ? 2.073   1.247   -10.459 1.00 9.97  ? 129 LEU A C   1 
ATOM   528  O O   . LEU A 1 76 ? 1.178   1.105   -11.273 1.00 10.70 ? 129 LEU A O   1 
ATOM   529  C CB  . LEU A 1 76 ? 2.389   3.562   -9.583  1.00 9.48  ? 129 LEU A CB  1 
ATOM   530  C CG  . LEU A 1 76 ? 1.818   4.243   -10.839 1.00 10.64 ? 129 LEU A CG  1 
ATOM   531  C CD1 . LEU A 1 76 ? 0.306   4.456   -10.791 1.00 11.51 ? 129 LEU A CD1 1 
ATOM   532  C CD2 . LEU A 1 76 ? 2.501   5.592   -11.074 1.00 10.49 ? 129 LEU A CD2 1 
ATOM   533  N N   . GLU A 1 77 ? 3.257   0.646   -10.575 1.00 10.52 ? 130 GLU A N   1 
ATOM   534  C CA  . GLU A 1 77 ? 3.515   -0.234  -11.709 1.00 11.87 ? 130 GLU A CA  1 
ATOM   535  C C   . GLU A 1 77 ? 2.601   -1.459  -11.658 1.00 11.90 ? 130 GLU A C   1 
ATOM   536  O O   . GLU A 1 77 ? 2.032   -1.878  -12.670 1.00 12.98 ? 130 GLU A O   1 
ATOM   537  C CB  . GLU A 1 77 ? 4.988   -0.641  -11.735 1.00 12.60 ? 130 GLU A CB  1 
ATOM   538  C CG  . GLU A 1 77 ? 5.337   -1.622  -12.843 1.00 16.15 ? 130 GLU A CG  1 
ATOM   539  C CD  . GLU A 1 77 ? 5.482   -0.992  -14.223 1.00 19.90 ? 130 GLU A CD  1 
ATOM   540  O OE1 . GLU A 1 77 ? 5.067   0.177   -14.447 1.00 20.30 ? 130 GLU A OE1 1 
ATOM   541  O OE2 . GLU A 1 77 ? 6.010   -1.713  -15.101 1.00 22.31 ? 130 GLU A OE2 1 
ATOM   542  N N   . VAL A 1 78 ? 2.416   -1.993  -10.451 1.00 11.47 ? 131 VAL A N   1 
ATOM   543  C CA  . VAL A 1 78 ? 1.504   -3.119  -10.248 1.00 11.71 ? 131 VAL A CA  1 
ATOM   544  C C   . VAL A 1 78 ? 0.077   -2.766  -10.676 1.00 12.20 ? 131 VAL A C   1 
ATOM   545  O O   . VAL A 1 78 ? -0.559  -3.485  -11.443 1.00 12.49 ? 131 VAL A O   1 
ATOM   546  C CB  . VAL A 1 78 ? 1.529   -3.588  -8.779  1.00 11.56 ? 131 VAL A CB  1 
ATOM   547  C CG1 . VAL A 1 78 ? 0.427   -4.618  -8.523  1.00 10.98 ? 131 VAL A CG1 1 
ATOM   548  C CG2 . VAL A 1 78 ? 2.931   -4.144  -8.418  1.00 10.55 ? 131 VAL A CG2 1 
ATOM   549  N N   . ILE A 1 79 ? -0.429  -1.635  -10.190 1.00 11.77 ? 132 ILE A N   1 
ATOM   550  C CA  . ILE A 1 79 ? -1.794  -1.214  -10.518 1.00 13.16 ? 132 ILE A CA  1 
ATOM   551  C C   . ILE A 1 79 ? -1.980  -0.841  -12.004 1.00 14.16 ? 132 ILE A C   1 
ATOM   552  O O   . ILE A 1 79 ? -2.999  -1.163  -12.626 1.00 14.22 ? 132 ILE A O   1 
ATOM   553  C CB  . ILE A 1 79 ? -2.251  -0.089  -9.549  1.00 13.06 ? 132 ILE A CB  1 
ATOM   554  C CG1 . ILE A 1 79 ? -2.508  -0.665  -8.144  1.00 14.56 ? 132 ILE A CG1 1 
ATOM   555  C CG2 . ILE A 1 79 ? -3.482  0.633   -10.082 1.00 14.00 ? 132 ILE A CG2 1 
ATOM   556  C CD1 . ILE A 1 79 ? -3.342  -1.981  -8.108  1.00 15.95 ? 132 ILE A CD1 1 
ATOM   557  N N   . ARG A 1 80 ? -0.974  -0.190  -12.571 1.00 14.42 ? 133 ARG A N   1 
ATOM   558  C CA  . ARG A 1 80 ? -0.979  0.165   -13.978 1.00 16.61 ? 133 ARG A CA  1 
ATOM   559  C C   . ARG A 1 80 ? -1.132  -1.077  -14.863 1.00 15.50 ? 133 ARG A C   1 
ATOM   560  O O   . ARG A 1 80 ? -1.784  -1.018  -15.906 1.00 17.10 ? 133 ARG A O   1 
ATOM   561  C CB  . ARG A 1 80 ? 0.343   0.845   -14.322 1.00 17.28 ? 133 ARG A CB  1 
ATOM   562  C CG  . ARG A 1 80 ? 0.236   1.925   -15.360 1.00 22.57 ? 133 ARG A CG  1 
ATOM   563  C CD  . ARG A 1 80 ? 0.549   3.296   -14.752 1.00 27.50 ? 133 ARG A CD  1 
ATOM   564  N NE  . ARG A 1 80 ? 1.984   3.504   -14.583 1.00 30.46 ? 133 ARG A NE  1 
ATOM   565  C CZ  . ARG A 1 80 ? 2.605   4.687   -14.575 1.00 31.03 ? 133 ARG A CZ  1 
ATOM   566  N NH1 . ARG A 1 80 ? 1.940   5.823   -14.734 1.00 31.97 ? 133 ARG A NH1 1 
ATOM   567  N NH2 . ARG A 1 80 ? 3.916   4.728   -14.413 1.00 31.70 ? 133 ARG A NH2 1 
ATOM   568  N N   . ARG A 1 81 ? -0.545  -2.197  -14.435 1.00 15.36 ? 134 ARG A N   1 
ATOM   569  C CA  . ARG A 1 81 ? -0.480  -3.408  -15.269 1.00 16.15 ? 134 ARG A CA  1 
ATOM   570  C C   . ARG A 1 81 ? -1.479  -4.500  -14.835 1.00 16.77 ? 134 ARG A C   1 
ATOM   571  O O   . ARG A 1 81 ? -1.528  -5.599  -15.417 1.00 16.85 ? 134 ARG A O   1 
ATOM   572  C CB  . ARG A 1 81 ? 0.958   -3.928  -15.300 1.00 16.06 ? 134 ARG A CB  1 
ATOM   573  C CG  . ARG A 1 81 ? 1.888   -3.005  -16.100 1.00 17.21 ? 134 ARG A CG  1 
ATOM   574  C CD  . ARG A 1 81 ? 3.337   -3.380  -15.939 1.00 18.11 ? 134 ARG A CD  1 
ATOM   575  N NE  . ARG A 1 81 ? 3.587   -4.728  -16.438 1.00 18.91 ? 134 ARG A NE  1 
ATOM   576  C CZ  . ARG A 1 81 ? 4.687   -5.433  -16.201 1.00 19.22 ? 134 ARG A CZ  1 
ATOM   577  N NH1 . ARG A 1 81 ? 5.673   -4.931  -15.467 1.00 20.15 ? 134 ARG A NH1 1 
ATOM   578  N NH2 . ARG A 1 81 ? 4.791   -6.650  -16.713 1.00 20.42 ? 134 ARG A NH2 1 
ATOM   579  N N   . TRP A 1 82 ? -2.278  -4.180  -13.816 1.00 17.29 ? 135 TRP A N   1 
ATOM   580  C CA  . TRP A 1 82 ? -3.349  -5.040  -13.320 1.00 18.76 ? 135 TRP A CA  1 
ATOM   581  C C   . TRP A 1 82 ? -4.394  -5.345  -14.380 1.00 19.82 ? 135 TRP A C   1 
ATOM   582  O O   . TRP A 1 82 ? -4.695  -6.510  -14.624 1.00 21.42 ? 135 TRP A O   1 
ATOM   583  C CB  . TRP A 1 82 ? -4.039  -4.384  -12.115 1.00 18.66 ? 135 TRP A CB  1 
ATOM   584  C CG  . TRP A 1 82 ? -5.161  -5.201  -11.544 1.00 16.72 ? 135 TRP A CG  1 
ATOM   585  C CD1 . TRP A 1 82 ? -6.499  -5.027  -11.764 1.00 16.93 ? 135 TRP A CD1 1 
ATOM   586  C CD2 . TRP A 1 82 ? -5.042  -6.323  -10.654 1.00 16.02 ? 135 TRP A CD2 1 
ATOM   587  N NE1 . TRP A 1 82 ? -7.224  -5.973  -11.058 1.00 17.63 ? 135 TRP A NE1 1 
ATOM   588  C CE2 . TRP A 1 82 ? -6.354  -6.780  -10.374 1.00 15.90 ? 135 TRP A CE2 1 
ATOM   589  C CE3 . TRP A 1 82 ? -3.952  -6.987  -10.077 1.00 17.65 ? 135 TRP A CE3 1 
ATOM   590  C CZ2 . TRP A 1 82 ? -6.608  -7.879  -9.537  1.00 17.20 ? 135 TRP A CZ2 1 
ATOM   591  C CZ3 . TRP A 1 82 ? -4.197  -8.074  -9.247  1.00 17.44 ? 135 TRP A CZ3 1 
ATOM   592  C CH2 . TRP A 1 82 ? -5.523  -8.507  -8.980  1.00 16.75 ? 135 TRP A CH2 1 
ATOM   593  O OXT . TRP A 1 82 ? -4.975  -4.427  -14.978 1.00 21.72 ? 135 TRP A OXT 1 
ATOM   594  N N   . ASN B 1 6  ? 3.155   19.267  -1.045  1.00 27.65 ? 59  ASN B N   1 
ATOM   595  C CA  . ASN B 1 6  ? 3.464   17.970  -1.731  1.00 27.11 ? 59  ASN B CA  1 
ATOM   596  C C   . ASN B 1 6  ? 2.737   17.846  -3.073  1.00 27.00 ? 59  ASN B C   1 
ATOM   597  O O   . ASN B 1 6  ? 1.759   17.096  -3.202  1.00 27.06 ? 59  ASN B O   1 
ATOM   598  C CB  . ASN B 1 6  ? 3.145   16.773  -0.814  1.00 26.87 ? 59  ASN B CB  1 
ATOM   599  C CG  . ASN B 1 6  ? 3.830   15.472  -1.266  1.00 25.57 ? 59  ASN B CG  1 
ATOM   600  O OD1 . ASN B 1 6  ? 4.054   15.260  -2.453  1.00 24.64 ? 59  ASN B OD1 1 
ATOM   601  N ND2 . ASN B 1 6  ? 4.157   14.602  -0.310  1.00 21.15 ? 59  ASN B ND2 1 
ATOM   602  N N   . GLU B 1 7  ? 3.226   18.586  -4.065  1.00 27.09 ? 60  GLU B N   1 
ATOM   603  C CA  . GLU B 1 7  ? 2.645   18.577  -5.408  1.00 27.02 ? 60  GLU B CA  1 
ATOM   604  C C   . GLU B 1 7  ? 2.733   17.225  -6.102  1.00 26.01 ? 60  GLU B C   1 
ATOM   605  O O   . GLU B 1 7  ? 1.833   16.859  -6.858  1.00 26.54 ? 60  GLU B O   1 
ATOM   606  C CB  . GLU B 1 7  ? 3.284   19.654  -6.288  1.00 27.33 ? 60  GLU B CB  1 
ATOM   607  C CG  . GLU B 1 7  ? 2.532   20.983  -6.279  1.00 29.07 ? 60  GLU B CG  1 
ATOM   608  C CD  . GLU B 1 7  ? 1.196   20.920  -7.016  1.00 31.32 ? 60  GLU B CD  1 
ATOM   609  O OE1 . GLU B 1 7  ? 0.930   19.926  -7.725  1.00 32.00 ? 60  GLU B OE1 1 
ATOM   610  O OE2 . GLU B 1 7  ? 0.405   21.881  -6.890  1.00 33.90 ? 60  GLU B OE2 1 
ATOM   611  N N   . SER B 1 8  ? 3.813   16.490  -5.850  1.00 24.58 ? 61  SER B N   1 
ATOM   612  C CA  . SER B 1 8  ? 3.997   15.174  -6.452  1.00 22.79 ? 61  SER B CA  1 
ATOM   613  C C   . SER B 1 8  ? 2.841   14.261  -6.048  1.00 21.05 ? 61  SER B C   1 
ATOM   614  O O   . SER B 1 8  ? 2.244   13.600  -6.903  1.00 20.13 ? 61  SER B O   1 
ATOM   615  C CB  . SER B 1 8  ? 5.336   14.567  -6.035  1.00 23.19 ? 61  SER B CB  1 
ATOM   616  O OG  . SER B 1 8  ? 5.361   14.329  -4.638  1.00 26.63 ? 61  SER B OG  1 
ATOM   617  N N   . LEU B 1 9  ? 2.515   14.234  -4.753  1.00 19.13 ? 62  LEU B N   1 
ATOM   618  C CA  . LEU B 1 9  ? 1.394   13.408  -4.285  1.00 17.96 ? 62  LEU B CA  1 
ATOM   619  C C   . LEU B 1 9  ? 0.047   13.906  -4.782  1.00 18.00 ? 62  LEU B C   1 
ATOM   620  O O   . LEU B 1 9  ? -0.828  13.107  -5.131  1.00 17.49 ? 62  LEU B O   1 
ATOM   621  C CB  . LEU B 1 9  ? 1.389   13.278  -2.761  1.00 17.07 ? 62  LEU B CB  1 
ATOM   622  C CG  . LEU B 1 9  ? 0.319   12.392  -2.120  1.00 17.60 ? 62  LEU B CG  1 
ATOM   623  C CD1 . LEU B 1 9  ? 0.451   10.942  -2.585  1.00 15.33 ? 62  LEU B CD1 1 
ATOM   624  C CD2 . LEU B 1 9  ? 0.419   12.488  -0.615  1.00 17.40 ? 62  LEU B CD2 1 
ATOM   625  N N   . LYS B 1 10 ? -0.133  15.227  -4.798  1.00 17.78 ? 63  LYS B N   1 
ATOM   626  C CA  . LYS B 1 10 ? -1.390  15.808  -5.253  1.00 18.50 ? 63  LYS B CA  1 
ATOM   627  C C   . LYS B 1 10 ? -1.674  15.398  -6.698  1.00 17.60 ? 63  LYS B C   1 
ATOM   628  O O   . LYS B 1 10 ? -2.798  14.981  -7.020  1.00 17.46 ? 63  LYS B O   1 
ATOM   629  C CB  . LYS B 1 10 ? -1.381  17.346  -5.121  1.00 18.20 ? 63  LYS B CB  1 
ATOM   630  C CG  . LYS B 1 10 ? -2.679  17.999  -5.588  1.00 20.08 ? 63  LYS B CG  1 
ATOM   631  C CD  . LYS B 1 10 ? -2.634  19.512  -5.420  1.00 20.77 ? 63  LYS B CD  1 
ATOM   632  C CE  . LYS B 1 10 ? -3.908  20.146  -5.945  1.00 24.64 ? 63  LYS B CE  1 
ATOM   633  N NZ  . LYS B 1 10 ? -3.977  21.565  -5.531  1.00 26.66 ? 63  LYS B NZ  1 
ATOM   634  N N   . LYS B 1 11 ? -0.657  15.506  -7.553  1.00 17.76 ? 64  LYS B N   1 
ATOM   635  C CA  . LYS B 1 11 ? -0.789  15.116  -8.961  1.00 17.95 ? 64  LYS B CA  1 
ATOM   636  C C   . LYS B 1 11 ? -1.082  13.625  -9.072  1.00 17.69 ? 64  LYS B C   1 
ATOM   637  O O   . LYS B 1 11 ? -1.898  13.206  -9.891  1.00 18.14 ? 64  LYS B O   1 
ATOM   638  C CB  . LYS B 1 11 ? 0.468   15.474  -9.763  1.00 18.32 ? 64  LYS B CB  1 
ATOM   639  C CG  . LYS B 1 11 ? 0.595   16.984  -10.071 1.00 19.11 ? 64  LYS B CG  1 
ATOM   640  C CD  . LYS B 1 11 ? 1.902   17.317  -10.804 1.00 19.39 ? 64  LYS B CD  1 
ATOM   641  C CE  . LYS B 1 11 ? 2.129   18.846  -10.899 1.00 20.32 ? 64  LYS B CE  1 
ATOM   642  N NZ  . LYS B 1 11 ? 0.907   19.617  -11.301 1.00 23.41 ? 64  LYS B NZ  1 
ATOM   643  N N   . PHE B 1 12 ? -0.418  12.838  -8.230  1.00 17.12 ? 65  PHE B N   1 
ATOM   644  C CA  . PHE B 1 12 ? -0.594  11.389  -8.203  1.00 16.70 ? 65  PHE B CA  1 
ATOM   645  C C   . PHE B 1 12 ? -2.020  11.028  -7.831  1.00 16.31 ? 65  PHE B C   1 
ATOM   646  O O   . PHE B 1 12 ? -2.650  10.206  -8.504  1.00 16.35 ? 65  PHE B O   1 
ATOM   647  C CB  . PHE B 1 12 ? 0.407   10.792  -7.206  1.00 16.33 ? 65  PHE B CB  1 
ATOM   648  C CG  . PHE B 1 12 ? 0.342   9.295   -7.063  1.00 15.18 ? 65  PHE B CG  1 
ATOM   649  C CD1 . PHE B 1 12 ? 0.991   8.463   -7.978  1.00 14.74 ? 65  PHE B CD1 1 
ATOM   650  C CD2 . PHE B 1 12 ? -0.304  8.721   -5.972  1.00 13.62 ? 65  PHE B CD2 1 
ATOM   651  C CE1 . PHE B 1 12 ? 0.968   7.071   -7.811  1.00 15.44 ? 65  PHE B CE1 1 
ATOM   652  C CE2 . PHE B 1 12 ? -0.338  7.336   -5.803  1.00 13.45 ? 65  PHE B CE2 1 
ATOM   653  C CZ  . PHE B 1 12 ? 0.311   6.513   -6.712  1.00 14.39 ? 65  PHE B CZ  1 
ATOM   654  N N   . LEU B 1 13 ? -2.544  11.652  -6.774  1.00 16.09 ? 66  LEU B N   1 
ATOM   655  C CA  . LEU B 1 13 ? -3.920  11.419  -6.343  1.00 17.02 ? 66  LEU B CA  1 
ATOM   656  C C   . LEU B 1 13 ? -4.969  11.936  -7.331  1.00 17.56 ? 66  LEU B C   1 
ATOM   657  O O   . LEU B 1 13 ? -6.125  11.554  -7.269  1.00 18.55 ? 66  LEU B O   1 
ATOM   658  C CB  . LEU B 1 13 ? -4.171  11.999  -4.948  1.00 17.38 ? 66  LEU B CB  1 
ATOM   659  C CG  . LEU B 1 13 ? -3.427  11.367  -3.770  1.00 17.50 ? 66  LEU B CG  1 
ATOM   660  C CD1 . LEU B 1 13 ? -3.774  12.130  -2.506  1.00 17.85 ? 66  LEU B CD1 1 
ATOM   661  C CD2 . LEU B 1 13 ? -3.773  9.884   -3.603  1.00 17.29 ? 66  LEU B CD2 1 
ATOM   662  N N   . ASN B 1 14 ? -4.549  12.812  -8.241  1.00 17.89 ? 67  ASN B N   1 
ATOM   663  C CA  . ASN B 1 14 ? -5.449  13.304  -9.274  1.00 18.49 ? 67  ASN B CA  1 
ATOM   664  C C   . ASN B 1 14 ? -5.466  12.411  -10.518 1.00 17.92 ? 67  ASN B C   1 
ATOM   665  O O   . ASN B 1 14 ? -6.089  12.749  -11.525 1.00 17.42 ? 67  ASN B O   1 
ATOM   666  C CB  . ASN B 1 14 ? -5.111  14.752  -9.630  1.00 19.13 ? 67  ASN B CB  1 
ATOM   667  C CG  . ASN B 1 14 ? -6.207  15.431  -10.436 1.00 23.01 ? 67  ASN B CG  1 
ATOM   668  O OD1 . ASN B 1 14 ? -7.404  15.277  -10.154 1.00 27.05 ? 67  ASN B OD1 1 
ATOM   669  N ND2 . ASN B 1 14 ? -5.802  16.189  -11.454 1.00 25.30 ? 67  ASN B ND2 1 
ATOM   670  N N   . THR B 1 15 ? -4.795  11.261  -10.424 1.00 16.73 ? 68  THR B N   1 
ATOM   671  C CA  . THR B 1 15 ? -4.892  10.207  -11.434 1.00 15.96 ? 68  THR B CA  1 
ATOM   672  C C   . THR B 1 15 ? -5.726  9.039   -10.903 1.00 14.95 ? 68  THR B C   1 
ATOM   673  O O   . THR B 1 15 ? -5.732  8.756   -9.689  1.00 13.93 ? 68  THR B O   1 
ATOM   674  C CB  . THR B 1 15 ? -3.512  9.673   -11.861 1.00 15.69 ? 68  THR B CB  1 
ATOM   675  O OG1 . THR B 1 15 ? -2.907  8.958   -10.767 1.00 15.71 ? 68  THR B OG1 1 
ATOM   676  C CG2 . THR B 1 15 ? -2.574  10.807  -12.275 1.00 16.06 ? 68  THR B CG2 1 
ATOM   677  N N   . LYS B 1 16 ? -6.437  8.366   -11.799 1.00 15.00 ? 69  LYS B N   1 
ATOM   678  C CA  . LYS B 1 16 ? -7.231  7.215   -11.392 1.00 14.18 ? 69  LYS B CA  1 
ATOM   679  C C   . LYS B 1 16 ? -6.367  6.129   -10.733 1.00 13.83 ? 69  LYS B C   1 
ATOM   680  O O   . LYS B 1 16 ? -6.711  5.635   -9.659  1.00 12.54 ? 69  LYS B O   1 
ATOM   681  C CB  . LYS B 1 16 ? -7.916  6.602   -12.609 1.00 99.99 ? 69  LYS B CB  1 
ATOM   682  C CG  . LYS B 1 16 ? -8.822  5.461   -12.163 1.00 99.99 ? 69  LYS B CG  1 
ATOM   683  N N   . ASP B 1 17 ? -5.253  5.771   -11.376 1.00 12.79 ? 70  ASP B N   1 
ATOM   684  C CA  . ASP B 1 17 ? -4.392  4.713   -10.841 1.00 12.59 ? 70  ASP B CA  1 
ATOM   685  C C   . ASP B 1 17 ? -3.787  5.122   -9.502  1.00 11.88 ? 70  ASP B C   1 
ATOM   686  O O   . ASP B 1 17 ? -3.689  4.309   -8.574  1.00 11.57 ? 70  ASP B O   1 
ATOM   687  C CB  . ASP B 1 17 ? -3.284  4.335   -11.826 1.00 13.19 ? 70  ASP B CB  1 
ATOM   688  C CG  . ASP B 1 17 ? -3.797  3.547   -13.015 1.00 16.83 ? 70  ASP B CG  1 
ATOM   689  O OD1 . ASP B 1 17 ? -4.977  3.149   -13.006 1.00 20.20 ? 70  ASP B OD1 1 
ATOM   690  O OD2 . ASP B 1 17 ? -3.014  3.329   -13.967 1.00 21.31 ? 70  ASP B OD2 1 
ATOM   691  N N   . GLY B 1 18 ? -3.393  6.385   -9.398  1.00 11.00 ? 71  GLY B N   1 
ATOM   692  C CA  . GLY B 1 18 ? -2.762  6.882   -8.173  1.00 11.09 ? 71  GLY B CA  1 
ATOM   693  C C   . GLY B 1 18 ? -3.713  6.881   -6.993  1.00 11.18 ? 71  GLY B C   1 
ATOM   694  O O   . GLY B 1 18 ? -3.350  6.495   -5.858  1.00 10.94 ? 71  GLY B O   1 
ATOM   695  N N   . ARG B 1 19 ? -4.939  7.322   -7.242  1.00 11.44 ? 72  ARG B N   1 
ATOM   696  C CA  . ARG B 1 19 ? -5.923  7.308   -6.190  1.00 12.36 ? 72  ARG B CA  1 
ATOM   697  C C   . ARG B 1 19 ? -6.211  5.865   -5.750  1.00 11.74 ? 72  ARG B C   1 
ATOM   698  O O   . ARG B 1 19 ? -6.396  5.599   -4.552  1.00 12.16 ? 72  ARG B O   1 
ATOM   699  C CB  . ARG B 1 19 ? -7.194  8.047   -6.623  1.00 13.58 ? 72  ARG B CB  1 
ATOM   700  C CG  . ARG B 1 19 ? -8.014  8.478   -5.443  1.00 16.59 ? 72  ARG B CG  1 
ATOM   701  C CD  . ARG B 1 19 ? -9.179  9.366   -5.829  1.00 18.84 ? 72  ARG B CD  1 
ATOM   702  N NE  . ARG B 1 19 ? -10.067 9.444   -4.682  1.00 19.88 ? 72  ARG B NE  1 
ATOM   703  C CZ  . ARG B 1 19 ? -9.967  10.350  -3.719  1.00 19.76 ? 72  ARG B CZ  1 
ATOM   704  N NH1 . ARG B 1 19 ? -9.023  11.291  -3.775  1.00 22.63 ? 72  ARG B NH1 1 
ATOM   705  N NH2 . ARG B 1 19 ? -10.826 10.322  -2.708  1.00 20.15 ? 72  ARG B NH2 1 
ATOM   706  N N   . LEU B 1 20 ? -6.231  4.930   -6.704  1.00 10.98 ? 73  LEU B N   1 
ATOM   707  C CA  . LEU B 1 20 ? -6.416  3.515   -6.366  1.00 11.04 ? 73  LEU B CA  1 
ATOM   708  C C   . LEU B 1 20 ? -5.251  2.983   -5.514  1.00 10.60 ? 73  LEU B C   1 
ATOM   709  O O   . LEU B 1 20 ? -5.471  2.325   -4.496  1.00 10.42 ? 73  LEU B O   1 
ATOM   710  C CB  . LEU B 1 20 ? -6.587  2.689   -7.645  1.00 12.02 ? 73  LEU B CB  1 
ATOM   711  C CG  . LEU B 1 20 ? -6.777  1.198   -7.494  1.00 14.90 ? 73  LEU B CG  1 
ATOM   712  C CD1 . LEU B 1 20 ? -7.901  0.862   -6.504  1.00 18.00 ? 73  LEU B CD1 1 
ATOM   713  C CD2 . LEU B 1 20 ? -7.061  0.606   -8.876  1.00 16.54 ? 73  LEU B CD2 1 
ATOM   714  N N   . VAL B 1 21 ? -4.020  3.278   -5.923  1.00 8.88  ? 74  VAL B N   1 
ATOM   715  C CA  . VAL B 1 21 ? -2.840  2.900   -5.116  1.00 8.42  ? 74  VAL B CA  1 
ATOM   716  C C   . VAL B 1 21 ? -2.957  3.422   -3.678  1.00 7.88  ? 74  VAL B C   1 
ATOM   717  O O   . VAL B 1 21 ? -2.830  2.653   -2.692  1.00 8.54  ? 74  VAL B O   1 
ATOM   718  C CB  . VAL B 1 21 ? -1.537  3.434   -5.755  1.00 8.42  ? 74  VAL B CB  1 
ATOM   719  C CG1 . VAL B 1 21 ? -0.362  3.246   -4.810  1.00 9.51  ? 74  VAL B CG1 1 
ATOM   720  C CG2 . VAL B 1 21 ? -1.260  2.691   -7.060  1.00 8.66  ? 74  VAL B CG2 1 
ATOM   721  N N   . ALA B 1 22 ? -3.199  4.724   -3.546  1.00 7.68  ? 75  ALA B N   1 
ATOM   722  C CA  . ALA B 1 22 ? -3.259  5.322   -2.206  1.00 7.45  ? 75  ALA B CA  1 
ATOM   723  C C   . ALA B 1 22 ? -4.404  4.752   -1.368  1.00 7.53  ? 75  ALA B C   1 
ATOM   724  O O   . ALA B 1 22 ? -4.229  4.471   -0.184  1.00 7.70  ? 75  ALA B O   1 
ATOM   725  C CB  . ALA B 1 22 ? -3.346  6.843   -2.279  1.00 7.85  ? 75  ALA B CB  1 
ATOM   726  N N   . SER B 1 23 ? -5.555  4.544   -2.001  1.00 7.50  ? 76  SER B N   1 
ATOM   727  C CA  . SER B 1 23 ? -6.689  3.909   -1.321  1.00 7.19  ? 76  SER B CA  1 
ATOM   728  C C   . SER B 1 23 ? -6.339  2.497   -0.826  1.00 7.18  ? 76  SER B C   1 
ATOM   729  O O   . SER B 1 23 ? -6.719  2.112   0.284   1.00 7.92  ? 76  SER B O   1 
ATOM   730  C CB  . SER B 1 23 ? -7.903  3.857   -2.262  1.00 8.21  ? 76  SER B CB  1 
ATOM   731  O OG  . SER B 1 23 ? -8.322  5.154   -2.640  1.00 9.50  ? 76  SER B OG  1 
ATOM   732  N N   . LEU B 1 24 ? -5.588  1.741   -1.629  1.00 7.52  ? 77  LEU B N   1 
ATOM   733  C CA  . LEU B 1 24 ? -5.151  0.399   -1.199  1.00 7.03  ? 77  LEU B CA  1 
ATOM   734  C C   . LEU B 1 24 ? -4.209  0.461   -0.002  1.00 7.65  ? 77  LEU B C   1 
ATOM   735  O O   . LEU B 1 24 ? -4.267  -0.401  0.898   1.00 8.24  ? 77  LEU B O   1 
ATOM   736  C CB  . LEU B 1 24 ? -4.486  -0.357  -2.352  1.00 8.26  ? 77  LEU B CB  1 
ATOM   737  C CG  . LEU B 1 24 ? -5.438  -0.877  -3.428  1.00 8.08  ? 77  LEU B CG  1 
ATOM   738  C CD1 . LEU B 1 24 ? -4.646  -1.197  -4.695  1.00 9.34  ? 77  LEU B CD1 1 
ATOM   739  C CD2 . LEU B 1 24 ? -6.247  -2.095  -2.954  1.00 8.41  ? 77  LEU B CD2 1 
ATOM   740  N N   . VAL B 1 25 ? -3.326  1.455   0.016   1.00 7.60  ? 78  VAL B N   1 
ATOM   741  C CA  . VAL B 1 25 ? -2.451  1.665   1.175   1.00 7.43  ? 78  VAL B CA  1 
ATOM   742  C C   . VAL B 1 25 ? -3.273  1.997   2.435   1.00 7.34  ? 78  VAL B C   1 
ATOM   743  O O   . VAL B 1 25 ? -3.081  1.364   3.484   1.00 7.84  ? 78  VAL B O   1 
ATOM   744  C CB  . VAL B 1 25 ? -1.396  2.743   0.872   1.00 6.91  ? 78  VAL B CB  1 
ATOM   745  C CG1 . VAL B 1 25 ? -0.557  3.080   2.141   1.00 8.51  ? 78  VAL B CG1 1 
ATOM   746  C CG2 . VAL B 1 25 ? -0.459  2.258   -0.234  1.00 7.91  ? 78  VAL B CG2 1 
ATOM   747  N N   . ALA B 1 26 ? -4.211  2.937   2.326   1.00 7.25  ? 79  ALA B N   1 
ATOM   748  C CA  . ALA B 1 26 ? -5.085  3.259   3.466   1.00 8.03  ? 79  ALA B CA  1 
ATOM   749  C C   . ALA B 1 26 ? -5.868  2.028   3.942   1.00 8.10  ? 79  ALA B C   1 
ATOM   750  O O   . ALA B 1 26 ? -6.015  1.820   5.154   1.00 8.69  ? 79  ALA B O   1 
ATOM   751  C CB  . ALA B 1 26 ? -6.014  4.415   3.121   1.00 8.57  ? 79  ALA B CB  1 
ATOM   752  N N   . GLU B 1 27 ? -6.327  1.193   3.000   1.00 7.54  ? 80  GLU B N   1 
ATOM   753  C CA  . GLU B 1 27 ? -7.094  0.005   3.374   1.00 7.38  ? 80  GLU B CA  1 
ATOM   754  C C   . GLU B 1 27 ? -6.221  -0.986  4.128   1.00 8.05  ? 80  GLU B C   1 
ATOM   755  O O   . GLU B 1 27 ? -6.686  -1.629  5.050   1.00 8.45  ? 80  GLU B O   1 
ATOM   756  C CB  . GLU B 1 27 ? -7.760  -0.655  2.158   1.00 7.92  ? 80  GLU B CB  1 
ATOM   757  C CG  . GLU B 1 27 ? -8.882  -1.664  2.554   1.00 9.24  ? 80  GLU B CG  1 
ATOM   758  C CD  . GLU B 1 27 ? -8.390  -3.094  2.804   1.00 12.30 ? 80  GLU B CD  1 
ATOM   759  O OE1 . GLU B 1 27 ? -7.383  -3.511  2.203   1.00 11.78 ? 80  GLU B OE1 1 
ATOM   760  O OE2 . GLU B 1 27 ? -9.035  -3.807  3.596   1.00 13.00 ? 80  GLU B OE2 1 
ATOM   761  N N   . PHE B 1 28 ? -4.956  -1.103  3.733   1.00 7.81  ? 81  PHE B N   1 
ATOM   762  C CA  . PHE B 1 28 ? -4.027  -1.935  4.468   1.00 7.75  ? 81  PHE B CA  1 
ATOM   763  C C   . PHE B 1 28 ? -3.896  -1.443  5.923   1.00 8.01  ? 81  PHE B C   1 
ATOM   764  O O   . PHE B 1 28 ? -3.954  -2.238  6.861   1.00 8.15  ? 81  PHE B O   1 
ATOM   765  C CB  . PHE B 1 28 ? -2.661  -1.947  3.760   1.00 8.37  ? 81  PHE B CB  1 
ATOM   766  C CG  . PHE B 1 28 ? -1.579  -2.579  4.575   1.00 6.99  ? 81  PHE B CG  1 
ATOM   767  C CD1 . PHE B 1 28 ? -1.294  -3.929  4.459   1.00 8.59  ? 81  PHE B CD1 1 
ATOM   768  C CD2 . PHE B 1 28 ? -0.818  -1.816  5.467   1.00 8.85  ? 81  PHE B CD2 1 
ATOM   769  C CE1 . PHE B 1 28 ? -0.298  -4.509  5.248   1.00 9.13  ? 81  PHE B CE1 1 
ATOM   770  C CE2 . PHE B 1 28 ? 0.177   -2.398  6.241   1.00 9.74  ? 81  PHE B CE2 1 
ATOM   771  C CZ  . PHE B 1 28 ? 0.434   -3.745  6.126   1.00 10.76 ? 81  PHE B CZ  1 
ATOM   772  N N   . LEU B 1 29 ? -3.742  -0.133  6.100   1.00 7.86  ? 82  LEU B N   1 
ATOM   773  C CA  . LEU B 1 29 ? -3.622  0.433   7.450   1.00 8.96  ? 82  LEU B CA  1 
ATOM   774  C C   . LEU B 1 29 ? -4.878  0.153   8.257   1.00 9.47  ? 82  LEU B C   1 
ATOM   775  O O   . LEU B 1 29 ? -4.809  -0.242  9.436   1.00 10.02 ? 82  LEU B O   1 
ATOM   776  C CB  . LEU B 1 29 ? -3.331  1.943   7.386   1.00 8.97  ? 82  LEU B CB  1 
ATOM   777  C CG  . LEU B 1 29 ? -2.056  2.353   6.654   1.00 9.35  ? 82  LEU B CG  1 
ATOM   778  C CD1 . LEU B 1 29 ? -2.018  3.905   6.568   1.00 9.49  ? 82  LEU B CD1 1 
ATOM   779  C CD2 . LEU B 1 29 ? -0.809  1.834   7.356   1.00 10.27 ? 82  LEU B CD2 1 
ATOM   780  N N   . GLN B 1 30 ? -6.040  0.326   7.636   1.00 9.20  ? 83  GLN B N   1 
ATOM   781  C CA  . GLN B 1 30 ? -7.312  0.069   8.334   1.00 11.26 ? 83  GLN B CA  1 
ATOM   782  C C   . GLN B 1 30 ? -7.490  -1.408  8.669   1.00 10.54 ? 83  GLN B C   1 
ATOM   783  O O   . GLN B 1 30 ? -7.900  -1.768  9.794   1.00 10.91 ? 83  GLN B O   1 
ATOM   784  C CB  . GLN B 1 30 ? -8.483  0.633   7.533   1.00 12.17 ? 83  GLN B CB  1 
ATOM   785  C CG  . GLN B 1 30 ? -8.347  2.154   7.393   1.00 16.89 ? 83  GLN B CG  1 
ATOM   786  C CD  . GLN B 1 30 ? -9.629  2.878   7.059   1.00 22.85 ? 83  GLN B CD  1 
ATOM   787  O OE1 . GLN B 1 30 ? -9.772  3.410   5.962   1.00 24.58 ? 83  GLN B OE1 1 
ATOM   788  N NE2 . GLN B 1 30 ? -10.546 2.946   8.019   1.00 25.82 ? 83  GLN B NE2 1 
ATOM   789  N N   . PHE B 1 31 ? -7.135  -2.269  7.716   1.00 9.81  ? 84  PHE B N   1 
ATOM   790  C CA  . PHE B 1 31 ? -7.255  -3.725  7.927   1.00 9.43  ? 84  PHE B CA  1 
ATOM   791  C C   . PHE B 1 31 ? -6.539  -4.213  9.190   1.00 9.30  ? 84  PHE B C   1 
ATOM   792  O O   . PHE B 1 31 ? -7.058  -5.083  9.910   1.00 9.74  ? 84  PHE B O   1 
ATOM   793  C CB  . PHE B 1 31 ? -6.766  -4.519  6.700   1.00 8.89  ? 84  PHE B CB  1 
ATOM   794  C CG  . PHE B 1 31 ? -7.104  -5.983  6.787   1.00 10.04 ? 84  PHE B CG  1 
ATOM   795  C CD1 . PHE B 1 31 ? -8.371  -6.434  6.397   1.00 11.04 ? 84  PHE B CD1 1 
ATOM   796  C CD2 . PHE B 1 31 ? -6.206  -6.892  7.350   1.00 9.41  ? 84  PHE B CD2 1 
ATOM   797  C CE1 . PHE B 1 31 ? -8.698  -7.788  6.521   1.00 12.56 ? 84  PHE B CE1 1 
ATOM   798  C CE2 . PHE B 1 31 ? -6.523  -8.249  7.466   1.00 11.12 ? 84  PHE B CE2 1 
ATOM   799  C CZ  . PHE B 1 31 ? -7.783  -8.686  7.057   1.00 11.23 ? 84  PHE B CZ  1 
ATOM   800  N N   . PHE B 1 32 ? -5.346  -3.678  9.437   1.00 9.11  ? 85  PHE B N   1 
ATOM   801  C CA  . PHE B 1 32 ? -4.535  -4.103  10.577  1.00 9.05  ? 85  PHE B CA  1 
ATOM   802  C C   . PHE B 1 32 ? -4.654  -3.171  11.781  1.00 10.00 ? 85  PHE B C   1 
ATOM   803  O O   . PHE B 1 32 ? -3.837  -3.230  12.708  1.00 10.21 ? 85  PHE B O   1 
ATOM   804  C CB  . PHE B 1 32 ? -3.086  -4.326  10.159  1.00 10.12 ? 85  PHE B CB  1 
ATOM   805  C CG  . PHE B 1 32 ? -2.899  -5.567  9.350   1.00 8.10  ? 85  PHE B CG  1 
ATOM   806  C CD1 . PHE B 1 32 ? -3.105  -6.818  9.935   1.00 10.52 ? 85  PHE B CD1 1 
ATOM   807  C CD2 . PHE B 1 32 ? -2.561  -5.496  7.996   1.00 10.33 ? 85  PHE B CD2 1 
ATOM   808  C CE1 . PHE B 1 32 ? -2.975  -7.984  9.195   1.00 11.79 ? 85  PHE B CE1 1 
ATOM   809  C CE2 . PHE B 1 32 ? -2.412  -6.670  7.244   1.00 9.98  ? 85  PHE B CE2 1 
ATOM   810  C CZ  . PHE B 1 32 ? -2.601  -7.911  7.853   1.00 10.91 ? 85  PHE B CZ  1 
ATOM   811  N N   . ASN B 1 33 ? -5.694  -2.345  11.781  1.00 10.69 ? 86  ASN B N   1 
ATOM   812  C CA  . ASN B 1 33 ? -5.942  -1.416  12.899  1.00 11.44 ? 86  ASN B CA  1 
ATOM   813  C C   . ASN B 1 33 ? -4.727  -0.565  13.241  1.00 11.38 ? 86  ASN B C   1 
ATOM   814  O O   . ASN B 1 33 ? -4.416  -0.339  14.424  1.00 11.65 ? 86  ASN B O   1 
ATOM   815  C CB  . ASN B 1 33 ? -6.426  -2.186  14.123  1.00 11.83 ? 86  ASN B CB  1 
ATOM   816  C CG  . ASN B 1 33 ? -7.694  -2.964  13.839  1.00 14.09 ? 86  ASN B CG  1 
ATOM   817  O OD1 . ASN B 1 33 ? -7.717  -4.184  13.965  1.00 21.94 ? 86  ASN B OD1 1 
ATOM   818  N ND2 . ASN B 1 33 ? -8.735  -2.273  13.430  1.00 13.90 ? 86  ASN B ND2 1 
ATOM   819  N N   . LEU B 1 34 ? -4.045  -0.080  12.200  1.00 11.23 ? 87  LEU B N   1 
ATOM   820  C CA  . LEU B 1 34 ? -2.879  0.782   12.388  1.00 10.69 ? 87  LEU B CA  1 
ATOM   821  C C   . LEU B 1 34 ? -3.406  2.214   12.508  1.00 11.46 ? 87  LEU B C   1 
ATOM   822  O O   . LEU B 1 34 ? -3.214  3.067   11.623  1.00 11.73 ? 87  LEU B O   1 
ATOM   823  C CB  . LEU B 1 34 ? -1.896  0.588   11.234  1.00 10.48 ? 87  LEU B CB  1 
ATOM   824  C CG  . LEU B 1 34 ? -1.382  -0.853  11.104  1.00 10.18 ? 87  LEU B CG  1 
ATOM   825  C CD1 . LEU B 1 34 ? -0.527  -1.039  9.875   1.00 12.60 ? 87  LEU B CD1 1 
ATOM   826  C CD2 . LEU B 1 34 ? -0.603  -1.312  12.335  1.00 12.78 ? 87  LEU B CD2 1 
ATOM   827  N N   . ASP B 1 35 ? -4.103  2.450   13.618  1.00 11.74 ? 88  ASP B N   1 
ATOM   828  C CA  . ASP B 1 35 ? -4.941  3.625   13.772  1.00 12.61 ? 88  ASP B CA  1 
ATOM   829  C C   . ASP B 1 35 ? -4.129  4.909   13.967  1.00 12.07 ? 88  ASP B C   1 
ATOM   830  O O   . ASP B 1 35 ? -4.523  5.977   13.487  1.00 12.31 ? 88  ASP B O   1 
ATOM   831  C CB  . ASP B 1 35 ? -5.973  3.392   14.888  1.00 13.77 ? 88  ASP B CB  1 
ATOM   832  C CG  . ASP B 1 35 ? -6.892  2.214   14.585  1.00 17.13 ? 88  ASP B CG  1 
ATOM   833  O OD1 . ASP B 1 35 ? -7.366  2.108   13.442  1.00 22.88 ? 88  ASP B OD1 1 
ATOM   834  O OD2 . ASP B 1 35 ? -7.130  1.395   15.492  1.00 24.89 ? 88  ASP B OD2 1 
ATOM   835  N N   . PHE B 1 36 ? -2.994  4.808   14.659  1.00 12.03 ? 89  PHE B N   1 
ATOM   836  C CA  . PHE B 1 36 ? -2.146  5.982   14.824  1.00 12.17 ? 89  PHE B CA  1 
ATOM   837  C C   . PHE B 1 36 ? -1.445  6.331   13.512  1.00 11.38 ? 89  PHE B C   1 
ATOM   838  O O   . PHE B 1 36 ? -1.324  7.509   13.155  1.00 11.52 ? 89  PHE B O   1 
ATOM   839  C CB  . PHE B 1 36 ? -1.179  5.793   15.984  1.00 13.17 ? 89  PHE B CB  1 
ATOM   840  C CG  . PHE B 1 36 ? -1.873  5.639   17.315  1.00 14.75 ? 89  PHE B CG  1 
ATOM   841  C CD1 . PHE B 1 36 ? -2.573  6.707   17.869  1.00 16.11 ? 89  PHE B CD1 1 
ATOM   842  C CD2 . PHE B 1 36 ? -1.835  4.431   18.001  1.00 16.81 ? 89  PHE B CD2 1 
ATOM   843  C CE1 . PHE B 1 36 ? -3.231  6.569   19.100  1.00 16.31 ? 89  PHE B CE1 1 
ATOM   844  C CE2 . PHE B 1 36 ? -2.487  4.284   19.240  1.00 17.29 ? 89  PHE B CE2 1 
ATOM   845  C CZ  . PHE B 1 36 ? -3.185  5.347   19.780  1.00 15.71 ? 89  PHE B CZ  1 
ATOM   846  N N   . THR B 1 37 ? -1.009  5.299   12.777  1.00 10.46 ? 90  THR B N   1 
ATOM   847  C CA  . THR B 1 37 ? -0.480  5.554   11.447  1.00 10.49 ? 90  THR B CA  1 
ATOM   848  C C   . THR B 1 37 ? -1.508  6.250   10.556  1.00 10.44 ? 90  THR B C   1 
ATOM   849  O O   . THR B 1 37 ? -1.177  7.223   9.883   1.00 10.27 ? 90  THR B O   1 
ATOM   850  C CB  . THR B 1 37 ? 0.009   4.258   10.773  1.00 10.42 ? 90  THR B CB  1 
ATOM   851  O OG1 . THR B 1 37 ? 0.945   3.596   11.638  1.00 11.62 ? 90  THR B OG1 1 
ATOM   852  C CG2 . THR B 1 37 ? 0.720   4.584   9.495   1.00 10.31 ? 90  THR B CG2 1 
ATOM   853  N N   . LEU B 1 38 ? -2.756  5.772   10.553  1.00 10.83 ? 91  LEU B N   1 
ATOM   854  C CA  . LEU B 1 38 ? -3.802  6.424   9.767   1.00 11.20 ? 91  LEU B CA  1 
ATOM   855  C C   . LEU B 1 38 ? -4.025  7.882   10.190  1.00 10.95 ? 91  LEU B C   1 
ATOM   856  O O   . LEU B 1 38 ? -4.227  8.748   9.345   1.00 11.67 ? 91  LEU B O   1 
ATOM   857  C CB  . LEU B 1 38 ? -5.108  5.628   9.850   1.00 11.76 ? 91  LEU B CB  1 
ATOM   858  C CG  . LEU B 1 38 ? -6.216  6.038   8.893   1.00 12.33 ? 91  LEU B CG  1 
ATOM   859  C CD1 . LEU B 1 38 ? -5.768  5.757   7.451   1.00 14.34 ? 91  LEU B CD1 1 
ATOM   860  C CD2 . LEU B 1 38 ? -7.455  5.234   9.242   1.00 13.77 ? 91  LEU B CD2 1 
ATOM   861  N N   . ALA B 1 39 ? -3.955  8.130   11.494  1.00 10.94 ? 92  ALA B N   1 
ATOM   862  C CA  . ALA B 1 39 ? -4.164  9.460   12.059  1.00 11.17 ? 92  ALA B CA  1 
ATOM   863  C C   . ALA B 1 39 ? -3.155  10.482  11.531  1.00 10.61 ? 92  ALA B C   1 
ATOM   864  O O   . ALA B 1 39 ? -3.458  11.680  11.475  1.00 10.49 ? 92  ALA B O   1 
ATOM   865  C CB  . ALA B 1 39 ? -4.102  9.385   13.571  1.00 11.53 ? 92  ALA B CB  1 
ATOM   866  N N   . VAL B 1 40 ? -1.954  10.011  11.185  1.00 10.97 ? 93  VAL B N   1 
ATOM   867  C CA  . VAL B 1 40 ? -0.923  10.882  10.586  1.00 11.36 ? 93  VAL B CA  1 
ATOM   868  C C   . VAL B 1 40 ? -0.978  10.851  9.060   1.00 11.70 ? 93  VAL B C   1 
ATOM   869  O O   . VAL B 1 40 ? -0.822  11.888  8.398   1.00 10.22 ? 93  VAL B O   1 
ATOM   870  C CB  . VAL B 1 40 ? 0.483   10.499  11.101  1.00 12.32 ? 93  VAL B CB  1 
ATOM   871  C CG1 . VAL B 1 40 ? 1.582   11.351  10.460  1.00 13.55 ? 93  VAL B CG1 1 
ATOM   872  C CG2 . VAL B 1 40 ? 0.533   10.662  12.594  1.00 13.52 ? 93  VAL B CG2 1 
ATOM   873  N N   . PHE B 1 41 ? -1.214  9.663   8.510   1.00 10.50 ? 94  PHE B N   1 
ATOM   874  C CA  . PHE B 1 41 ? -1.375  9.491   7.049   1.00 10.40 ? 94  PHE B CA  1 
ATOM   875  C C   . PHE B 1 41 ? -2.398  10.449  6.438   1.00 10.48 ? 94  PHE B C   1 
ATOM   876  O O   . PHE B 1 41 ? -2.140  11.081  5.411   1.00 10.57 ? 94  PHE B O   1 
ATOM   877  C CB  . PHE B 1 41 ? -1.777  8.046   6.756   1.00 10.92 ? 94  PHE B CB  1 
ATOM   878  C CG  . PHE B 1 41 ? -1.940  7.718   5.286   1.00 10.56 ? 94  PHE B CG  1 
ATOM   879  C CD1 . PHE B 1 41 ? -0.850  7.315   4.526   1.00 11.33 ? 94  PHE B CD1 1 
ATOM   880  C CD2 . PHE B 1 41 ? -3.199  7.775   4.682   1.00 12.38 ? 94  PHE B CD2 1 
ATOM   881  C CE1 . PHE B 1 41 ? -1.000  6.975   3.172   1.00 13.19 ? 94  PHE B CE1 1 
ATOM   882  C CE2 . PHE B 1 41 ? -3.356  7.444   3.328   1.00 13.55 ? 94  PHE B CE2 1 
ATOM   883  C CZ  . PHE B 1 41 ? -2.255  7.047   2.577   1.00 11.62 ? 94  PHE B CZ  1 
ATOM   884  N N   . GLN B 1 42 ? -3.560  10.551  7.067   1.00 10.78 ? 95  GLN B N   1 
ATOM   885  C CA  . GLN B 1 42 ? -4.621  11.382  6.512   1.00 11.67 ? 95  GLN B CA  1 
ATOM   886  C C   . GLN B 1 42 ? -4.252  12.878  6.388   1.00 11.93 ? 95  GLN B C   1 
ATOM   887  O O   . GLN B 1 42 ? -4.360  13.444  5.292   1.00 11.50 ? 95  GLN B O   1 
ATOM   888  C CB  . GLN B 1 42 ? -5.935  11.104  7.221   1.00 12.37 ? 95  GLN B CB  1 
ATOM   889  C CG  . GLN B 1 42 ? -6.386  9.648   6.988   1.00 14.40 ? 95  GLN B CG  1 
ATOM   890  C CD  . GLN B 1 42 ? -7.801  9.385   7.425   1.00 17.58 ? 95  GLN B CD  1 
ATOM   891  O OE1 . GLN B 1 42 ? -8.247  9.868   8.476   1.00 22.53 ? 95  GLN B OE1 1 
ATOM   892  N NE2 . GLN B 1 42 ? -8.521  8.588   6.635   1.00 22.21 ? 95  GLN B NE2 1 
ATOM   893  N N   . PRO B 1 43 ? -3.797  13.527  7.483   1.00 12.26 ? 96  PRO B N   1 
ATOM   894  C CA  . PRO B 1 43 ? -3.374  14.917  7.258   1.00 12.33 ? 96  PRO B CA  1 
ATOM   895  C C   . PRO B 1 43 ? -2.130  15.036  6.365   1.00 12.09 ? 96  PRO B C   1 
ATOM   896  O O   . PRO B 1 43 ? -2.025  15.994  5.592   1.00 13.68 ? 96  PRO B O   1 
ATOM   897  C CB  . PRO B 1 43 ? -3.065  15.449  8.676   1.00 12.19 ? 96  PRO B CB  1 
ATOM   898  C CG  . PRO B 1 43 ? -2.871  14.250  9.513   1.00 13.49 ? 96  PRO B CG  1 
ATOM   899  C CD  . PRO B 1 43 ? -3.682  13.135  8.898   1.00 13.10 ? 96  PRO B CD  1 
ATOM   900  N N   . GLU B 1 44 ? -1.211  14.077  6.439   1.00 12.17 ? 97  GLU B N   1 
ATOM   901  C CA  . GLU B 1 44 ? 0.032   14.196  5.671   1.00 12.04 ? 97  GLU B CA  1 
ATOM   902  C C   . GLU B 1 44 ? -0.188  14.068  4.158   1.00 11.91 ? 97  GLU B C   1 
ATOM   903  O O   . GLU B 1 44 ? 0.583   14.612  3.354   1.00 13.22 ? 97  GLU B O   1 
ATOM   904  C CB  . GLU B 1 44 ? 1.105   13.218  6.155   1.00 12.41 ? 97  GLU B CB  1 
ATOM   905  C CG  . GLU B 1 44 ? 2.524   13.731  5.875   1.00 12.63 ? 97  GLU B CG  1 
ATOM   906  C CD  . GLU B 1 44 ? 3.653   12.862  6.426   1.00 12.59 ? 97  GLU B CD  1 
ATOM   907  O OE1 . GLU B 1 44 ? 3.493   11.635  6.581   1.00 13.08 ? 97  GLU B OE1 1 
ATOM   908  O OE2 . GLU B 1 44 ? 4.724   13.431  6.691   1.00 13.26 ? 97  GLU B OE2 1 
ATOM   909  N N   . THR B 1 45 ? -1.246  13.347  3.786   1.00 11.92 ? 98  THR B N   1 
ATOM   910  C CA  . THR B 1 45 ? -1.627  13.166  2.387   1.00 11.85 ? 98  THR B CA  1 
ATOM   911  C C   . THR B 1 45 ? -2.798  14.046  1.965   1.00 11.92 ? 98  THR B C   1 
ATOM   912  O O   . THR B 1 45 ? -3.250  13.975  0.818   1.00 11.60 ? 98  THR B O   1 
ATOM   913  C CB  . THR B 1 45 ? -2.016  11.702  2.097   1.00 11.87 ? 98  THR B CB  1 
ATOM   914  O OG1 . THR B 1 45 ? -3.147  11.350  2.900   1.00 10.93 ? 98  THR B OG1 1 
ATOM   915  C CG2 . THR B 1 45 ? -0.866  10.741  2.365   1.00 12.75 ? 98  THR B CG2 1 
ATOM   916  N N   . SER B 1 46 ? -3.296  14.876  2.881   1.00 12.64 ? 99  SER B N   1 
ATOM   917  C CA  . SER B 1 46 ? -4.469  15.703  2.598   1.00 13.98 ? 99  SER B CA  1 
ATOM   918  C C   . SER B 1 46 ? -5.676  14.826  2.189   1.00 14.40 ? 99  SER B C   1 
ATOM   919  O O   . SER B 1 46 ? -6.399  15.129  1.221   1.00 15.53 ? 99  SER B O   1 
ATOM   920  C CB  . SER B 1 46 ? -4.138  16.758  1.530   1.00 14.19 ? 99  SER B CB  1 
ATOM   921  O OG  . SER B 1 46 ? -3.090  17.599  1.975   1.00 17.04 ? 99  SER B OG  1 
ATOM   922  N N   . THR B 1 47 ? -5.871  13.726  2.912   1.00 14.50 ? 100 THR B N   1 
ATOM   923  C CA  . THR B 1 47 ? -7.009  12.829  2.675   1.00 14.58 ? 100 THR B CA  1 
ATOM   924  C C   . THR B 1 47 ? -7.863  12.669  3.944   1.00 14.33 ? 100 THR B C   1 
ATOM   925  O O   . THR B 1 47 ? -8.340  11.576  4.264   1.00 14.10 ? 100 THR B O   1 
ATOM   926  C CB  . THR B 1 47 ? -6.562  11.450  2.070   1.00 14.28 ? 100 THR B CB  1 
ATOM   927  O OG1 . THR B 1 47 ? -5.770  10.711  3.009   1.00 14.07 ? 100 THR B OG1 1 
ATOM   928  C CG2 . THR B 1 47 ? -5.780  11.657  0.761   1.00 15.07 ? 100 THR B CG2 1 
ATOM   929  N N   . LEU B 1 48 ? -8.068  13.783  4.661   1.00 15.40 ? 101 LEU B N   1 
ATOM   930  C CA  . LEU B 1 48 ? -8.843  13.753  5.903   1.00 15.24 ? 101 LEU B CA  1 
ATOM   931  C C   . LEU B 1 48 ? -10.271 13.204  5.735   1.00 14.48 ? 101 LEU B C   1 
ATOM   932  O O   . LEU B 1 48 ? -10.823 12.584  6.660   1.00 14.37 ? 101 LEU B O   1 
ATOM   933  C CB  . LEU B 1 48 ? -8.819  15.122  6.623   1.00 16.66 ? 101 LEU B CB  1 
ATOM   934  C CG  . LEU B 1 48 ? -7.475  15.500  7.299   1.00 18.02 ? 101 LEU B CG  1 
ATOM   935  C CD1 . LEU B 1 48 ? -7.446  16.949  7.761   1.00 23.14 ? 101 LEU B CD1 1 
ATOM   936  C CD2 . LEU B 1 48 ? -7.139  14.575  8.457   1.00 21.24 ? 101 LEU B CD2 1 
ATOM   937  N N   . GLN B 1 49 ? -10.828 13.386  4.543   1.00 13.99 ? 102 GLN B N   1 
ATOM   938  C CA  . GLN B 1 49 ? -12.167 12.869  4.201   1.00 13.49 ? 102 GLN B CA  1 
ATOM   939  C C   . GLN B 1 49 ? -12.157 11.367  3.889   1.00 12.97 ? 102 GLN B C   1 
ATOM   940  O O   . GLN B 1 49 ? -13.209 10.747  3.746   1.00 12.40 ? 102 GLN B O   1 
ATOM   941  C CB  . GLN B 1 49 ? -12.744 13.670  3.029   1.00 14.52 ? 102 GLN B CB  1 
ATOM   942  C CG  . GLN B 1 49 ? -12.963 15.157  3.374   1.00 15.94 ? 102 GLN B CG  1 
ATOM   943  C CD  . GLN B 1 49 ? -13.945 15.338  4.533   1.00 18.41 ? 102 GLN B CD  1 
ATOM   944  O OE1 . GLN B 1 49 ? -13.553 15.361  5.704   1.00 19.94 ? 102 GLN B OE1 1 
ATOM   945  N NE2 . GLN B 1 49 ? -15.217 15.450  4.209   1.00 19.08 ? 102 GLN B NE2 1 
ATOM   946  N N   . GLY B 1 50 ? -10.967 10.787  3.800   1.00 11.44 ? 103 GLY B N   1 
ATOM   947  C CA  . GLY B 1 50 ? -10.845 9.354   3.538   1.00 11.59 ? 103 GLY B CA  1 
ATOM   948  C C   . GLY B 1 50 ? -10.852 9.042   2.063   1.00 11.39 ? 103 GLY B C   1 
ATOM   949  O O   . GLY B 1 50 ? -11.537 9.681   1.257   1.00 11.23 ? 103 GLY B O   1 
ATOM   950  N N   . LEU B 1 51 ? -10.048 8.050   1.703   1.00 10.81 ? 104 LEU B N   1 
ATOM   951  C CA  . LEU B 1 51 ? -10.013 7.566   0.327   1.00 10.63 ? 104 LEU B CA  1 
ATOM   952  C C   . LEU B 1 51 ? -11.129 6.537   0.104   1.00 10.63 ? 104 LEU B C   1 
ATOM   953  O O   . LEU B 1 51 ? -11.970 6.321   0.988   1.00 10.71 ? 104 LEU B O   1 
ATOM   954  C CB  . LEU B 1 51 ? -8.627  7.005   0.025   1.00 11.57 ? 104 LEU B CB  1 
ATOM   955  C CG  . LEU B 1 51 ? -7.525  8.084   0.050   1.00 13.14 ? 104 LEU B CG  1 
ATOM   956  C CD1 . LEU B 1 51 ? -6.124  7.477   0.228   1.00 13.96 ? 104 LEU B CD1 1 
ATOM   957  C CD2 . LEU B 1 51 ? -7.604  8.950   -1.205  1.00 16.66 ? 104 LEU B CD2 1 
ATOM   958  N N   . GLU B 1 52 ? -11.156 5.919   -1.078  1.00 9.94  ? 105 GLU B N   1 
ATOM   959  C CA  . GLU B 1 52 ? -12.228 4.953   -1.380  1.00 10.25 ? 105 GLU B CA  1 
ATOM   960  C C   . GLU B 1 52 ? -12.172 3.708   -0.514  1.00 9.62  ? 105 GLU B C   1 
ATOM   961  O O   . GLU B 1 52 ? -11.097 3.239   -0.152  1.00 10.16 ? 105 GLU B O   1 
ATOM   962  C CB  . GLU B 1 52 ? -12.239 4.586   -2.866  1.00 10.26 ? 105 GLU B CB  1 
ATOM   963  C CG  . GLU B 1 52 ? -12.902 5.656   -3.751  1.00 12.07 ? 105 GLU B CG  1 
ATOM   964  C CD  . GLU B 1 52 ? -12.133 6.958   -3.747  1.00 12.95 ? 105 GLU B CD  1 
ATOM   965  O OE1 . GLU B 1 52 ? -10.953 6.945   -4.151  1.00 14.83 ? 105 GLU B OE1 1 
ATOM   966  O OE2 . GLU B 1 52 ? -12.699 7.990   -3.321  1.00 14.14 ? 105 GLU B OE2 1 
ATOM   967  N N   . GLY B 1 53 ? -13.341 3.179   -0.173  1.00 9.48  ? 106 GLY B N   1 
ATOM   968  C CA  . GLY B 1 53 ? -13.417 2.022   0.725   1.00 8.60  ? 106 GLY B CA  1 
ATOM   969  C C   . GLY B 1 53 ? -13.017 0.707   0.086   1.00 8.72  ? 106 GLY B C   1 
ATOM   970  O O   . GLY B 1 53 ? -13.034 0.562   -1.137  1.00 8.42  ? 106 GLY B O   1 
ATOM   971  N N   . ARG B 1 54 ? -12.702 -0.264  0.933   1.00 8.86  ? 107 ARG B N   1 
ATOM   972  C CA  . ARG B 1 54 ? -12.328 -1.601  0.480   1.00 8.88  ? 107 ARG B CA  1 
ATOM   973  C C   . ARG B 1 54 ? -13.214 -2.186  -0.635  1.00 9.16  ? 107 ARG B C   1 
ATOM   974  O O   . ARG B 1 54 ? -12.693 -2.678  -1.637  1.00 9.71  ? 107 ARG B O   1 
ATOM   975  C CB  . ARG B 1 54 ? -12.328 -2.564  1.661   1.00 8.80  ? 107 ARG B CB  1 
ATOM   976  C CG  . ARG B 1 54 ? -11.940 -3.984  1.275   1.00 10.06 ? 107 ARG B CG  1 
ATOM   977  C CD  . ARG B 1 54 ? -12.008 -4.903  2.449   1.00 9.89  ? 107 ARG B CD  1 
ATOM   978  N NE  . ARG B 1 54 ? -11.795 -6.276  2.003   1.00 10.75 ? 107 ARG B NE  1 
ATOM   979  C CZ  . ARG B 1 54 ? -10.749 -7.029  2.328   1.00 11.12 ? 107 ARG B CZ  1 
ATOM   980  N NH1 . ARG B 1 54 ? -9.782  -6.549  3.105   1.00 9.86  ? 107 ARG B NH1 1 
ATOM   981  N NH2 . ARG B 1 54 ? -10.682 -8.274  1.853   1.00 11.83 ? 107 ARG B NH2 1 
ATOM   982  N N   . GLU B 1 55 ? -14.535 -2.165  -0.462  1.00 9.50  ? 108 GLU B N   1 
ATOM   983  C CA  . GLU B 1 55 ? -15.396 -2.844  -1.448  1.00 9.13  ? 108 GLU B CA  1 
ATOM   984  C C   . GLU B 1 55 ? -15.522 -2.069  -2.768  1.00 9.52  ? 108 GLU B C   1 
ATOM   985  O O   . GLU B 1 55 ? -15.659 -2.660  -3.841  1.00 11.01 ? 108 GLU B O   1 
ATOM   986  C CB  . GLU B 1 55 ? -16.772 -3.178  -0.856  1.00 9.95  ? 108 GLU B CB  1 
ATOM   987  C CG  . GLU B 1 55 ? -16.723 -3.838  0.540   1.00 10.21 ? 108 GLU B CG  1 
ATOM   988  C CD  . GLU B 1 55 ? -15.757 -5.022  0.637   1.00 11.81 ? 108 GLU B CD  1 
ATOM   989  O OE1 . GLU B 1 55 ? -15.432 -5.648  -0.409  1.00 12.97 ? 108 GLU B OE1 1 
ATOM   990  O OE2 . GLU B 1 55 ? -15.345 -5.337  1.775   1.00 13.94 ? 108 GLU B OE2 1 
ATOM   991  N N   . ASN B 1 56 ? -15.397 -0.746  -2.677  1.00 9.82  ? 109 ASN B N   1 
ATOM   992  C CA  . ASN B 1 56 ? -15.270 0.117   -3.850  1.00 10.08 ? 109 ASN B CA  1 
ATOM   993  C C   . ASN B 1 56 ? -14.010 -0.298  -4.628  1.00 9.98  ? 109 ASN B C   1 
ATOM   994  O O   . ASN B 1 56 ? -14.037 -0.506  -5.845  1.00 10.56 ? 109 ASN B O   1 
ATOM   995  C CB  . ASN B 1 56 ? -15.198 1.569   -3.363  1.00 10.71 ? 109 ASN B CB  1 
ATOM   996  C CG  . ASN B 1 56 ? -14.976 2.575   -4.473  1.00 12.40 ? 109 ASN B CG  1 
ATOM   997  O OD1 . ASN B 1 56 ? -14.130 2.400   -5.340  1.00 19.62 ? 109 ASN B OD1 1 
ATOM   998  N ND2 . ASN B 1 56 ? -15.701 3.674   -4.399  1.00 16.71 ? 109 ASN B ND2 1 
ATOM   999  N N   . LEU B 1 57 ? -12.897 -0.431  -3.908  1.00 9.13  ? 110 LEU B N   1 
ATOM   1000 C CA  . LEU B 1 57 ? -11.652 -0.824  -4.555  1.00 9.10  ? 110 LEU B CA  1 
ATOM   1001 C C   . LEU B 1 57 ? -11.745 -2.214  -5.172  1.00 9.36  ? 110 LEU B C   1 
ATOM   1002 O O   . LEU B 1 57 ? -11.285 -2.412  -6.288  1.00 10.22 ? 110 LEU B O   1 
ATOM   1003 C CB  . LEU B 1 57 ? -10.510 -0.796  -3.537  1.00 9.87  ? 110 LEU B CB  1 
ATOM   1004 C CG  . LEU B 1 57 ? -10.312 0.536   -2.833  1.00 9.56  ? 110 LEU B CG  1 
ATOM   1005 C CD1 . LEU B 1 57 ? -9.186  0.389   -1.837  1.00 10.01 ? 110 LEU B CD1 1 
ATOM   1006 C CD2 . LEU B 1 57 ? -10.006 1.663   -3.779  1.00 13.35 ? 110 LEU B CD2 1 
ATOM   1007 N N   . ALA B 1 58 ? -12.339 -3.164  -4.448  1.00 10.10 ? 111 ALA B N   1 
ATOM   1008 C CA  . ALA B 1 58 ? -12.466 -4.525  -4.968  1.00 10.18 ? 111 ALA B CA  1 
ATOM   1009 C C   . ALA B 1 58 ? -13.283 -4.537  -6.256  1.00 10.98 ? 111 ALA B C   1 
ATOM   1010 O O   . ALA B 1 58 ? -12.911 -5.184  -7.235  1.00 11.52 ? 111 ALA B O   1 
ATOM   1011 C CB  . ALA B 1 58 ? -13.079 -5.434  -3.931  1.00 10.21 ? 111 ALA B CB  1 
ATOM   1012 N N   . ARG B 1 59 ? -14.384 -3.790  -6.256  1.00 12.15 ? 112 ARG B N   1 
ATOM   1013 C CA  . ARG B 1 59 ? -15.195 -3.632  -7.466  1.00 13.79 ? 112 ARG B CA  1 
ATOM   1014 C C   . ARG B 1 59 ? -14.360 -3.101  -8.640  1.00 13.56 ? 112 ARG B C   1 
ATOM   1015 O O   . ARG B 1 59 ? -14.407 -3.648  -9.754  1.00 13.98 ? 112 ARG B O   1 
ATOM   1016 C CB  . ARG B 1 59 ? -16.394 -2.720  -7.180  1.00 14.07 ? 112 ARG B CB  1 
ATOM   1017 C CG  . ARG B 1 59 ? -17.475 -2.679  -8.265  1.00 14.94 ? 112 ARG B CG  1 
ATOM   1018 C CD  . ARG B 1 59 ? -18.596 -1.695  -7.876  1.00 16.45 ? 112 ARG B CD  1 
ATOM   1019 N NE  . ARG B 1 59 ? -18.896 -1.818  -6.463  1.00 19.76 ? 112 ARG B NE  1 
ATOM   1020 C CZ  . ARG B 1 59 ? -18.773 -0.861  -5.538  1.00 18.08 ? 112 ARG B CZ  1 
ATOM   1021 N NH1 . ARG B 1 59 ? -18.405 0.385   -5.838  1.00 16.80 ? 112 ARG B NH1 1 
ATOM   1022 N NH2 . ARG B 1 59 ? -19.058 -1.168  -4.285  1.00 18.28 ? 112 ARG B NH2 1 
ATOM   1023 N N   . ASP B 1 60 ? -13.563 -2.067  -8.375  1.00 14.42 ? 113 ASP B N   1 
ATOM   1024 C CA  . ASP B 1 60 ? -12.698 -1.463  -9.371  1.00 15.56 ? 113 ASP B CA  1 
ATOM   1025 C C   . ASP B 1 60 ? -11.696 -2.463  -9.942  1.00 15.06 ? 113 ASP B C   1 
ATOM   1026 O O   . ASP B 1 60 ? -11.436 -2.484  -11.151 1.00 16.55 ? 113 ASP B O   1 
ATOM   1027 C CB  . ASP B 1 60 ? -11.924 -0.319  -8.730  1.00 16.83 ? 113 ASP B CB  1 
ATOM   1028 C CG  . ASP B 1 60 ? -12.322 1.034   -9.254  1.00 21.56 ? 113 ASP B CG  1 
ATOM   1029 O OD1 . ASP B 1 60 ? -11.433 1.917   -9.231  1.00 26.39 ? 113 ASP B OD1 1 
ATOM   1030 O OD2 . ASP B 1 60 ? -13.482 1.225   -9.685  1.00 25.75 ? 113 ASP B OD2 1 
ATOM   1031 N N   . LEU B 1 61 ? -11.134 -3.284  -9.059  1.00 14.45 ? 114 LEU B N   1 
ATOM   1032 C CA  . LEU B 1 61 ? -10.095 -4.247  -9.418  1.00 13.82 ? 114 LEU B CA  1 
ATOM   1033 C C   . LEU B 1 61 ? -10.660 -5.563  -9.980  1.00 14.38 ? 114 LEU B C   1 
ATOM   1034 O O   . LEU B 1 61 ? -9.914  -6.415  -10.475 1.00 14.98 ? 114 LEU B O   1 
ATOM   1035 C CB  . LEU B 1 61 ? -9.230  -4.549  -8.196  1.00 14.18 ? 114 LEU B CB  1 
ATOM   1036 C CG  . LEU B 1 61 ? -8.354  -3.410  -7.677  1.00 13.01 ? 114 LEU B CG  1 
ATOM   1037 C CD1 . LEU B 1 61 ? -7.950  -3.681  -6.257  1.00 13.27 ? 114 LEU B CD1 1 
ATOM   1038 C CD2 . LEU B 1 61 ? -7.107  -3.269  -8.551  1.00 14.06 ? 114 LEU B CD2 1 
ATOM   1039 N N   . GLY B 1 62 ? -11.974 -5.736  -9.878  1.00 14.14 ? 115 GLY B N   1 
ATOM   1040 C CA  . GLY B 1 62 ? -12.620 -6.969  -10.355 1.00 14.28 ? 115 GLY B CA  1 
ATOM   1041 C C   . GLY B 1 62 ? -12.493 -8.120  -9.379  1.00 14.71 ? 115 GLY B C   1 
ATOM   1042 O O   . GLY B 1 62 ? -12.736 -9.289  -9.737  1.00 16.50 ? 115 GLY B O   1 
ATOM   1043 N N   . ILE B 1 63 ? -12.132 -7.809  -8.136  1.00 13.59 ? 116 ILE B N   1 
ATOM   1044 C CA  . ILE B 1 63 ? -12.019 -8.819  -7.084  1.00 13.70 ? 116 ILE B CA  1 
ATOM   1045 C C   . ILE B 1 63 ? -13.382 -9.107  -6.454  1.00 14.62 ? 116 ILE B C   1 
ATOM   1046 O O   . ILE B 1 63 ? -14.116 -8.190  -6.086  1.00 14.63 ? 116 ILE B O   1 
ATOM   1047 C CB  . ILE B 1 63 ? -10.973 -8.387  -6.024  1.00 13.35 ? 116 ILE B CB  1 
ATOM   1048 C CG1 . ILE B 1 63 ? -9.586  -8.363  -6.689  1.00 12.27 ? 116 ILE B CG1 1 
ATOM   1049 C CG2 . ILE B 1 63 ? -11.002 -9.285  -4.798  1.00 13.63 ? 116 ILE B CG2 1 
ATOM   1050 C CD1 . ILE B 1 63 ? -8.520  -7.612  -5.908  1.00 12.56 ? 116 ILE B CD1 1 
ATOM   1051 N N   . ILE B 1 64 ? -13.723 -10.390 -6.346  1.00 14.95 ? 117 ILE B N   1 
ATOM   1052 C CA  . ILE B 1 64 ? -14.986 -10.809 -5.722  1.00 15.77 ? 117 ILE B CA  1 
ATOM   1053 C C   . ILE B 1 64 ? -14.697 -11.230 -4.277  1.00 15.93 ? 117 ILE B C   1 
ATOM   1054 O O   . ILE B 1 64 ? -13.928 -12.165 -4.046  1.00 16.72 ? 117 ILE B O   1 
ATOM   1055 C CB  . ILE B 1 64 ? -15.644 -11.995 -6.498  1.00 15.63 ? 117 ILE B CB  1 
ATOM   1056 C CG1 . ILE B 1 64 ? -15.818 -11.671 -7.985  1.00 15.36 ? 117 ILE B CG1 1 
ATOM   1057 C CG2 . ILE B 1 64 ? -16.973 -12.400 -5.851  1.00 17.11 ? 117 ILE B CG2 1 
ATOM   1058 C CD1 . ILE B 1 64 ? -15.908 -12.915 -8.884  1.00 17.33 ? 117 ILE B CD1 1 
ATOM   1059 N N   . GLU B 1 65 ? -15.279 -10.548 -3.287  1.00 15.87 ? 118 GLU B N   1 
ATOM   1060 C CA  . GLU B 1 65 ? -15.072 -10.999 -1.894  1.00 15.66 ? 118 GLU B CA  1 
ATOM   1061 C C   . GLU B 1 65 ? -15.523 -12.435 -1.695  1.00 16.45 ? 118 GLU B C   1 
ATOM   1062 O O   . GLU B 1 65 ? -16.612 -12.843 -2.137  1.00 16.74 ? 118 GLU B O   1 
ATOM   1063 C CB  . GLU B 1 65 ? -15.765 -10.121 -0.843  1.00 16.12 ? 118 GLU B CB  1 
ATOM   1064 C CG  . GLU B 1 65 ? -15.280 -8.704  -0.781  1.00 15.53 ? 118 GLU B CG  1 
ATOM   1065 C CD  . GLU B 1 65 ? -13.908 -8.476  -0.104  1.00 16.47 ? 118 GLU B CD  1 
ATOM   1066 O OE1 . GLU B 1 65 ? -13.111 -9.404  0.205   1.00 15.41 ? 118 GLU B OE1 1 
ATOM   1067 O OE2 . GLU B 1 65 ? -13.610 -7.300  0.085   1.00 13.74 ? 118 GLU B OE2 1 
ATOM   1068 N N   . ALA B 1 66 ? -14.676 -13.197 -1.022  1.00 16.42 ? 119 ALA B N   1 
ATOM   1069 C CA  . ALA B 1 66 ? -14.953 -14.598 -0.738  1.00 17.07 ? 119 ALA B CA  1 
ATOM   1070 C C   . ALA B 1 66 ? -14.199 -14.985 0.527   1.00 17.63 ? 119 ALA B C   1 
ATOM   1071 O O   . ALA B 1 66 ? -13.457 -14.167 1.092   1.00 16.51 ? 119 ALA B O   1 
ATOM   1072 C CB  . ALA B 1 66 ? -14.538 -15.459 -1.926  1.00 17.17 ? 119 ALA B CB  1 
ATOM   1073 N N   . GLU B 1 67 ? -14.389 -16.215 1.008   1.00 18.62 ? 120 GLU B N   1 
ATOM   1074 C CA  . GLU B 1 67 ? -13.726 -16.604 2.237   1.00 20.49 ? 120 GLU B CA  1 
ATOM   1075 C C   . GLU B 1 67 ? -12.203 -16.432 2.087   1.00 19.64 ? 120 GLU B C   1 
ATOM   1076 O O   . GLU B 1 67 ? -11.515 -16.091 3.043   1.00 20.43 ? 120 GLU B O   1 
ATOM   1077 C CB  . GLU B 1 67 ? -14.151 -18.021 2.674   1.00 20.59 ? 120 GLU B CB  1 
ATOM   1078 C CG  . GLU B 1 67 ? -13.267 -19.167 2.226   1.00 24.29 ? 120 GLU B CG  1 
ATOM   1079 C CD  . GLU B 1 67 ? -13.669 -20.482 2.879   1.00 24.22 ? 120 GLU B CD  1 
ATOM   1080 O OE1 . GLU B 1 67 ? -12.821 -21.400 2.944   1.00 29.57 ? 120 GLU B OE1 1 
ATOM   1081 O OE2 . GLU B 1 67 ? -14.831 -20.588 3.339   1.00 29.34 ? 120 GLU B OE2 1 
ATOM   1082 N N   . GLY B 1 68 ? -11.713 -16.611 0.860   1.00 18.67 ? 121 GLY B N   1 
ATOM   1083 C CA  . GLY B 1 68 ? -10.282 -16.502 0.555   1.00 17.36 ? 121 GLY B CA  1 
ATOM   1084 C C   . GLY B 1 68 ? -9.696  -15.111 0.391   1.00 16.92 ? 121 GLY B C   1 
ATOM   1085 O O   . GLY B 1 68 ? -8.475  -14.975 0.245   1.00 17.99 ? 121 GLY B O   1 
ATOM   1086 N N   . THR B 1 69 ? -10.553 -14.082 0.384   1.00 14.18 ? 122 THR B N   1 
ATOM   1087 C CA  . THR B 1 69 ? -10.079 -12.693 0.348   1.00 12.97 ? 122 THR B CA  1 
ATOM   1088 C C   . THR B 1 69 ? -10.366 -11.929 1.634   1.00 12.09 ? 122 THR B C   1 
ATOM   1089 O O   . THR B 1 69 ? -9.616  -11.001 1.992   1.00 11.86 ? 122 THR B O   1 
ATOM   1090 C CB  . THR B 1 69 ? -10.693 -11.882 -0.819  1.00 12.59 ? 122 THR B CB  1 
ATOM   1091 O OG1 . THR B 1 69 ? -12.123 -11.887 -0.705  1.00 13.07 ? 122 THR B OG1 1 
ATOM   1092 C CG2 . THR B 1 69 ? -10.268 -12.417 -2.175  1.00 14.25 ? 122 THR B CG2 1 
ATOM   1093 N N   . VAL B 1 70 ? -11.463 -12.286 2.314   1.00 11.93 ? 123 VAL B N   1 
ATOM   1094 C CA  . VAL B 1 70 ? -11.937 -11.490 3.468   1.00 12.02 ? 123 VAL B CA  1 
ATOM   1095 C C   . VAL B 1 70 ? -10.954 -11.431 4.631   1.00 11.51 ? 123 VAL B C   1 
ATOM   1096 O O   . VAL B 1 70 ? -10.974 -10.465 5.432   1.00 11.77 ? 123 VAL B O   1 
ATOM   1097 C CB  . VAL B 1 70 ? -13.373 -11.892 3.966   1.00 11.54 ? 123 VAL B CB  1 
ATOM   1098 C CG1 . VAL B 1 70 ? -14.392 -11.643 2.882   1.00 13.06 ? 123 VAL B CG1 1 
ATOM   1099 C CG2 . VAL B 1 70 ? -13.429 -13.338 4.495   1.00 15.04 ? 123 VAL B CG2 1 
ATOM   1100 N N   . GLY B 1 71 ? -10.090 -12.447 4.700   1.00 11.32 ? 124 GLY B N   1 
ATOM   1101 C CA  . GLY B 1 71 ? -9.159  -12.634 5.813   1.00 11.94 ? 124 GLY B CA  1 
ATOM   1102 C C   . GLY B 1 71 ? -7.851  -11.885 5.674   1.00 11.39 ? 124 GLY B C   1 
ATOM   1103 O O   . GLY B 1 71 ? -6.972  -11.992 6.534   1.00 12.88 ? 124 GLY B O   1 
ATOM   1104 N N   . GLY B 1 72 ? -7.715  -11.115 4.595   1.00 10.05 ? 125 GLY B N   1 
ATOM   1105 C CA  . GLY B 1 72 ? -6.492  -10.330 4.385   1.00 9.13  ? 125 GLY B CA  1 
ATOM   1106 C C   . GLY B 1 72 ? -6.805  -8.956  3.831   1.00 7.95  ? 125 GLY B C   1 
ATOM   1107 O O   . GLY B 1 72 ? -7.919  -8.710  3.380   1.00 8.42  ? 125 GLY B O   1 
ATOM   1108 N N   . PRO B 1 73 ? -5.818  -8.047  3.854   1.00 8.47  ? 126 PRO B N   1 
ATOM   1109 C CA  . PRO B 1 73 ? -6.038  -6.744  3.228   1.00 8.17  ? 126 PRO B CA  1 
ATOM   1110 C C   . PRO B 1 73 ? -6.168  -6.960  1.721   1.00 8.75  ? 126 PRO B C   1 
ATOM   1111 O O   . PRO B 1 73 ? -5.724  -7.991  1.196   1.00 9.24  ? 126 PRO B O   1 
ATOM   1112 C CB  . PRO B 1 73 ? -4.754  -5.960  3.562   1.00 8.68  ? 126 PRO B CB  1 
ATOM   1113 C CG  . PRO B 1 73 ? -3.706  -7.067  3.665   1.00 8.81  ? 126 PRO B CG  1 
ATOM   1114 C CD  . PRO B 1 73 ? -4.446  -8.204  4.352   1.00 8.56  ? 126 PRO B CD  1 
ATOM   1115 N N   . LEU B 1 74 ? -6.791  -6.023  1.025   1.00 9.12  ? 127 LEU B N   1 
ATOM   1116 C CA  . LEU B 1 74 ? -6.993  -6.212  -0.398  1.00 9.60  ? 127 LEU B CA  1 
ATOM   1117 C C   . LEU B 1 74 ? -5.658  -6.322  -1.156  1.00 8.88  ? 127 LEU B C   1 
ATOM   1118 O O   . LEU B 1 74 ? -5.553  -7.060  -2.137  1.00 8.88  ? 127 LEU B O   1 
ATOM   1119 C CB  . LEU B 1 74 ? -7.889  -5.101  -0.949  1.00 11.20 ? 127 LEU B CB  1 
ATOM   1120 C CG  . LEU B 1 74 ? -8.694  -5.480  -2.172  1.00 14.81 ? 127 LEU B CG  1 
ATOM   1121 C CD1 . LEU B 1 74 ? -9.667  -6.615  -1.852  1.00 14.95 ? 127 LEU B CD1 1 
ATOM   1122 C CD2 . LEU B 1 74 ? -9.453  -4.235  -2.650  1.00 15.63 ? 127 LEU B CD2 1 
ATOM   1123 N N   . LEU B 1 75 ? -4.634  -5.591  -0.709  1.00 8.32  ? 128 LEU B N   1 
ATOM   1124 C CA  . LEU B 1 75 ? -3.309  -5.678  -1.346  1.00 9.23  ? 128 LEU B CA  1 
ATOM   1125 C C   . LEU B 1 75 ? -2.740  -7.086  -1.308  1.00 9.18  ? 128 LEU B C   1 
ATOM   1126 O O   . LEU B 1 75 ? -1.940  -7.465  -2.158  1.00 9.37  ? 128 LEU B O   1 
ATOM   1127 C CB  . LEU B 1 75 ? -2.322  -4.705  -0.696  1.00 10.04 ? 128 LEU B CB  1 
ATOM   1128 C CG  . LEU B 1 75 ? -2.359  -3.277  -1.217  1.00 9.73  ? 128 LEU B CG  1 
ATOM   1129 C CD1 . LEU B 1 75 ? -1.484  -2.354  -0.372  1.00 11.30 ? 128 LEU B CD1 1 
ATOM   1130 C CD2 . LEU B 1 75 ? -1.932  -3.220  -2.701  1.00 9.67  ? 128 LEU B CD2 1 
ATOM   1131 N N   . LEU B 1 76 ? -3.142  -7.883  -0.314  1.00 9.16  ? 129 LEU B N   1 
ATOM   1132 C CA  . LEU B 1 76 ? -2.699  -9.281  -0.321  1.00 9.25  ? 129 LEU B CA  1 
ATOM   1133 C C   . LEU B 1 76 ? -3.184  -10.003 -1.588  1.00 9.65  ? 129 LEU B C   1 
ATOM   1134 O O   . LEU B 1 76 ? -2.427  -10.765 -2.218  1.00 10.10 ? 129 LEU B O   1 
ATOM   1135 C CB  . LEU B 1 76 ? -3.172  -10.009 0.937   1.00 9.61  ? 129 LEU B CB  1 
ATOM   1136 C CG  . LEU B 1 76 ? -2.714  -11.475 0.947   1.00 9.63  ? 129 LEU B CG  1 
ATOM   1137 C CD1 . LEU B 1 76 ? -1.223  -11.611 0.922   1.00 9.13  ? 129 LEU B CD1 1 
ATOM   1138 C CD2 . LEU B 1 76 ? -3.305  -12.192 2.157   1.00 10.12 ? 129 LEU B CD2 1 
ATOM   1139 N N   . GLU B 1 77 ? -4.440  -9.772  -1.964  1.00 9.20  ? 130 GLU B N   1 
ATOM   1140 C CA  . GLU B 1 77 ? -5.004  -10.425 -3.140  1.00 9.19  ? 130 GLU B CA  1 
ATOM   1141 C C   . GLU B 1 77 ? -4.373  -9.891  -4.419  1.00 9.63  ? 130 GLU B C   1 
ATOM   1142 O O   . GLU B 1 77 ? -4.072  -10.648 -5.363  1.00 10.06 ? 130 GLU B O   1 
ATOM   1143 C CB  . GLU B 1 77 ? -6.522  -10.233 -3.171  1.00 9.95  ? 130 GLU B CB  1 
ATOM   1144 C CG  . GLU B 1 77 ? -7.197  -11.059 -4.256  1.00 11.26 ? 130 GLU B CG  1 
ATOM   1145 C CD  . GLU B 1 77 ? -7.199  -12.573 -4.011  1.00 12.80 ? 130 GLU B CD  1 
ATOM   1146 O OE1 . GLU B 1 77 ? -6.491  -13.096 -3.128  1.00 12.28 ? 130 GLU B OE1 1 
ATOM   1147 O OE2 . GLU B 1 77 ? -7.938  -13.253 -4.739  1.00 13.89 ? 130 GLU B OE2 1 
ATOM   1148 N N   . VAL B 1 78 ? -4.144  -8.589  -4.436  1.00 9.40  ? 131 VAL B N   1 
ATOM   1149 C CA  . VAL B 1 78 ? -3.447  -7.968  -5.566  1.00 9.55  ? 131 VAL B CA  1 
ATOM   1150 C C   . VAL B 1 78 ? -2.080  -8.628  -5.745  1.00 10.26 ? 131 VAL B C   1 
ATOM   1151 O O   . VAL B 1 78 ? -1.718  -9.063  -6.846  1.00 10.32 ? 131 VAL B O   1 
ATOM   1152 C CB  . VAL B 1 78 ? -3.327  -6.439  -5.385  1.00 9.94  ? 131 VAL B CB  1 
ATOM   1153 C CG1 . VAL B 1 78 ? -2.468  -5.866  -6.498  1.00 9.94  ? 131 VAL B CG1 1 
ATOM   1154 C CG2 . VAL B 1 78 ? -4.718  -5.797  -5.408  1.00 9.26  ? 131 VAL B CG2 1 
ATOM   1155 N N   . ILE B 1 79 ? -1.322  -8.759  -4.660  1.00 10.09 ? 132 ILE B N   1 
ATOM   1156 C CA  . ILE B 1 79 ? 0.024   -9.298  -4.783  1.00 11.17 ? 132 ILE B CA  1 
ATOM   1157 C C   . ILE B 1 79 ? 0.042   -10.812 -5.096  1.00 10.37 ? 132 ILE B C   1 
ATOM   1158 O O   . ILE B 1 79 ? 0.894   -11.277 -5.860  1.00 10.70 ? 132 ILE B O   1 
ATOM   1159 C CB  . ILE B 1 79 ? 0.895   -8.901  -3.572  1.00 11.72 ? 132 ILE B CB  1 
ATOM   1160 C CG1 . ILE B 1 79 ? 1.196   -7.391  -3.601  1.00 14.55 ? 132 ILE B CG1 1 
ATOM   1161 C CG2 . ILE B 1 79 ? 2.178   -9.716  -3.522  1.00 14.94 ? 132 ILE B CG2 1 
ATOM   1162 C CD1 . ILE B 1 79 ? 1.753   -6.865  -4.928  1.00 16.94 ? 132 ILE B CD1 1 
ATOM   1163 N N   . ARG B 1 80 ? -0.909  -11.574 -4.545  1.00 9.98  ? 133 ARG B N   1 
ATOM   1164 C CA  . ARG B 1 80 ? -1.040  -12.988 -4.913  1.00 10.04 ? 133 ARG B CA  1 
ATOM   1165 C C   . ARG B 1 80 ? -1.205  -13.152 -6.432  1.00 9.96  ? 133 ARG B C   1 
ATOM   1166 O O   . ARG B 1 80 ? -0.649  -14.081 -7.036  1.00 9.58  ? 133 ARG B O   1 
ATOM   1167 C CB  . ARG B 1 80 ? -2.214  -13.630 -4.179  1.00 10.04 ? 133 ARG B CB  1 
ATOM   1168 C CG  . ARG B 1 80 ? -2.326  -15.139 -4.400  1.00 10.57 ? 133 ARG B CG  1 
ATOM   1169 C CD  . ARG B 1 80 ? -3.537  -15.708 -3.672  1.00 10.30 ? 133 ARG B CD  1 
ATOM   1170 N NE  . ARG B 1 80 ? -4.814  -15.316 -4.282  1.00 11.04 ? 133 ARG B NE  1 
ATOM   1171 C CZ  . ARG B 1 80 ? -5.285  -15.821 -5.423  1.00 10.75 ? 133 ARG B CZ  1 
ATOM   1172 N NH1 . ARG B 1 80 ? -4.581  -16.745 -6.085  1.00 9.02  ? 133 ARG B NH1 1 
ATOM   1173 N NH2 . ARG B 1 80 ? -6.457  -15.414 -5.896  1.00 9.67  ? 133 ARG B NH2 1 
ATOM   1174 N N   . ARG B 1 81 ? -1.970  -12.232 -7.020  1.00 9.98  ? 134 ARG B N   1 
ATOM   1175 C CA  . ARG B 1 81 ? -2.366  -12.281 -8.424  1.00 9.63  ? 134 ARG B CA  1 
ATOM   1176 C C   . ARG B 1 81 ? -1.487  -11.453 -9.364  1.00 10.94 ? 134 ARG B C   1 
ATOM   1177 O O   . ARG B 1 81 ? -1.795  -11.313 -10.555 1.00 11.98 ? 134 ARG B O   1 
ATOM   1178 C CB  . ARG B 1 81 ? -3.840  -11.917 -8.559  1.00 10.50 ? 134 ARG B CB  1 
ATOM   1179 C CG  . ARG B 1 81 ? -4.767  -12.976 -7.932  1.00 8.55  ? 134 ARG B CG  1 
ATOM   1180 C CD  . ARG B 1 81 ? -6.241  -12.638 -8.136  1.00 10.62 ? 134 ARG B CD  1 
ATOM   1181 N NE  . ARG B 1 81 ? -6.519  -12.419 -9.553  1.00 12.86 ? 134 ARG B NE  1 
ATOM   1182 C CZ  . ARG B 1 81 ? -7.515  -11.679 -10.036 1.00 16.45 ? 134 ARG B CZ  1 
ATOM   1183 N NH1 . ARG B 1 81 ? -8.407  -11.104 -9.231  1.00 14.81 ? 134 ARG B NH1 1 
ATOM   1184 N NH2 . ARG B 1 81 ? -7.615  -11.522 -11.347 1.00 18.26 ? 134 ARG B NH2 1 
ATOM   1185 N N   . TRP B 1 82 ? -0.374  -10.970 -8.818  1.00 12.46 ? 135 TRP B N   1 
ATOM   1186 C CA  . TRP B 1 82 ? 0.625   -10.215 -9.594  1.00 12.96 ? 135 TRP B CA  1 
ATOM   1187 C C   . TRP B 1 82 ? 1.745   -11.150 -10.049 1.00 13.26 ? 135 TRP B C   1 
ATOM   1188 O O   . TRP B 1 82 ? 2.080   -11.194 -11.247 1.00 14.13 ? 135 TRP B O   1 
ATOM   1189 C CB  . TRP B 1 82 ? 1.178   -9.037  -8.764  1.00 12.75 ? 135 TRP B CB  1 
ATOM   1190 C CG  . TRP B 1 82 ? 2.340   -8.353  -9.434  1.00 12.29 ? 135 TRP B CG  1 
ATOM   1191 C CD1 . TRP B 1 82 ? 3.644   -8.412  -9.069  1.00 12.17 ? 135 TRP B CD1 1 
ATOM   1192 C CD2 . TRP B 1 82 ? 2.278   -7.548  -10.608 1.00 11.41 ? 135 TRP B CD2 1 
ATOM   1193 N NE1 . TRP B 1 82 ? 4.424   -7.674  -9.951  1.00 11.26 ? 135 TRP B NE1 1 
ATOM   1194 C CE2 . TRP B 1 82 ? 3.597   -7.134  -10.903 1.00 12.02 ? 135 TRP B CE2 1 
ATOM   1195 C CE3 . TRP B 1 82 ? 1.234   -7.149  -11.448 1.00 12.43 ? 135 TRP B CE3 1 
ATOM   1196 C CZ2 . TRP B 1 82 ? 3.898   -6.323  -12.012 1.00 11.46 ? 135 TRP B CZ2 1 
ATOM   1197 C CZ3 . TRP B 1 82 ? 1.529   -6.344  -12.544 1.00 13.84 ? 135 TRP B CZ3 1 
ATOM   1198 C CH2 . TRP B 1 82 ? 2.860   -5.946  -12.816 1.00 13.26 ? 135 TRP B CH2 1 
ATOM   1199 O OXT . TRP B 1 82 ? 2.353   -11.875 -9.238  1.00 13.65 ? 135 TRP B OXT 1 
HETATM 1200 O O   . HOH C 2 .  ? 5.050   1.167   -3.569  1.00 8.33  ? 136 HOH A O   1 
HETATM 1201 O O   . HOH C 2 .  ? 2.596   -16.002 1.155   1.00 15.04 ? 137 HOH A O   1 
HETATM 1202 O O   . HOH C 2 .  ? 9.633   6.408   15.051  1.00 14.46 ? 138 HOH A O   1 
HETATM 1203 O O   . HOH C 2 .  ? 4.080   -18.138 7.682   1.00 16.44 ? 139 HOH A O   1 
HETATM 1204 O O   . HOH C 2 .  ? 4.248   -17.804 3.130   1.00 16.29 ? 140 HOH A O   1 
HETATM 1205 O O   . HOH C 2 .  ? -1.319  -15.199 -0.573  1.00 15.95 ? 141 HOH A O   1 
HETATM 1206 O O   . HOH C 2 .  ? 1.257   -16.660 -3.126  1.00 17.64 ? 142 HOH A O   1 
HETATM 1207 O O   . HOH C 2 .  ? 10.335  9.174   9.396   1.00 17.13 ? 143 HOH A O   1 
HETATM 1208 O O   . HOH C 2 .  ? 7.885   -7.104  -15.950 1.00 17.30 ? 144 HOH A O   1 
HETATM 1209 O O   . HOH C 2 .  ? -0.468  -13.571 3.749   1.00 17.00 ? 145 HOH A O   1 
HETATM 1210 O O   . HOH C 2 .  ? 11.427  9.130   -16.142 1.00 17.35 ? 146 HOH A O   1 
HETATM 1211 O O   . HOH C 2 .  ? 12.573  6.073   -8.232  1.00 25.96 ? 147 HOH A O   1 
HETATM 1212 O O   . HOH C 2 .  ? 13.027  -10.629 -11.100 1.00 22.50 ? 148 HOH A O   1 
HETATM 1213 O O   . HOH C 2 .  ? 6.386   2.964   -10.672 1.00 18.09 ? 149 HOH A O   1 
HETATM 1214 O O   . HOH C 2 .  ? 16.920  -2.864  -2.077  1.00 28.53 ? 150 HOH A O   1 
HETATM 1215 O O   . HOH C 2 .  ? 8.393   -13.215 5.730   1.00 27.31 ? 151 HOH A O   1 
HETATM 1216 O O   . HOH C 2 .  ? -4.873  -6.419  13.733  1.00 21.43 ? 152 HOH A O   1 
HETATM 1217 O O   . HOH C 2 .  ? 8.577   -12.275 0.780   1.00 16.39 ? 153 HOH A O   1 
HETATM 1218 O O   . HOH C 2 .  ? 10.775  9.803   -3.932  1.00 19.45 ? 154 HOH A O   1 
HETATM 1219 O O   . HOH C 2 .  ? 1.696   -5.118  -18.925 1.00 27.14 ? 155 HOH A O   1 
HETATM 1220 O O   . HOH C 2 .  ? 2.252   -16.697 9.246   1.00 18.89 ? 156 HOH A O   1 
HETATM 1221 O O   . HOH C 2 .  ? 4.920   -15.458 -2.880  1.00 26.55 ? 157 HOH A O   1 
HETATM 1222 O O   . HOH C 2 .  ? 8.348   7.143   -14.454 1.00 17.35 ? 158 HOH A O   1 
HETATM 1223 O O   . HOH C 2 .  ? -0.349  -2.674  15.733  1.00 23.63 ? 159 HOH A O   1 
HETATM 1224 O O   . HOH C 2 .  ? 10.068  -1.239  1.433   1.00 23.97 ? 160 HOH A O   1 
HETATM 1225 O O   . HOH C 2 .  ? 6.480   -11.199 11.753  1.00 22.15 ? 161 HOH A O   1 
HETATM 1226 O O   . HOH C 2 .  ? -3.014  -12.425 9.495   1.00 23.50 ? 162 HOH A O   1 
HETATM 1227 O O   . HOH C 2 .  ? -1.148  5.915   -14.214 1.00 32.12 ? 163 HOH A O   1 
HETATM 1228 O O   . HOH C 2 .  ? 8.936   -3.724  -15.634 1.00 30.78 ? 164 HOH A O   1 
HETATM 1229 O O   . HOH C 2 .  ? 14.256  9.041   -16.136 1.00 14.24 ? 165 HOH A O   1 
HETATM 1230 O O   . HOH C 2 .  ? -0.188  -15.534 1.929   1.00 16.41 ? 166 HOH A O   1 
HETATM 1231 O O   . HOH C 2 .  ? -3.989  -14.766 0.024   1.00 21.16 ? 167 HOH A O   1 
HETATM 1232 O O   . HOH C 2 .  ? 10.539  10.178  -18.594 1.00 22.07 ? 168 HOH A O   1 
HETATM 1233 O O   . HOH C 2 .  ? 2.896   -13.099 -4.729  1.00 16.46 ? 169 HOH A O   1 
HETATM 1234 O O   . HOH C 2 .  ? 3.750   -7.027  13.750  1.00 20.60 ? 170 HOH A O   1 
HETATM 1235 O O   . HOH C 2 .  ? 9.577   -13.484 3.022   1.00 31.76 ? 171 HOH A O   1 
HETATM 1236 O O   . HOH C 2 .  ? 4.162   9.389   -9.311  1.00 19.18 ? 172 HOH A O   1 
HETATM 1237 O O   . HOH C 2 .  ? 5.420   15.105  3.149   1.00 22.56 ? 173 HOH A O   1 
HETATM 1238 O O   . HOH C 2 .  ? 5.853   6.177   -13.079 1.00 22.52 ? 174 HOH A O   1 
HETATM 1239 O O   . HOH C 2 .  ? 7.649   10.038  -14.787 1.00 28.25 ? 175 HOH A O   1 
HETATM 1240 O O   . HOH C 2 .  ? -2.343  -13.818 5.477   1.00 22.75 ? 176 HOH A O   1 
HETATM 1241 O O   . HOH C 2 .  ? 11.121  4.800   -2.786  1.00 24.97 ? 177 HOH A O   1 
HETATM 1242 O O   . HOH C 2 .  ? 7.571   12.246  -4.474  1.00 22.13 ? 178 HOH A O   1 
HETATM 1243 O O   . HOH C 2 .  ? 12.264  3.882   -0.729  1.00 29.78 ? 179 HOH A O   1 
HETATM 1244 O O   . HOH C 2 .  ? 10.325  -10.195 0.849   1.00 28.06 ? 180 HOH A O   1 
HETATM 1245 O O   . HOH C 2 .  ? -2.172  0.937   17.558  1.00 24.35 ? 181 HOH A O   1 
HETATM 1246 O O   . HOH C 2 .  ? 4.933   2.741   -12.981 1.00 28.58 ? 182 HOH A O   1 
HETATM 1247 O O   . HOH C 2 .  ? 9.908   4.832   17.391  1.00 21.63 ? 183 HOH A O   1 
HETATM 1248 O O   . HOH C 2 .  ? 14.221  -5.900  -11.427 1.00 25.65 ? 184 HOH A O   1 
HETATM 1249 O O   . HOH C 2 .  ? 9.612   -7.791  0.418   1.00 32.19 ? 185 HOH A O   1 
HETATM 1250 O O   . HOH C 2 .  ? 11.146  -7.588  -1.676  1.00 61.28 ? 186 HOH A O   1 
HETATM 1251 O O   . HOH C 2 .  ? 12.529  -5.659  -20.466 1.00 26.76 ? 187 HOH A O   1 
HETATM 1252 O O   . HOH C 2 .  ? 0.034   -6.679  -17.669 1.00 42.93 ? 188 HOH A O   1 
HETATM 1253 O O   . HOH C 2 .  ? 2.891   -4.401  15.917  1.00 24.10 ? 189 HOH A O   1 
HETATM 1254 O O   . HOH C 2 .  ? -4.236  -2.556  -16.630 1.00 29.99 ? 190 HOH A O   1 
HETATM 1255 O O   . HOH C 2 .  ? 11.204  8.674   -20.919 1.00 27.43 ? 191 HOH A O   1 
HETATM 1256 O O   . HOH C 2 .  ? 2.150   -8.296  -17.064 1.00 24.48 ? 192 HOH A O   1 
HETATM 1257 O O   . HOH C 2 .  ? 6.878   16.682  1.581   1.00 24.98 ? 193 HOH A O   1 
HETATM 1258 O O   . HOH C 2 .  ? 15.607  -3.051  -12.746 1.00 30.58 ? 194 HOH A O   1 
HETATM 1259 O O   . HOH C 2 .  ? 11.216  7.368   11.024  1.00 27.22 ? 195 HOH A O   1 
HETATM 1260 O O   . HOH C 2 .  ? 11.905  7.299   -3.232  1.00 27.82 ? 196 HOH A O   1 
HETATM 1261 O O   . HOH C 2 .  ? 2.715   -15.858 15.648  1.00 25.89 ? 197 HOH A O   1 
HETATM 1262 O O   . HOH C 2 .  ? 9.509   -0.381  8.514   1.00 23.40 ? 198 HOH A O   1 
HETATM 1263 O O   . HOH C 2 .  ? 10.372  11.035  -12.992 1.00 27.78 ? 199 HOH A O   1 
HETATM 1264 O O   . HOH C 2 .  ? -1.360  -14.255 7.934   1.00 28.61 ? 200 HOH A O   1 
HETATM 1265 O O   . HOH C 2 .  ? 13.380  1.632   -0.446  1.00 33.18 ? 201 HOH A O   1 
HETATM 1266 O O   . HOH C 2 .  ? 5.851   -8.550  14.088  1.00 32.97 ? 202 HOH A O   1 
HETATM 1267 O O   . HOH C 2 .  ? 3.484   -17.330 11.547  1.00 28.02 ? 203 HOH A O   1 
HETATM 1268 O O   . HOH C 2 .  ? 11.217  0.955   2.095   1.00 37.08 ? 204 HOH A O   1 
HETATM 1269 O O   . HOH C 2 .  ? -0.894  -17.629 -1.637  1.00 27.14 ? 205 HOH A O   1 
HETATM 1270 O O   . HOH C 2 .  ? 0.523   -18.760 12.547  1.00 27.52 ? 206 HOH A O   1 
HETATM 1271 O O   . HOH C 2 .  ? 8.629   -9.404  7.263   1.00 41.90 ? 207 HOH A O   1 
HETATM 1272 O O   . HOH C 2 .  ? 14.283  3.756   -8.607  1.00 29.26 ? 208 HOH A O   1 
HETATM 1273 O O   . HOH C 2 .  ? 8.101   4.532   19.468  1.00 25.16 ? 209 HOH A O   1 
HETATM 1274 O O   . HOH C 2 .  ? 8.002   15.963  -0.861  1.00 27.17 ? 210 HOH A O   1 
HETATM 1275 O O   . HOH C 2 .  ? 10.065  -1.040  -17.093 1.00 29.05 ? 211 HOH A O   1 
HETATM 1276 O O   . HOH C 2 .  ? 15.894  -4.401  -9.047  1.00 32.10 ? 212 HOH A O   1 
HETATM 1277 O O   . HOH C 2 .  ? 12.095  5.420   4.969   1.00 36.46 ? 213 HOH A O   1 
HETATM 1278 O O   . HOH C 2 .  ? 10.082  2.856   -19.485 1.00 33.79 ? 214 HOH A O   1 
HETATM 1279 O O   . HOH C 2 .  ? 4.205   -15.579 13.289  1.00 30.39 ? 215 HOH A O   1 
HETATM 1280 O O   . HOH C 2 .  ? 1.966   -9.873  18.064  1.00 32.97 ? 216 HOH A O   1 
HETATM 1281 O O   . HOH C 2 .  ? 12.284  11.468  -2.138  1.00 31.22 ? 217 HOH A O   1 
HETATM 1282 O O   . HOH C 2 .  ? 14.831  -4.119  -20.079 1.00 25.59 ? 218 HOH A O   1 
HETATM 1283 O O   . HOH C 2 .  ? 2.592   -17.840 -0.672  1.00 31.03 ? 219 HOH A O   1 
HETATM 1284 O O   . HOH C 2 .  ? 16.137  1.976   -6.517  1.00 31.49 ? 220 HOH A O   1 
HETATM 1285 O O   . HOH C 2 .  ? 9.611   1.917   7.058   1.00 25.41 ? 221 HOH A O   1 
HETATM 1286 O O   . HOH C 2 .  ? 4.368   8.539   -12.406 1.00 30.04 ? 222 HOH A O   1 
HETATM 1287 O O   . HOH C 2 .  ? 12.067  9.472   0.735   1.00 36.66 ? 223 HOH A O   1 
HETATM 1288 O O   . HOH C 2 .  ? 15.799  -0.771  -17.726 1.00 26.63 ? 224 HOH A O   1 
HETATM 1289 O O   . HOH C 2 .  ? 5.544   -20.333 8.385   1.00 33.61 ? 225 HOH A O   1 
HETATM 1290 O O   . HOH C 2 .  ? 8.877   -8.028  9.549   1.00 29.88 ? 226 HOH A O   1 
HETATM 1291 O O   . HOH C 2 .  ? 7.447   -13.346 13.242  1.00 28.86 ? 227 HOH A O   1 
HETATM 1292 O O   . HOH C 2 .  ? 11.338  4.664   13.703  1.00 27.68 ? 228 HOH A O   1 
HETATM 1293 O O   . HOH C 2 .  ? 8.988   15.090  5.273   1.00 39.37 ? 229 HOH A O   1 
HETATM 1294 O O   . HOH C 2 .  ? 12.534  5.751   7.452   1.00 36.19 ? 230 HOH A O   1 
HETATM 1295 O O   . HOH C 2 .  ? 16.275  -1.994  -9.799  1.00 31.81 ? 231 HOH A O   1 
HETATM 1296 O O   . HOH C 2 .  ? 11.195  -2.092  -19.214 1.00 25.71 ? 232 HOH A O   1 
HETATM 1297 O O   . HOH C 2 .  ? 15.352  5.998   -15.599 1.00 47.01 ? 233 HOH A O   1 
HETATM 1298 O O   . HOH C 2 .  ? 8.472   -10.883 9.867   1.00 33.89 ? 234 HOH A O   1 
HETATM 1299 O O   . HOH C 2 .  ? 12.768  -12.662 -6.046  1.00 51.30 ? 235 HOH A O   1 
HETATM 1300 O O   . HOH D 2 .  ? -4.881  -3.232  1.107   1.00 9.68  ? 136 HOH B O   1 
HETATM 1301 O O   . HOH D 2 .  ? -15.023 -1.878  2.238   1.00 60.64 ? 137 HOH B O   1 
HETATM 1302 O O   . HOH D 2 .  ? -7.208  -10.410 0.623   1.00 12.54 ? 138 HOH B O   1 
HETATM 1303 O O   . HOH D 2 .  ? -12.033 -12.468 -7.155  1.00 12.60 ? 139 HOH B O   1 
HETATM 1304 O O   . HOH D 2 .  ? -5.851  12.841  12.058  1.00 13.15 ? 140 HOH B O   1 
HETATM 1305 O O   . HOH D 2 .  ? -9.445  -12.506 -6.763  1.00 14.33 ? 141 HOH B O   1 
HETATM 1306 O O   . HOH D 2 .  ? -17.020 -5.116  -4.063  1.00 15.37 ? 142 HOH B O   1 
HETATM 1307 O O   . HOH D 2 .  ? -6.263  -7.458  11.489  1.00 15.50 ? 143 HOH B O   1 
HETATM 1308 O O   . HOH D 2 .  ? -6.003  -12.845 -0.265  1.00 17.51 ? 144 HOH B O   1 
HETATM 1309 O O   . HOH D 2 .  ? -14.810 -7.693  3.047   1.00 18.16 ? 145 HOH B O   1 
HETATM 1310 O O   . HOH D 2 .  ? -9.991  4.924   -5.908  1.00 15.49 ? 146 HOH B O   1 
HETATM 1311 O O   . HOH D 2 .  ? 5.943   15.607  5.805   1.00 21.93 ? 147 HOH B O   1 
HETATM 1312 O O   . HOH D 2 .  ? -7.094  6.784   12.907  1.00 18.77 ? 148 HOH B O   1 
HETATM 1313 O O   . HOH D 2 .  ? -4.636  6.701   -13.980 1.00 18.37 ? 149 HOH B O   1 
HETATM 1314 O O   . HOH D 2 .  ? -11.312 -10.128 8.049   1.00 20.38 ? 150 HOH B O   1 
HETATM 1315 O O   . HOH D 2 .  ? -8.246  -15.637 -2.965  1.00 17.83 ? 151 HOH B O   1 
HETATM 1316 O O   . HOH D 2 .  ? 1.574   22.177  -11.565 1.00 17.38 ? 152 HOH B O   1 
HETATM 1317 O O   . HOH D 2 .  ? -9.410  5.614   -8.589  1.00 17.81 ? 153 HOH B O   1 
HETATM 1318 O O   . HOH D 2 .  ? -15.815 0.873   -7.667  1.00 17.66 ? 154 HOH B O   1 
HETATM 1319 O O   . HOH D 2 .  ? -12.456 5.888   3.599   1.00 16.05 ? 155 HOH B O   1 
HETATM 1320 O O   . HOH D 2 .  ? -16.061 -3.810  3.918   1.00 20.31 ? 156 HOH B O   1 
HETATM 1321 O O   . HOH D 2 .  ? -12.844 -8.229  4.942   1.00 17.96 ? 157 HOH B O   1 
HETATM 1322 O O   . HOH D 2 .  ? -4.648  13.899  -13.768 1.00 21.45 ? 158 HOH B O   1 
HETATM 1323 O O   . HOH D 2 .  ? -18.761 -11.094 -2.959  1.00 21.25 ? 159 HOH B O   1 
HETATM 1324 O O   . HOH D 2 .  ? -8.982  3.540   1.506   1.00 13.90 ? 160 HOH B O   1 
HETATM 1325 O O   . HOH D 2 .  ? -14.827 -9.714  -11.365 1.00 35.71 ? 161 HOH B O   1 
HETATM 1326 O O   . HOH D 2 .  ? -15.553 15.746  1.427   1.00 23.91 ? 162 HOH B O   1 
HETATM 1327 O O   . HOH D 2 .  ? -12.041 0.689   3.589   1.00 18.91 ? 163 HOH B O   1 
HETATM 1328 O O   . HOH D 2 .  ? 0.719   23.308  -9.172  1.00 27.11 ? 164 HOH B O   1 
HETATM 1329 O O   . HOH D 2 .  ? -7.397  17.596  -13.263 1.00 36.31 ? 165 HOH B O   1 
HETATM 1330 O O   . HOH D 2 .  ? -16.123 -7.688  -4.249  1.00 18.67 ? 166 HOH B O   1 
HETATM 1331 O O   . HOH D 2 .  ? -0.596  16.507  1.373   1.00 25.35 ? 167 HOH B O   1 
HETATM 1332 O O   . HOH D 2 .  ? -7.748  16.627  3.757   1.00 27.41 ? 168 HOH B O   1 
HETATM 1333 O O   . HOH D 2 .  ? -10.788 -3.099  5.575   1.00 20.93 ? 169 HOH B O   1 
HETATM 1334 O O   . HOH D 2 .  ? -2.208  15.285  -1.582  1.00 21.34 ? 170 HOH B O   1 
HETATM 1335 O O   . HOH D 2 .  ? -9.226  -14.828 3.516   1.00 21.73 ? 171 HOH B O   1 
HETATM 1336 O O   . HOH D 2 .  ? -15.243 -1.139  3.978   1.00 18.05 ? 172 HOH B O   1 
HETATM 1337 O O   . HOH D 2 .  ? -18.759 0.491   -2.151  1.00 19.14 ? 173 HOH B O   1 
HETATM 1338 O O   . HOH D 2 .  ? -9.577  1.986   3.857   1.00 21.00 ? 174 HOH B O   1 
HETATM 1339 O O   . HOH D 2 .  ? -15.141 -16.405 5.754   1.00 26.56 ? 175 HOH B O   1 
HETATM 1340 O O   . HOH D 2 .  ? -9.884  14.695  2.039   1.00 23.20 ? 176 HOH B O   1 
HETATM 1341 O O   . HOH D 2 .  ? -7.802  11.500  10.561  1.00 22.12 ? 177 HOH B O   1 
HETATM 1342 O O   . HOH D 2 .  ? -5.190  15.442  -5.436  1.00 23.47 ? 178 HOH B O   1 
HETATM 1343 O O   . HOH D 2 .  ? -7.475  -18.007 -3.510  1.00 21.00 ? 179 HOH B O   1 
HETATM 1344 O O   . HOH D 2 .  ? -12.364 -5.659  6.089   1.00 20.72 ? 180 HOH B O   1 
HETATM 1345 O O   . HOH D 2 .  ? -10.695 3.856   -10.206 1.00 33.23 ? 181 HOH B O   1 
HETATM 1346 O O   . HOH D 2 .  ? -8.631  4.642   12.447  1.00 25.84 ? 182 HOH B O   1 
HETATM 1347 O O   . HOH D 2 .  ? 6.674   14.131  -2.433  1.00 24.97 ? 183 HOH B O   1 
HETATM 1348 O O   . HOH D 2 .  ? -2.345  14.365  -12.358 1.00 21.39 ? 184 HOH B O   1 
HETATM 1349 O O   . HOH D 2 .  ? -5.636  -5.450  16.032  1.00 25.44 ? 185 HOH B O   1 
HETATM 1350 O O   . HOH D 2 .  ? -18.126 -14.937 -2.555  1.00 29.75 ? 186 HOH B O   1 
HETATM 1351 O O   . HOH D 2 .  ? -6.991  -13.537 2.330   1.00 25.74 ? 187 HOH B O   1 
HETATM 1352 O O   . HOH D 2 .  ? -7.404  -13.518 8.717   1.00 25.96 ? 188 HOH B O   1 
HETATM 1353 O O   . HOH D 2 .  ? -0.573  7.581   -11.883 1.00 20.85 ? 189 HOH B O   1 
HETATM 1354 O O   . HOH D 2 .  ? 3.357   12.477  -9.142  1.00 26.10 ? 190 HOH B O   1 
HETATM 1355 O O   . HOH D 2 .  ? -16.055 -5.719  -10.454 1.00 26.76 ? 191 HOH B O   1 
HETATM 1356 O O   . HOH D 2 .  ? -0.177  17.276  -0.954  1.00 32.43 ? 192 HOH B O   1 
HETATM 1357 O O   . HOH D 2 .  ? -2.644  -1.694  16.206  1.00 27.55 ? 193 HOH B O   1 
HETATM 1358 O O   . HOH D 2 .  ? -12.294 -16.686 5.436   1.00 23.26 ? 194 HOH B O   1 
HETATM 1359 O O   . HOH D 2 .  ? -8.481  10.770  -9.330  1.00 29.77 ? 195 HOH B O   1 
HETATM 1360 O O   . HOH D 2 .  ? -4.504  16.070  -2.945  1.00 26.20 ? 196 HOH B O   1 
HETATM 1361 O O   . HOH D 2 .  ? -8.409  -13.956 -13.323 1.00 26.59 ? 197 HOH B O   1 
HETATM 1362 O O   . HOH D 2 .  ? -12.032 -18.042 -1.712  1.00 25.91 ? 198 HOH B O   1 
HETATM 1363 O O   . HOH D 2 .  ? -12.068 9.827   6.822   1.00 29.41 ? 199 HOH B O   1 
HETATM 1364 O O   . HOH D 2 .  ? -9.777  -9.238  -11.045 1.00 22.29 ? 200 HOH B O   1 
HETATM 1365 O O   . HOH D 2 .  ? 2.879   15.470  2.319   1.00 20.32 ? 201 HOH B O   1 
HETATM 1366 O O   . HOH D 2 .  ? -8.732  6.133   3.079   1.00 26.57 ? 202 HOH B O   1 
HETATM 1367 O O   . HOH D 2 .  ? -16.053 -0.022  -10.375 1.00 28.86 ? 203 HOH B O   1 
HETATM 1368 O O   . HOH D 2 .  ? -5.137  -18.798 -2.136  1.00 30.56 ? 204 HOH B O   1 
HETATM 1369 O O   . HOH D 2 .  ? -6.425  15.425  11.908  1.00 24.05 ? 205 HOH B O   1 
HETATM 1370 O O   . HOH D 2 .  ? -7.703  12.780  -5.674  1.00 31.76 ? 206 HOH B O   1 
HETATM 1371 O O   . HOH D 2 .  ? -11.825 2.972   -6.658  1.00 28.95 ? 207 HOH B O   1 
HETATM 1372 O O   . HOH D 2 .  ? -12.512 -1.105  5.391   1.00 26.10 ? 208 HOH B O   1 
HETATM 1373 O O   . HOH D 2 .  ? -11.335 -14.805 7.616   1.00 29.54 ? 209 HOH B O   1 
HETATM 1374 O O   . HOH D 2 .  ? -13.617 9.866   -5.273  1.00 20.60 ? 210 HOH B O   1 
HETATM 1375 O O   . HOH D 2 .  ? -11.288 11.970  -0.431  1.00 21.66 ? 211 HOH B O   1 
HETATM 1376 O O   . HOH D 2 .  ? -4.375  -3.412  17.194  1.00 25.68 ? 212 HOH B O   1 
HETATM 1377 O O   . HOH D 2 .  ? -15.986 -7.137  -8.096  1.00 27.67 ? 213 HOH B O   1 
HETATM 1378 O O   . HOH D 2 .  ? -1.227  19.942  -9.244  1.00 31.59 ? 214 HOH B O   1 
HETATM 1379 O O   . HOH D 2 .  ? -9.107  13.468  -2.112  1.00 30.47 ? 215 HOH B O   1 
HETATM 1380 O O   . HOH D 2 .  ? -16.638 -17.678 0.254   1.00 34.96 ? 216 HOH B O   1 
HETATM 1381 O O   . HOH D 2 .  ? 0.460   20.752  1.378   1.00 38.16 ? 217 HOH B O   1 
HETATM 1382 O O   . HOH D 2 .  ? -10.806 -3.672  8.224   1.00 28.09 ? 218 HOH B O   1 
HETATM 1383 O O   . HOH D 2 .  ? -8.931  -11.547 -14.879 1.00 28.45 ? 219 HOH B O   1 
HETATM 1384 O O   . HOH D 2 .  ? 1.122   11.589  -10.952 1.00 26.41 ? 220 HOH B O   1 
HETATM 1385 O O   . HOH D 2 .  ? -4.070  -11.610 6.591   1.00 22.94 ? 221 HOH B O   1 
HETATM 1386 O O   . HOH D 2 .  ? -0.262  21.503  4.931   1.00 39.52 ? 222 HOH B O   1 
HETATM 1387 O O   . HOH D 2 .  ? -2.660  16.981  -12.196 1.00 30.23 ? 223 HOH B O   1 
HETATM 1388 O O   . HOH D 2 .  ? -7.037  15.092  -1.360  1.00 27.74 ? 224 HOH B O   1 
HETATM 1389 O O   . HOH D 2 .  ? -10.159 5.793   5.255   1.00 28.71 ? 225 HOH B O   1 
HETATM 1390 O O   . HOH D 2 .  ? -3.223  18.189  -9.624  1.00 30.36 ? 226 HOH B O   1 
HETATM 1391 O O   . HOH D 2 .  ? -6.940  8.216   3.995   1.00 26.87 ? 227 HOH B O   1 
HETATM 1392 O O   . HOH D 2 .  ? -1.597  -9.117  -12.488 1.00 28.00 ? 228 HOH B O   1 
HETATM 1393 O O   . HOH D 2 .  ? -4.524  18.051  5.593   1.00 41.38 ? 229 HOH B O   1 
HETATM 1394 O O   . HOH D 2 .  ? -6.446  5.168   -15.750 1.00 55.67 ? 230 HOH B O   1 
HETATM 1395 O O   . HOH D 2 .  ? 6.104   17.340  -4.225  1.00 43.89 ? 231 HOH B O   1 
HETATM 1396 O O   . HOH D 2 .  ? -7.964  8.764   10.976  1.00 27.89 ? 232 HOH B O   1 
HETATM 1397 O O   . HOH D 2 .  ? -9.861  12.819  9.277   1.00 27.53 ? 233 HOH B O   1 
HETATM 1398 O O   . HOH D 2 .  ? -1.586  19.408  -1.719  1.00 42.22 ? 234 HOH B O   1 
HETATM 1399 O O   . HOH D 2 .  ? 0.491   20.260  -3.131  1.00 34.29 ? 235 HOH B O   1 
# 
